data_1ODA
# 
_entry.id   1ODA 
# 
_audit_conform.dict_name       mmcif_pdbx.dic 
_audit_conform.dict_version    5.399 
_audit_conform.dict_location   http://mmcif.pdb.org/dictionaries/ascii/mmcif_pdbx.dic 
# 
loop_
_database_2.database_id 
_database_2.database_code 
_database_2.pdbx_database_accession 
_database_2.pdbx_DOI 
PDB   1ODA         pdb_00001oda 10.2210/pdb1oda/pdb 
PDBE  EBI-12183    ?            ?                   
WWPDB D_1290012183 ?            ?                   
# 
loop_
_pdbx_audit_revision_history.ordinal 
_pdbx_audit_revision_history.data_content_type 
_pdbx_audit_revision_history.major_revision 
_pdbx_audit_revision_history.minor_revision 
_pdbx_audit_revision_history.revision_date 
1 'Structure model' 1 0 2003-08-14 
2 'Structure model' 1 1 2011-05-08 
3 'Structure model' 1 2 2011-07-13 
4 'Structure model' 1 3 2023-12-13 
5 'Structure model' 1 4 2024-11-20 
# 
_pdbx_audit_revision_details.ordinal             1 
_pdbx_audit_revision_details.revision_ordinal    1 
_pdbx_audit_revision_details.data_content_type   'Structure model' 
_pdbx_audit_revision_details.provider            repository 
_pdbx_audit_revision_details.type                'Initial release' 
_pdbx_audit_revision_details.description         ? 
_pdbx_audit_revision_details.details             ? 
# 
loop_
_pdbx_audit_revision_group.ordinal 
_pdbx_audit_revision_group.revision_ordinal 
_pdbx_audit_revision_group.data_content_type 
_pdbx_audit_revision_group.group 
1 2 'Structure model' 'Version format compliance' 
2 3 'Structure model' 'Version format compliance' 
3 4 'Structure model' 'Data collection'           
4 4 'Structure model' 'Database references'       
5 4 'Structure model' 'Derived calculations'      
6 4 'Structure model' 'Refinement description'    
7 5 'Structure model' 'Structure summary'         
# 
loop_
_pdbx_audit_revision_category.ordinal 
_pdbx_audit_revision_category.revision_ordinal 
_pdbx_audit_revision_category.data_content_type 
_pdbx_audit_revision_category.category 
1 4 'Structure model' chem_comp_atom                
2 4 'Structure model' chem_comp_bond                
3 4 'Structure model' database_2                    
4 4 'Structure model' pdbx_initial_refinement_model 
5 4 'Structure model' struct_site                   
6 5 'Structure model' pdbx_entry_details            
7 5 'Structure model' pdbx_modification_feature     
# 
loop_
_pdbx_audit_revision_item.ordinal 
_pdbx_audit_revision_item.revision_ordinal 
_pdbx_audit_revision_item.data_content_type 
_pdbx_audit_revision_item.item 
1 4 'Structure model' '_database_2.pdbx_DOI'                         
2 4 'Structure model' '_database_2.pdbx_database_accession'          
3 4 'Structure model' '_struct_site.pdbx_auth_asym_id'               
4 4 'Structure model' '_struct_site.pdbx_auth_comp_id'               
5 4 'Structure model' '_struct_site.pdbx_auth_seq_id'                
6 5 'Structure model' '_pdbx_entry_details.has_protein_modification' 
# 
_pdbx_database_status.status_code                     REL 
_pdbx_database_status.entry_id                        1ODA 
_pdbx_database_status.deposit_site                    PDBE 
_pdbx_database_status.process_site                    PDBE 
_pdbx_database_status.SG_entry                        . 
_pdbx_database_status.recvd_initial_deposition_date   2003-02-14 
_pdbx_database_status.pdb_format_compatible           Y 
_pdbx_database_status.status_code_sf                  ? 
_pdbx_database_status.status_code_mr                  ? 
_pdbx_database_status.status_code_cs                  ? 
_pdbx_database_status.methods_development_category    ? 
_pdbx_database_status.status_code_nmr_data            ? 
# 
loop_
_pdbx_database_related.db_name 
_pdbx_database_related.db_id 
_pdbx_database_related.content_type 
_pdbx_database_related.details 
PDB 1OD7 unspecified 
'N-TERMINAL OF SIALOADHESIN IN COMPLEX WITH ME-A-9-N-(NAPHTHYL-2-CARBONYL)-AMINO-9- DEOXY-NEU5AC (NAP COMPOUND)' 
PDB 1OD9 unspecified 'N-TERMINAL OF SIALOADHESIN IN COMPLEX WITH ME-A-9-N-BENZOYL-AMINO-9-DEOXY-NEU5AC ( BENZ COMPOUND)' 
PDB 1QFO unspecified 
;N-TERMINAL DOMAIN OF SIALOADHESIN (MOUSE) IN COMPLEX WITH 3'SIALYLLACTOSE
;
PDB 1QFP unspecified 'N-TERMINAL DOMAIN OF SIALOADHESIN (MOUSE)' 
# 
loop_
_audit_author.name 
_audit_author.pdbx_ordinal 
'Zaccai, N.R.'  1 
'Maenaka, K.'   2 
'Maenaka, T.'   3 
'Crocker, P.R.' 4 
'Brossmer, R.'  5 
'Kelm, S.'      6 
'Jones, E.Y.'   7 
# 
_citation.id                        primary 
_citation.title                     
'Structure Guided Design of Sialic Acid-Based Siglec Inhibitors and Crystallographic Analysis in Complex with Sialoadhesin' 
_citation.journal_abbrev            Structure 
_citation.journal_volume            11 
_citation.page_first                557 
_citation.page_last                 ? 
_citation.year                      2003 
_citation.journal_id_ASTM           STRUE6 
_citation.country                   UK 
_citation.journal_id_ISSN           0969-2126 
_citation.journal_id_CSD            2005 
_citation.book_publisher            ? 
_citation.pdbx_database_id_PubMed   12737821 
_citation.pdbx_database_id_DOI      '10.1016/S0969-2126(03)00073-X' 
# 
loop_
_citation_author.citation_id 
_citation_author.name 
_citation_author.ordinal 
_citation_author.identifier_ORCID 
primary 'Zaccai, N.R.'  1 ? 
primary 'Maenaka, K.'   2 ? 
primary 'Maenaka, T.'   3 ? 
primary 'Crocker, P.R.' 4 ? 
primary 'Brossmer, R.'  5 ? 
primary 'Kelm, S.'      6 ? 
primary 'Jones, E.Y.'   7 ? 
# 
loop_
_entity.id 
_entity.type 
_entity.src_method 
_entity.pdbx_description 
_entity.formula_weight 
_entity.pdbx_number_of_molecules 
_entity.pdbx_ec 
_entity.pdbx_mutation 
_entity.pdbx_fragment 
_entity.details 
1 polymer     man SIALOADHESIN                                          13319.107 1 ? ? 
'DOMAIN ONE, IG-LIKE V-TYPE DOMAIN, RESIDUES 20-138' 
'BOUND TO ME-A-9-N-(BIPHENYL-4-CARBONYL)-AMINO-9-DEOXY-NEU5AC, COORDINATE SYSTEM ORIGX ORIGX MATRIX (M) ORIGX VECTOR (V)' 
2 non-polymer syn 'ME-A-9-N-(BIPHENYL-4-CARBONYL)-AMINO-9-DEOXY-NEU5AC' 502.514   1 ? ? ? ? 
# 
_entity_name_com.entity_id   1 
_entity_name_com.name        'SND1, SIALIC ACID BINDING IG-LIKE LECTIN-1, SIGLEC-1' 
# 
_entity_poly.entity_id                      1 
_entity_poly.type                           'polypeptide(L)' 
_entity_poly.nstd_linkage                   no 
_entity_poly.nstd_monomer                   no 
_entity_poly.pdbx_seq_one_letter_code       
;TWGVSSPKNVQGLSGSCLLIPCIFSYPADVPVSNGITAIWYYDYSGKRQVVIHSGDPKLVDKRFRGRAELMGNMDHKVCN
LLLKDLKPEDSGTYNFRFEISDSNRWLDVKGTTVTVTTD
;
_entity_poly.pdbx_seq_one_letter_code_can   
;TWGVSSPKNVQGLSGSCLLIPCIFSYPADVPVSNGITAIWYYDYSGKRQVVIHSGDPKLVDKRFRGRAELMGNMDHKVCN
LLLKDLKPEDSGTYNFRFEISDSNRWLDVKGTTVTVTTD
;
_entity_poly.pdbx_strand_id                 A 
_entity_poly.pdbx_target_identifier         ? 
# 
_pdbx_entity_nonpoly.entity_id   2 
_pdbx_entity_nonpoly.name        'ME-A-9-N-(BIPHENYL-4-CARBONYL)-AMINO-9-DEOXY-NEU5AC' 
_pdbx_entity_nonpoly.comp_id     BDU 
# 
loop_
_entity_poly_seq.entity_id 
_entity_poly_seq.num 
_entity_poly_seq.mon_id 
_entity_poly_seq.hetero 
1 1   THR n 
1 2   TRP n 
1 3   GLY n 
1 4   VAL n 
1 5   SER n 
1 6   SER n 
1 7   PRO n 
1 8   LYS n 
1 9   ASN n 
1 10  VAL n 
1 11  GLN n 
1 12  GLY n 
1 13  LEU n 
1 14  SER n 
1 15  GLY n 
1 16  SER n 
1 17  CYS n 
1 18  LEU n 
1 19  LEU n 
1 20  ILE n 
1 21  PRO n 
1 22  CYS n 
1 23  ILE n 
1 24  PHE n 
1 25  SER n 
1 26  TYR n 
1 27  PRO n 
1 28  ALA n 
1 29  ASP n 
1 30  VAL n 
1 31  PRO n 
1 32  VAL n 
1 33  SER n 
1 34  ASN n 
1 35  GLY n 
1 36  ILE n 
1 37  THR n 
1 38  ALA n 
1 39  ILE n 
1 40  TRP n 
1 41  TYR n 
1 42  TYR n 
1 43  ASP n 
1 44  TYR n 
1 45  SER n 
1 46  GLY n 
1 47  LYS n 
1 48  ARG n 
1 49  GLN n 
1 50  VAL n 
1 51  VAL n 
1 52  ILE n 
1 53  HIS n 
1 54  SER n 
1 55  GLY n 
1 56  ASP n 
1 57  PRO n 
1 58  LYS n 
1 59  LEU n 
1 60  VAL n 
1 61  ASP n 
1 62  LYS n 
1 63  ARG n 
1 64  PHE n 
1 65  ARG n 
1 66  GLY n 
1 67  ARG n 
1 68  ALA n 
1 69  GLU n 
1 70  LEU n 
1 71  MET n 
1 72  GLY n 
1 73  ASN n 
1 74  MET n 
1 75  ASP n 
1 76  HIS n 
1 77  LYS n 
1 78  VAL n 
1 79  CYS n 
1 80  ASN n 
1 81  LEU n 
1 82  LEU n 
1 83  LEU n 
1 84  LYS n 
1 85  ASP n 
1 86  LEU n 
1 87  LYS n 
1 88  PRO n 
1 89  GLU n 
1 90  ASP n 
1 91  SER n 
1 92  GLY n 
1 93  THR n 
1 94  TYR n 
1 95  ASN n 
1 96  PHE n 
1 97  ARG n 
1 98  PHE n 
1 99  GLU n 
1 100 ILE n 
1 101 SER n 
1 102 ASP n 
1 103 SER n 
1 104 ASN n 
1 105 ARG n 
1 106 TRP n 
1 107 LEU n 
1 108 ASP n 
1 109 VAL n 
1 110 LYS n 
1 111 GLY n 
1 112 THR n 
1 113 THR n 
1 114 VAL n 
1 115 THR n 
1 116 VAL n 
1 117 THR n 
1 118 THR n 
1 119 ASP n 
# 
_entity_src_gen.entity_id                          1 
_entity_src_gen.pdbx_src_id                        1 
_entity_src_gen.pdbx_alt_source_flag               sample 
_entity_src_gen.pdbx_seq_type                      ? 
_entity_src_gen.pdbx_beg_seq_num                   ? 
_entity_src_gen.pdbx_end_seq_num                   ? 
_entity_src_gen.gene_src_common_name               MOUSE 
_entity_src_gen.gene_src_genus                     ? 
_entity_src_gen.pdbx_gene_src_gene                 ? 
_entity_src_gen.gene_src_species                   ? 
_entity_src_gen.gene_src_strain                    ? 
_entity_src_gen.gene_src_tissue                    ? 
_entity_src_gen.gene_src_tissue_fraction           ? 
_entity_src_gen.gene_src_details                   ? 
_entity_src_gen.pdbx_gene_src_fragment             ? 
_entity_src_gen.pdbx_gene_src_scientific_name      'MUS MUSCULUS' 
_entity_src_gen.pdbx_gene_src_ncbi_taxonomy_id     10090 
_entity_src_gen.pdbx_gene_src_variant              ? 
_entity_src_gen.pdbx_gene_src_cell_line            ? 
_entity_src_gen.pdbx_gene_src_atcc                 ? 
_entity_src_gen.pdbx_gene_src_organ                ? 
_entity_src_gen.pdbx_gene_src_organelle            ? 
_entity_src_gen.pdbx_gene_src_cell                 ? 
_entity_src_gen.pdbx_gene_src_cellular_location    ? 
_entity_src_gen.host_org_common_name               ? 
_entity_src_gen.pdbx_host_org_scientific_name      'CRICETULUS GRISEUS' 
_entity_src_gen.pdbx_host_org_ncbi_taxonomy_id     10029 
_entity_src_gen.host_org_genus                     ? 
_entity_src_gen.pdbx_host_org_gene                 ? 
_entity_src_gen.pdbx_host_org_organ                ? 
_entity_src_gen.host_org_species                   ? 
_entity_src_gen.pdbx_host_org_tissue               ? 
_entity_src_gen.pdbx_host_org_tissue_fraction      ? 
_entity_src_gen.pdbx_host_org_strain               ? 
_entity_src_gen.pdbx_host_org_variant              ? 
_entity_src_gen.pdbx_host_org_cell_line            'CHO CELL' 
_entity_src_gen.pdbx_host_org_atcc                 ? 
_entity_src_gen.pdbx_host_org_culture_collection   ? 
_entity_src_gen.pdbx_host_org_cell                 ? 
_entity_src_gen.pdbx_host_org_organelle            ? 
_entity_src_gen.pdbx_host_org_cellular_location    ? 
_entity_src_gen.pdbx_host_org_vector_type          ? 
_entity_src_gen.pdbx_host_org_vector               ? 
_entity_src_gen.host_org_details                   ? 
_entity_src_gen.expression_system_id               ? 
_entity_src_gen.plasmid_name                       PEE14 
_entity_src_gen.plasmid_details                    ? 
_entity_src_gen.pdbx_description                   'CHO CELL STABLE EXPRESSION WITH PEE14 PLASMID' 
# 
loop_
_chem_comp.id 
_chem_comp.type 
_chem_comp.mon_nstd_flag 
_chem_comp.name 
_chem_comp.pdbx_synonyms 
_chem_comp.formula 
_chem_comp.formula_weight 
ALA 'L-peptide linking' y ALANINE                                               ? 'C3 H7 N O2'     89.093  
ARG 'L-peptide linking' y ARGININE                                              ? 'C6 H15 N4 O2 1' 175.209 
ASN 'L-peptide linking' y ASPARAGINE                                            ? 'C4 H8 N2 O3'    132.118 
ASP 'L-peptide linking' y 'ASPARTIC ACID'                                       ? 'C4 H7 N O4'     133.103 
BDU non-polymer         . 'ME-A-9-N-(BIPHENYL-4-CARBONYL)-AMINO-9-DEOXY-NEU5AC' ? 'C25 H30 N2 O9'  502.514 
CYS 'L-peptide linking' y CYSTEINE                                              ? 'C3 H7 N O2 S'   121.158 
GLN 'L-peptide linking' y GLUTAMINE                                             ? 'C5 H10 N2 O3'   146.144 
GLU 'L-peptide linking' y 'GLUTAMIC ACID'                                       ? 'C5 H9 N O4'     147.129 
GLY 'peptide linking'   y GLYCINE                                               ? 'C2 H5 N O2'     75.067  
HIS 'L-peptide linking' y HISTIDINE                                             ? 'C6 H10 N3 O2 1' 156.162 
ILE 'L-peptide linking' y ISOLEUCINE                                            ? 'C6 H13 N O2'    131.173 
LEU 'L-peptide linking' y LEUCINE                                               ? 'C6 H13 N O2'    131.173 
LYS 'L-peptide linking' y LYSINE                                                ? 'C6 H15 N2 O2 1' 147.195 
MET 'L-peptide linking' y METHIONINE                                            ? 'C5 H11 N O2 S'  149.211 
PHE 'L-peptide linking' y PHENYLALANINE                                         ? 'C9 H11 N O2'    165.189 
PRO 'L-peptide linking' y PROLINE                                               ? 'C5 H9 N O2'     115.130 
SER 'L-peptide linking' y SERINE                                                ? 'C3 H7 N O3'     105.093 
THR 'L-peptide linking' y THREONINE                                             ? 'C4 H9 N O3'     119.119 
TRP 'L-peptide linking' y TRYPTOPHAN                                            ? 'C11 H12 N2 O2'  204.225 
TYR 'L-peptide linking' y TYROSINE                                              ? 'C9 H11 N O3'    181.189 
VAL 'L-peptide linking' y VALINE                                                ? 'C5 H11 N O2'    117.146 
# 
loop_
_pdbx_poly_seq_scheme.asym_id 
_pdbx_poly_seq_scheme.entity_id 
_pdbx_poly_seq_scheme.seq_id 
_pdbx_poly_seq_scheme.mon_id 
_pdbx_poly_seq_scheme.ndb_seq_num 
_pdbx_poly_seq_scheme.pdb_seq_num 
_pdbx_poly_seq_scheme.auth_seq_num 
_pdbx_poly_seq_scheme.pdb_mon_id 
_pdbx_poly_seq_scheme.auth_mon_id 
_pdbx_poly_seq_scheme.pdb_strand_id 
_pdbx_poly_seq_scheme.pdb_ins_code 
_pdbx_poly_seq_scheme.hetero 
A 1 1   THR 1   1   1   THR THR A . n 
A 1 2   TRP 2   2   2   TRP TRP A . n 
A 1 3   GLY 3   3   3   GLY GLY A . n 
A 1 4   VAL 4   4   4   VAL VAL A . n 
A 1 5   SER 5   5   5   SER SER A . n 
A 1 6   SER 6   6   6   SER SER A . n 
A 1 7   PRO 7   7   7   PRO PRO A . n 
A 1 8   LYS 8   8   8   LYS LYS A . n 
A 1 9   ASN 9   9   9   ASN ASN A . n 
A 1 10  VAL 10  10  10  VAL VAL A . n 
A 1 11  GLN 11  11  11  GLN GLN A . n 
A 1 12  GLY 12  12  12  GLY GLY A . n 
A 1 13  LEU 13  13  13  LEU LEU A . n 
A 1 14  SER 14  14  14  SER SER A . n 
A 1 15  GLY 15  15  15  GLY GLY A . n 
A 1 16  SER 16  16  16  SER SER A . n 
A 1 17  CYS 17  17  17  CYS CYS A . n 
A 1 18  LEU 18  18  18  LEU LEU A . n 
A 1 19  LEU 19  19  19  LEU LEU A . n 
A 1 20  ILE 20  20  20  ILE ILE A . n 
A 1 21  PRO 21  21  21  PRO PRO A . n 
A 1 22  CYS 22  22  22  CYS CYS A . n 
A 1 23  ILE 23  23  23  ILE ILE A . n 
A 1 24  PHE 24  24  24  PHE PHE A . n 
A 1 25  SER 25  25  25  SER SER A . n 
A 1 26  TYR 26  26  26  TYR TYR A . n 
A 1 27  PRO 27  27  27  PRO PRO A . n 
A 1 28  ALA 28  28  28  ALA ALA A . n 
A 1 29  ASP 29  29  29  ASP ASP A . n 
A 1 30  VAL 30  30  30  VAL VAL A . n 
A 1 31  PRO 31  31  31  PRO PRO A . n 
A 1 32  VAL 32  32  32  VAL VAL A . n 
A 1 33  SER 33  33  ?   ?   ?   A . n 
A 1 34  ASN 34  34  ?   ?   ?   A . n 
A 1 35  GLY 35  35  35  GLY GLY A . n 
A 1 36  ILE 36  36  36  ILE ILE A . n 
A 1 37  THR 37  37  37  THR THR A . n 
A 1 38  ALA 38  38  38  ALA ALA A . n 
A 1 39  ILE 39  39  39  ILE ILE A . n 
A 1 40  TRP 40  40  40  TRP TRP A . n 
A 1 41  TYR 41  41  41  TYR TYR A . n 
A 1 42  TYR 42  42  42  TYR TYR A . n 
A 1 43  ASP 43  43  43  ASP ASP A . n 
A 1 44  TYR 44  44  44  TYR TYR A . n 
A 1 45  SER 45  45  45  SER SER A . n 
A 1 46  GLY 46  46  46  GLY GLY A . n 
A 1 47  LYS 47  47  47  LYS LYS A . n 
A 1 48  ARG 48  48  48  ARG ARG A . n 
A 1 49  GLN 49  49  49  GLN GLN A . n 
A 1 50  VAL 50  50  50  VAL VAL A . n 
A 1 51  VAL 51  51  51  VAL VAL A . n 
A 1 52  ILE 52  52  52  ILE ILE A . n 
A 1 53  HIS 53  53  53  HIS HIS A . n 
A 1 54  SER 54  54  54  SER SER A . n 
A 1 55  GLY 55  55  55  GLY GLY A . n 
A 1 56  ASP 56  56  56  ASP ASP A . n 
A 1 57  PRO 57  57  57  PRO PRO A . n 
A 1 58  LYS 58  58  58  LYS LYS A . n 
A 1 59  LEU 59  59  59  LEU LEU A . n 
A 1 60  VAL 60  60  60  VAL VAL A . n 
A 1 61  ASP 61  61  61  ASP ASP A . n 
A 1 62  LYS 62  62  62  LYS LYS A . n 
A 1 63  ARG 63  63  63  ARG ARG A . n 
A 1 64  PHE 64  64  64  PHE PHE A . n 
A 1 65  ARG 65  65  65  ARG ARG A . n 
A 1 66  GLY 66  66  66  GLY GLY A . n 
A 1 67  ARG 67  67  67  ARG ARG A . n 
A 1 68  ALA 68  68  68  ALA ALA A . n 
A 1 69  GLU 69  69  69  GLU GLU A . n 
A 1 70  LEU 70  70  70  LEU LEU A . n 
A 1 71  MET 71  71  71  MET MET A . n 
A 1 72  GLY 72  72  72  GLY GLY A . n 
A 1 73  ASN 73  73  73  ASN ASN A . n 
A 1 74  MET 74  74  74  MET MET A . n 
A 1 75  ASP 75  75  75  ASP ASP A . n 
A 1 76  HIS 76  76  76  HIS HIS A . n 
A 1 77  LYS 77  77  77  LYS LYS A . n 
A 1 78  VAL 78  78  78  VAL VAL A . n 
A 1 79  CYS 79  79  79  CYS CYS A . n 
A 1 80  ASN 80  80  80  ASN ASN A . n 
A 1 81  LEU 81  81  81  LEU LEU A . n 
A 1 82  LEU 82  82  82  LEU LEU A . n 
A 1 83  LEU 83  83  83  LEU LEU A . n 
A 1 84  LYS 84  84  84  LYS LYS A . n 
A 1 85  ASP 85  85  85  ASP ASP A . n 
A 1 86  LEU 86  86  86  LEU LEU A . n 
A 1 87  LYS 87  87  87  LYS LYS A . n 
A 1 88  PRO 88  88  88  PRO PRO A . n 
A 1 89  GLU 89  89  89  GLU GLU A . n 
A 1 90  ASP 90  90  90  ASP ASP A . n 
A 1 91  SER 91  91  91  SER SER A . n 
A 1 92  GLY 92  92  92  GLY GLY A . n 
A 1 93  THR 93  93  93  THR THR A . n 
A 1 94  TYR 94  94  94  TYR TYR A . n 
A 1 95  ASN 95  95  95  ASN ASN A . n 
A 1 96  PHE 96  96  96  PHE PHE A . n 
A 1 97  ARG 97  97  97  ARG ARG A . n 
A 1 98  PHE 98  98  98  PHE PHE A . n 
A 1 99  GLU 99  99  99  GLU GLU A . n 
A 1 100 ILE 100 100 100 ILE ILE A . n 
A 1 101 SER 101 101 101 SER SER A . n 
A 1 102 ASP 102 102 102 ASP ASP A . n 
A 1 103 SER 103 103 103 SER SER A . n 
A 1 104 ASN 104 104 104 ASN ASN A . n 
A 1 105 ARG 105 105 105 ARG ARG A . n 
A 1 106 TRP 106 106 106 TRP TRP A . n 
A 1 107 LEU 107 107 107 LEU LEU A . n 
A 1 108 ASP 108 108 108 ASP ASP A . n 
A 1 109 VAL 109 109 109 VAL VAL A . n 
A 1 110 LYS 110 110 110 LYS LYS A . n 
A 1 111 GLY 111 111 111 GLY GLY A . n 
A 1 112 THR 112 112 112 THR THR A . n 
A 1 113 THR 113 113 113 THR THR A . n 
A 1 114 VAL 114 114 114 VAL VAL A . n 
A 1 115 THR 115 115 115 THR THR A . n 
A 1 116 VAL 116 116 116 VAL VAL A . n 
A 1 117 THR 117 117 117 THR THR A . n 
A 1 118 THR 118 118 118 THR THR A . n 
A 1 119 ASP 119 119 119 ASP ASP A . n 
# 
_pdbx_nonpoly_scheme.asym_id         B 
_pdbx_nonpoly_scheme.entity_id       2 
_pdbx_nonpoly_scheme.mon_id          BDU 
_pdbx_nonpoly_scheme.ndb_seq_num     1 
_pdbx_nonpoly_scheme.pdb_seq_num     201 
_pdbx_nonpoly_scheme.auth_seq_num    201 
_pdbx_nonpoly_scheme.pdb_mon_id      BDU 
_pdbx_nonpoly_scheme.auth_mon_id     BDU 
_pdbx_nonpoly_scheme.pdb_strand_id   A 
_pdbx_nonpoly_scheme.pdb_ins_code    . 
# 
loop_
_pdbx_unobs_or_zero_occ_atoms.id 
_pdbx_unobs_or_zero_occ_atoms.PDB_model_num 
_pdbx_unobs_or_zero_occ_atoms.polymer_flag 
_pdbx_unobs_or_zero_occ_atoms.occupancy_flag 
_pdbx_unobs_or_zero_occ_atoms.auth_asym_id 
_pdbx_unobs_or_zero_occ_atoms.auth_comp_id 
_pdbx_unobs_or_zero_occ_atoms.auth_seq_id 
_pdbx_unobs_or_zero_occ_atoms.PDB_ins_code 
_pdbx_unobs_or_zero_occ_atoms.auth_atom_id 
_pdbx_unobs_or_zero_occ_atoms.label_alt_id 
_pdbx_unobs_or_zero_occ_atoms.label_asym_id 
_pdbx_unobs_or_zero_occ_atoms.label_comp_id 
_pdbx_unobs_or_zero_occ_atoms.label_seq_id 
_pdbx_unobs_or_zero_occ_atoms.label_atom_id 
1 1 Y 1 A ASP 119 ? CA  ? A ASP 119 CA  
2 1 Y 1 A ASP 119 ? C   ? A ASP 119 C   
3 1 Y 1 A ASP 119 ? O   ? A ASP 119 O   
4 1 Y 1 A ASP 119 ? CB  ? A ASP 119 CB  
5 1 Y 1 A ASP 119 ? CG  ? A ASP 119 CG  
6 1 Y 1 A ASP 119 ? OD1 ? A ASP 119 OD1 
7 1 Y 1 A ASP 119 ? OD2 ? A ASP 119 OD2 
8 1 N 1 A BDU 201 ? CO2 ? B BDU 1   CO2 
# 
loop_
_software.name 
_software.classification 
_software.version 
_software.citation_id 
_software.pdbx_ordinal 
CNS       refinement       1.0 ? 1 
DENZO     'data reduction' .   ? 2 
SCALEPACK 'data scaling'   .   ? 3 
AMoRE     phasing          .   ? 4 
# 
_cell.entry_id           1ODA 
_cell.length_a           66.610 
_cell.length_b           66.610 
_cell.length_c           66.947 
_cell.angle_alpha        90.00 
_cell.angle_beta         90.00 
_cell.angle_gamma        90.00 
_cell.Z_PDB              8 
_cell.pdbx_unique_axis   ? 
# 
_symmetry.entry_id                         1ODA 
_symmetry.space_group_name_H-M             'P 43 21 2' 
_symmetry.pdbx_full_space_group_name_H-M   ? 
_symmetry.cell_setting                     ? 
_symmetry.Int_Tables_number                96 
# 
_exptl.entry_id          1ODA 
_exptl.method            'X-RAY DIFFRACTION' 
_exptl.crystals_number   1 
# 
_exptl_crystal.id                    1 
_exptl_crystal.density_meas          ? 
_exptl_crystal.density_Matthews      2.54 
_exptl_crystal.density_percent_sol   52.0 
_exptl_crystal.description           ? 
# 
_exptl_crystal_grow.crystal_id      1 
_exptl_crystal_grow.method          ? 
_exptl_crystal_grow.temp            ? 
_exptl_crystal_grow.temp_details    ? 
_exptl_crystal_grow.pH              5.60 
_exptl_crystal_grow.pdbx_pH_range   ? 
_exptl_crystal_grow.pdbx_details    
'ONE + ONE DROP WITH 30 % (W/V) PEG 4000, 10 MM DTT, 0.2M AMMONIUM ACETATE, 0.1M SODIUM CITRATE PH 5.6,2.5MM BIP COMPOUND' 
# 
_diffrn.id                     1 
_diffrn.ambient_temp           110.0 
_diffrn.ambient_temp_details   ? 
_diffrn.crystal_id             1 
# 
_diffrn_detector.diffrn_id              1 
_diffrn_detector.detector               CCD 
_diffrn_detector.type                   MARRESEARCH 
_diffrn_detector.pdbx_collection_date   ? 
_diffrn_detector.details                ? 
# 
_diffrn_radiation.diffrn_id                        1 
_diffrn_radiation.wavelength_id                    1 
_diffrn_radiation.pdbx_monochromatic_or_laue_m_l   M 
_diffrn_radiation.monochromator                    ? 
_diffrn_radiation.pdbx_diffrn_protocol             'SINGLE WAVELENGTH' 
_diffrn_radiation.pdbx_scattering_type             x-ray 
# 
_diffrn_radiation_wavelength.id           1 
_diffrn_radiation_wavelength.wavelength   0.93 
_diffrn_radiation_wavelength.wt           1.0 
# 
_diffrn_source.diffrn_id                   1 
_diffrn_source.source                      SYNCHROTRON 
_diffrn_source.type                        'SRS BEAMLINE PX14.2' 
_diffrn_source.pdbx_synchrotron_site       SRS 
_diffrn_source.pdbx_synchrotron_beamline   PX14.2 
_diffrn_source.pdbx_wavelength             0.93 
_diffrn_source.pdbx_wavelength_list        ? 
# 
_reflns.pdbx_diffrn_id               1 
_reflns.pdbx_ordinal                 1 
_reflns.entry_id                     1ODA 
_reflns.observed_criterion_sigma_I   0.000 
_reflns.observed_criterion_sigma_F   ? 
_reflns.d_resolution_low             20.000 
_reflns.d_resolution_high            3.300 
_reflns.number_obs                   2271 
_reflns.number_all                   ? 
_reflns.percent_possible_obs         89.7 
_reflns.pdbx_Rmerge_I_obs            0.19200 
_reflns.pdbx_Rsym_value              ? 
_reflns.pdbx_netI_over_sigmaI        9.2000 
_reflns.B_iso_Wilson_estimate        ? 
_reflns.pdbx_redundancy              5.500 
# 
_reflns_shell.pdbx_diffrn_id         1 
_reflns_shell.pdbx_ordinal           1 
_reflns_shell.d_res_high             3.30 
_reflns_shell.d_res_low              3.42 
_reflns_shell.percent_possible_all   18.1 
_reflns_shell.Rmerge_I_obs           0.32000 
_reflns_shell.pdbx_Rsym_value        ? 
_reflns_shell.meanI_over_sigI_obs    1.800 
_reflns_shell.pdbx_redundancy        ? 
# 
_refine.pdbx_refine_id                           'X-RAY DIFFRACTION' 
_refine.entry_id                                 1ODA 
_refine.pdbx_diffrn_id                           1 
_refine.pdbx_TLS_residual_ADP_flag               ? 
_refine.ls_number_reflns_obs                     2154 
_refine.ls_number_reflns_all                     ? 
_refine.pdbx_ls_sigma_I                          ? 
_refine.pdbx_ls_sigma_F                          0.0 
_refine.pdbx_data_cutoff_high_absF               469449.12 
_refine.pdbx_data_cutoff_low_absF                0.000000 
_refine.pdbx_data_cutoff_high_rms_absF           ? 
_refine.ls_d_res_low                             19.26 
_refine.ls_d_res_high                            3.31 
_refine.ls_percent_reflns_obs                    87.0 
_refine.ls_R_factor_obs                          0.217 
_refine.ls_R_factor_all                          ? 
_refine.ls_R_factor_R_work                       0.217 
_refine.ls_R_factor_R_free                       0.284 
_refine.ls_R_factor_R_free_error                 0.020 
_refine.ls_R_factor_R_free_error_details         ? 
_refine.ls_percent_reflns_R_free                 9.1 
_refine.ls_number_reflns_R_free                  195 
_refine.ls_number_parameters                     ? 
_refine.ls_number_restraints                     ? 
_refine.occupancy_min                            ? 
_refine.occupancy_max                            ? 
_refine.correlation_coeff_Fo_to_Fc               ? 
_refine.correlation_coeff_Fo_to_Fc_free          ? 
_refine.B_iso_mean                               35.1 
_refine.aniso_B[1][1]                            -16.00 
_refine.aniso_B[2][2]                            -16.00 
_refine.aniso_B[3][3]                            32.00 
_refine.aniso_B[1][2]                            0.00 
_refine.aniso_B[1][3]                            0.00 
_refine.aniso_B[2][3]                            0.00 
_refine.solvent_model_details                    'FLAT MODEL' 
_refine.solvent_model_param_ksol                 0.32 
_refine.solvent_model_param_bsol                 25.4615 
_refine.pdbx_solvent_vdw_probe_radii             ? 
_refine.pdbx_solvent_ion_probe_radii             ? 
_refine.pdbx_solvent_shrinkage_radii             ? 
_refine.pdbx_ls_cross_valid_method               THROUGHOUT 
_refine.details                                  'BULK SOLVENT MODEL USED' 
_refine.pdbx_starting_model                      'DOMAIN A OF PDB ENTRY 1QFO' 
_refine.pdbx_method_to_determine_struct          'MOLECULAR REPLACEMENT' 
_refine.pdbx_isotropic_thermal_model             RESTRAINED 
_refine.pdbx_stereochemistry_target_values       ? 
_refine.pdbx_stereochem_target_val_spec_case     ? 
_refine.pdbx_R_Free_selection_details            RANDOM 
_refine.pdbx_overall_ESU_R                       ? 
_refine.pdbx_overall_ESU_R_Free                  ? 
_refine.overall_SU_ML                            ? 
_refine.pdbx_overall_phase_error                 ? 
_refine.overall_SU_B                             ? 
_refine.overall_SU_R_Cruickshank_DPI             ? 
_refine.pdbx_overall_SU_R_free_Cruickshank_DPI   ? 
_refine.pdbx_overall_SU_R_Blow_DPI               ? 
_refine.pdbx_overall_SU_R_free_Blow_DPI          ? 
# 
_refine_analyze.pdbx_refine_id                  'X-RAY DIFFRACTION' 
_refine_analyze.entry_id                        1ODA 
_refine_analyze.Luzzati_coordinate_error_obs    0.36 
_refine_analyze.Luzzati_sigma_a_obs             0.51 
_refine_analyze.Luzzati_d_res_low_obs           6.00 
_refine_analyze.Luzzati_coordinate_error_free   0.51 
_refine_analyze.Luzzati_sigma_a_free            0.64 
_refine_analyze.Luzzati_d_res_low_free          ? 
_refine_analyze.number_disordered_residues      ? 
_refine_analyze.occupancy_sum_hydrogen          ? 
_refine_analyze.occupancy_sum_non_hydrogen      ? 
# 
_refine_hist.pdbx_refine_id                   'X-RAY DIFFRACTION' 
_refine_hist.cycle_id                         LAST 
_refine_hist.pdbx_number_atoms_protein        914 
_refine_hist.pdbx_number_atoms_nucleic_acid   0 
_refine_hist.pdbx_number_atoms_ligand         35 
_refine_hist.number_atoms_solvent             0 
_refine_hist.number_atoms_total               949 
_refine_hist.d_res_high                       3.31 
_refine_hist.d_res_low                        19.26 
# 
loop_
_refine_ls_restr.type 
_refine_ls_restr.dev_ideal 
_refine_ls_restr.dev_ideal_target 
_refine_ls_restr.weight 
_refine_ls_restr.number 
_refine_ls_restr.pdbx_refine_id 
_refine_ls_restr.pdbx_restraint_function 
c_bond_d                0.008 ?    ? ? 'X-RAY DIFFRACTION' ? 
c_bond_d_na             ?     ?    ? ? 'X-RAY DIFFRACTION' ? 
c_bond_d_prot           ?     ?    ? ? 'X-RAY DIFFRACTION' ? 
c_angle_d               ?     ?    ? ? 'X-RAY DIFFRACTION' ? 
c_angle_d_na            ?     ?    ? ? 'X-RAY DIFFRACTION' ? 
c_angle_d_prot          ?     ?    ? ? 'X-RAY DIFFRACTION' ? 
c_angle_deg             1.4   ?    ? ? 'X-RAY DIFFRACTION' ? 
c_angle_deg_na          ?     ?    ? ? 'X-RAY DIFFRACTION' ? 
c_angle_deg_prot        ?     ?    ? ? 'X-RAY DIFFRACTION' ? 
c_dihedral_angle_d      26.0  ?    ? ? 'X-RAY DIFFRACTION' ? 
c_dihedral_angle_d_na   ?     ?    ? ? 'X-RAY DIFFRACTION' ? 
c_dihedral_angle_d_prot ?     ?    ? ? 'X-RAY DIFFRACTION' ? 
c_improper_angle_d      0.85  ?    ? ? 'X-RAY DIFFRACTION' ? 
c_improper_angle_d_na   ?     ?    ? ? 'X-RAY DIFFRACTION' ? 
c_improper_angle_d_prot ?     ?    ? ? 'X-RAY DIFFRACTION' ? 
c_mcbond_it             3.80  1.00 ? ? 'X-RAY DIFFRACTION' ? 
c_mcangle_it            5.86  1.00 ? ? 'X-RAY DIFFRACTION' ? 
c_scbond_it             6.90  1.50 ? ? 'X-RAY DIFFRACTION' ? 
c_scangle_it            9.86  1.50 ? ? 'X-RAY DIFFRACTION' ? 
# 
_refine_ls_shell.pdbx_refine_id                   'X-RAY DIFFRACTION' 
_refine_ls_shell.pdbx_total_number_of_bins_used   6 
_refine_ls_shell.d_res_high                       3.30 
_refine_ls_shell.d_res_low                        3.51 
_refine_ls_shell.number_reflns_R_work             166 
_refine_ls_shell.R_factor_R_work                  0.307 
_refine_ls_shell.percent_reflns_obs               46.5 
_refine_ls_shell.R_factor_R_free                  0.487 
_refine_ls_shell.R_factor_R_free_error            0.104 
_refine_ls_shell.percent_reflns_R_free            11.7 
_refine_ls_shell.number_reflns_R_free             22 
_refine_ls_shell.number_reflns_all                ? 
_refine_ls_shell.R_factor_all                     ? 
# 
loop_
_pdbx_xplor_file.pdbx_refine_id 
_pdbx_xplor_file.serial_no 
_pdbx_xplor_file.param_file 
_pdbx_xplor_file.topol_file 
'X-RAY DIFFRACTION' 1 PROTEIN_REP.PARAM PROTEIN.TOP   
'X-RAY DIFFRACTION' 2 BIPHENYL2.PARAM   BIPHENYL2.TOP 
# 
_struct.entry_id                  1ODA 
_struct.title                     
'N-terminal of Sialoadhesin in complex with Me-a-9-N-(biphenyl-4-carbonyl)-amino-9-deoxy-Neu5Ac (BIP compound)' 
_struct.pdbx_model_details        ? 
_struct.pdbx_CASP_flag            ? 
_struct.pdbx_model_type_details   ? 
# 
_struct_keywords.entry_id        1ODA 
_struct_keywords.pdbx_keywords   'LECTIN/IMMUNE SYSTEM' 
_struct_keywords.text            
;LECTIN/IMMUNE SYSTEM, IMMUNE SYSTEM, IMMUNOGLOBULIN SUPERFAMILY, CARBOHYDRATE BINDING, SIGLEC, INHIBITOR DESIGN, CELL ADHESION, LECTIN-IMMUNE SYSTEM complex
;
# 
loop_
_struct_asym.id 
_struct_asym.pdbx_blank_PDB_chainid_flag 
_struct_asym.pdbx_modified 
_struct_asym.entity_id 
_struct_asym.details 
A N N 1 ? 
B N N 2 ? 
# 
_struct_ref.id                         1 
_struct_ref.db_name                    UNP 
_struct_ref.db_code                    SN_MOUSE 
_struct_ref.entity_id                  1 
_struct_ref.pdbx_seq_one_letter_code   ? 
_struct_ref.pdbx_align_begin           ? 
_struct_ref.pdbx_db_accession          Q62230 
_struct_ref.pdbx_db_isoform            ? 
# 
_struct_ref_seq.align_id                      1 
_struct_ref_seq.ref_id                        1 
_struct_ref_seq.pdbx_PDB_id_code              1ODA 
_struct_ref_seq.pdbx_strand_id                A 
_struct_ref_seq.seq_align_beg                 1 
_struct_ref_seq.pdbx_seq_align_beg_ins_code   ? 
_struct_ref_seq.seq_align_end                 119 
_struct_ref_seq.pdbx_seq_align_end_ins_code   ? 
_struct_ref_seq.pdbx_db_accession             Q62230 
_struct_ref_seq.db_align_beg                  20 
_struct_ref_seq.pdbx_db_align_beg_ins_code    ? 
_struct_ref_seq.db_align_end                  138 
_struct_ref_seq.pdbx_db_align_end_ins_code    ? 
_struct_ref_seq.pdbx_auth_seq_align_beg       1 
_struct_ref_seq.pdbx_auth_seq_align_end       119 
# 
_pdbx_struct_assembly.id                   1 
_pdbx_struct_assembly.details              author_and_software_defined_assembly 
_pdbx_struct_assembly.method_details       PQS 
_pdbx_struct_assembly.oligomeric_details   monomeric 
_pdbx_struct_assembly.oligomeric_count     1 
# 
_pdbx_struct_assembly_gen.assembly_id       1 
_pdbx_struct_assembly_gen.oper_expression   1 
_pdbx_struct_assembly_gen.asym_id_list      A,B 
# 
_pdbx_struct_oper_list.id                   1 
_pdbx_struct_oper_list.type                 'identity operation' 
_pdbx_struct_oper_list.name                 1_555 
_pdbx_struct_oper_list.symmetry_operation   x,y,z 
_pdbx_struct_oper_list.matrix[1][1]         1.0000000000 
_pdbx_struct_oper_list.matrix[1][2]         0.0000000000 
_pdbx_struct_oper_list.matrix[1][3]         0.0000000000 
_pdbx_struct_oper_list.vector[1]            0.0000000000 
_pdbx_struct_oper_list.matrix[2][1]         0.0000000000 
_pdbx_struct_oper_list.matrix[2][2]         1.0000000000 
_pdbx_struct_oper_list.matrix[2][3]         0.0000000000 
_pdbx_struct_oper_list.vector[2]            0.0000000000 
_pdbx_struct_oper_list.matrix[3][1]         0.0000000000 
_pdbx_struct_oper_list.matrix[3][2]         0.0000000000 
_pdbx_struct_oper_list.matrix[3][3]         1.0000000000 
_pdbx_struct_oper_list.vector[3]            0.0000000000 
# 
_struct_biol.id   1 
# 
_struct_conf.conf_type_id            HELX_P 
_struct_conf.id                      HELX_P1 
_struct_conf.pdbx_PDB_helix_id       1 
_struct_conf.beg_label_comp_id       LYS 
_struct_conf.beg_label_asym_id       A 
_struct_conf.beg_label_seq_id        87 
_struct_conf.pdbx_beg_PDB_ins_code   ? 
_struct_conf.end_label_comp_id       SER 
_struct_conf.end_label_asym_id       A 
_struct_conf.end_label_seq_id        91 
_struct_conf.pdbx_end_PDB_ins_code   ? 
_struct_conf.beg_auth_comp_id        LYS 
_struct_conf.beg_auth_asym_id        A 
_struct_conf.beg_auth_seq_id         87 
_struct_conf.end_auth_comp_id        SER 
_struct_conf.end_auth_asym_id        A 
_struct_conf.end_auth_seq_id         91 
_struct_conf.pdbx_PDB_helix_class    5 
_struct_conf.details                 ? 
_struct_conf.pdbx_PDB_helix_length   5 
# 
_struct_conf_type.id          HELX_P 
_struct_conf_type.criteria    ? 
_struct_conf_type.reference   ? 
# 
_struct_conn.id                            disulf1 
_struct_conn.conn_type_id                  disulf 
_struct_conn.pdbx_leaving_atom_flag        ? 
_struct_conn.pdbx_PDB_id                   ? 
_struct_conn.ptnr1_label_asym_id           A 
_struct_conn.ptnr1_label_comp_id           CYS 
_struct_conn.ptnr1_label_seq_id            22 
_struct_conn.ptnr1_label_atom_id           SG 
_struct_conn.pdbx_ptnr1_label_alt_id       ? 
_struct_conn.pdbx_ptnr1_PDB_ins_code       ? 
_struct_conn.pdbx_ptnr1_standard_comp_id   ? 
_struct_conn.ptnr1_symmetry                1_555 
_struct_conn.ptnr2_label_asym_id           A 
_struct_conn.ptnr2_label_comp_id           CYS 
_struct_conn.ptnr2_label_seq_id            79 
_struct_conn.ptnr2_label_atom_id           SG 
_struct_conn.pdbx_ptnr2_label_alt_id       ? 
_struct_conn.pdbx_ptnr2_PDB_ins_code       ? 
_struct_conn.ptnr1_auth_asym_id            A 
_struct_conn.ptnr1_auth_comp_id            CYS 
_struct_conn.ptnr1_auth_seq_id             22 
_struct_conn.ptnr2_auth_asym_id            A 
_struct_conn.ptnr2_auth_comp_id            CYS 
_struct_conn.ptnr2_auth_seq_id             79 
_struct_conn.ptnr2_symmetry                1_555 
_struct_conn.pdbx_ptnr3_label_atom_id      ? 
_struct_conn.pdbx_ptnr3_label_seq_id       ? 
_struct_conn.pdbx_ptnr3_label_comp_id      ? 
_struct_conn.pdbx_ptnr3_label_asym_id      ? 
_struct_conn.pdbx_ptnr3_label_alt_id       ? 
_struct_conn.pdbx_ptnr3_PDB_ins_code       ? 
_struct_conn.details                       ? 
_struct_conn.pdbx_dist_value               2.034 
_struct_conn.pdbx_value_order              ? 
_struct_conn.pdbx_role                     ? 
# 
_struct_conn_type.id          disulf 
_struct_conn_type.criteria    ? 
_struct_conn_type.reference   ? 
# 
_pdbx_modification_feature.ordinal                            1 
_pdbx_modification_feature.label_comp_id                      CYS 
_pdbx_modification_feature.label_asym_id                      A 
_pdbx_modification_feature.label_seq_id                       22 
_pdbx_modification_feature.label_alt_id                       ? 
_pdbx_modification_feature.modified_residue_label_comp_id     CYS 
_pdbx_modification_feature.modified_residue_label_asym_id     A 
_pdbx_modification_feature.modified_residue_label_seq_id      79 
_pdbx_modification_feature.modified_residue_label_alt_id      ? 
_pdbx_modification_feature.auth_comp_id                       CYS 
_pdbx_modification_feature.auth_asym_id                       A 
_pdbx_modification_feature.auth_seq_id                        22 
_pdbx_modification_feature.PDB_ins_code                       ? 
_pdbx_modification_feature.symmetry                           1_555 
_pdbx_modification_feature.modified_residue_auth_comp_id      CYS 
_pdbx_modification_feature.modified_residue_auth_asym_id      A 
_pdbx_modification_feature.modified_residue_auth_seq_id       79 
_pdbx_modification_feature.modified_residue_PDB_ins_code      ? 
_pdbx_modification_feature.modified_residue_symmetry          1_555 
_pdbx_modification_feature.comp_id_linking_atom               SG 
_pdbx_modification_feature.modified_residue_id_linking_atom   SG 
_pdbx_modification_feature.modified_residue_id                . 
_pdbx_modification_feature.ref_pcm_id                         . 
_pdbx_modification_feature.ref_comp_id                        . 
_pdbx_modification_feature.type                               None 
_pdbx_modification_feature.category                           'Disulfide bridge' 
# 
loop_
_struct_sheet.id 
_struct_sheet.type 
_struct_sheet.number_strands 
_struct_sheet.details 
AA ? 2 ? 
AB ? 5 ? 
AC ? 4 ? 
AD ? 3 ? 
# 
loop_
_struct_sheet_order.sheet_id 
_struct_sheet_order.range_id_1 
_struct_sheet_order.range_id_2 
_struct_sheet_order.offset 
_struct_sheet_order.sense 
AA 1 2 ? anti-parallel 
AB 1 2 ? parallel      
AB 2 3 ? anti-parallel 
AB 3 4 ? anti-parallel 
AB 4 5 ? anti-parallel 
AC 1 2 ? parallel      
AC 2 3 ? anti-parallel 
AC 3 4 ? anti-parallel 
AD 1 2 ? anti-parallel 
AD 2 3 ? anti-parallel 
# 
loop_
_struct_sheet_range.sheet_id 
_struct_sheet_range.id 
_struct_sheet_range.beg_label_comp_id 
_struct_sheet_range.beg_label_asym_id 
_struct_sheet_range.beg_label_seq_id 
_struct_sheet_range.pdbx_beg_PDB_ins_code 
_struct_sheet_range.end_label_comp_id 
_struct_sheet_range.end_label_asym_id 
_struct_sheet_range.end_label_seq_id 
_struct_sheet_range.pdbx_end_PDB_ins_code 
_struct_sheet_range.beg_auth_comp_id 
_struct_sheet_range.beg_auth_asym_id 
_struct_sheet_range.beg_auth_seq_id 
_struct_sheet_range.end_auth_comp_id 
_struct_sheet_range.end_auth_asym_id 
_struct_sheet_range.end_auth_seq_id 
AA 1 GLY A 3   ? SER A 5   ? GLY A 3   SER A 5   
AA 2 ILE A 23  ? SER A 25  ? ILE A 23  SER A 25  
AB 1 ASN A 9   ? LEU A 13  ? ASN A 9   LEU A 13  
AB 2 THR A 112 ? THR A 117 ? THR A 112 THR A 117 
AB 3 GLY A 92  ? SER A 101 ? GLY A 92  SER A 101 
AB 4 THR A 37  ? TYR A 42  ? THR A 37  TYR A 42  
AB 5 GLN A 49  ? HIS A 53  ? GLN A 49  HIS A 53  
AC 1 ASN A 9   ? LEU A 13  ? ASN A 9   LEU A 13  
AC 2 THR A 112 ? THR A 117 ? THR A 112 THR A 117 
AC 3 GLY A 92  ? SER A 101 ? GLY A 92  SER A 101 
AC 4 ASN A 104 ? LEU A 107 ? ASN A 104 LEU A 107 
AD 1 LEU A 18  ? ILE A 20  ? LEU A 18  ILE A 20  
AD 2 LEU A 81  ? LEU A 83  ? LEU A 81  LEU A 83  
AD 3 ALA A 68  ? LEU A 70  ? ALA A 68  LEU A 70  
# 
loop_
_pdbx_struct_sheet_hbond.sheet_id 
_pdbx_struct_sheet_hbond.range_id_1 
_pdbx_struct_sheet_hbond.range_id_2 
_pdbx_struct_sheet_hbond.range_1_label_atom_id 
_pdbx_struct_sheet_hbond.range_1_label_comp_id 
_pdbx_struct_sheet_hbond.range_1_label_asym_id 
_pdbx_struct_sheet_hbond.range_1_label_seq_id 
_pdbx_struct_sheet_hbond.range_1_PDB_ins_code 
_pdbx_struct_sheet_hbond.range_1_auth_atom_id 
_pdbx_struct_sheet_hbond.range_1_auth_comp_id 
_pdbx_struct_sheet_hbond.range_1_auth_asym_id 
_pdbx_struct_sheet_hbond.range_1_auth_seq_id 
_pdbx_struct_sheet_hbond.range_2_label_atom_id 
_pdbx_struct_sheet_hbond.range_2_label_comp_id 
_pdbx_struct_sheet_hbond.range_2_label_asym_id 
_pdbx_struct_sheet_hbond.range_2_label_seq_id 
_pdbx_struct_sheet_hbond.range_2_PDB_ins_code 
_pdbx_struct_sheet_hbond.range_2_auth_atom_id 
_pdbx_struct_sheet_hbond.range_2_auth_comp_id 
_pdbx_struct_sheet_hbond.range_2_auth_asym_id 
_pdbx_struct_sheet_hbond.range_2_auth_seq_id 
AA 1 2 N SER A 5   ? N SER A 5   O ILE A 23  ? O ILE A 23  
AB 1 2 N VAL A 10  ? N VAL A 10  O THR A 113 ? O THR A 113 
AB 2 3 N VAL A 114 ? N VAL A 114 O GLY A 92  ? O GLY A 92  
AB 3 4 N GLU A 99  ? N GLU A 99  O THR A 37  ? O THR A 37  
AB 4 5 N TYR A 42  ? N TYR A 42  O GLN A 49  ? O GLN A 49  
AC 1 2 N VAL A 10  ? N VAL A 10  O THR A 113 ? O THR A 113 
AC 2 3 N VAL A 114 ? N VAL A 114 O GLY A 92  ? O GLY A 92  
AC 3 4 N ILE A 100 ? N ILE A 100 O ASN A 104 ? O ASN A 104 
AD 1 2 N ILE A 20  ? N ILE A 20  O LEU A 81  ? O LEU A 81  
AD 2 3 N LEU A 82  ? N LEU A 82  O GLU A 69  ? O GLU A 69  
# 
_struct_site.id                   AC1 
_struct_site.pdbx_evidence_code   Software 
_struct_site.pdbx_auth_asym_id    A 
_struct_site.pdbx_auth_comp_id    BDU 
_struct_site.pdbx_auth_seq_id     201 
_struct_site.pdbx_auth_ins_code   ? 
_struct_site.pdbx_num_residues    12 
_struct_site.details              'BINDING SITE FOR RESIDUE BDU A 201' 
# 
loop_
_struct_site_gen.id 
_struct_site_gen.site_id 
_struct_site_gen.pdbx_num_res 
_struct_site_gen.label_comp_id 
_struct_site_gen.label_asym_id 
_struct_site_gen.label_seq_id 
_struct_site_gen.pdbx_auth_ins_code 
_struct_site_gen.auth_comp_id 
_struct_site_gen.auth_asym_id 
_struct_site_gen.auth_seq_id 
_struct_site_gen.label_atom_id 
_struct_site_gen.label_alt_id 
_struct_site_gen.symmetry 
_struct_site_gen.details 
1  AC1 12 TRP A 2   ? TRP A 2   . ? 1_555 ? 
2  AC1 12 SER A 5   ? SER A 5   . ? 1_555 ? 
3  AC1 12 ILE A 23  ? ILE A 23  . ? 1_555 ? 
4  AC1 12 SER A 25  ? SER A 25  . ? 1_555 ? 
5  AC1 12 ASN A 80  ? ASN A 80  . ? 1_555 ? 
6  AC1 12 ASN A 95  ? ASN A 95  . ? 1_555 ? 
7  AC1 12 ARG A 97  ? ARG A 97  . ? 1_555 ? 
8  AC1 12 SER A 103 ? SER A 103 . ? 1_555 ? 
9  AC1 12 ARG A 105 ? ARG A 105 . ? 1_555 ? 
10 AC1 12 TRP A 106 ? TRP A 106 . ? 1_555 ? 
11 AC1 12 LEU A 107 ? LEU A 107 . ? 1_555 ? 
12 AC1 12 VAL A 109 ? VAL A 109 . ? 1_555 ? 
# 
_pdbx_entry_details.entry_id                   1ODA 
_pdbx_entry_details.compound_details           
;THIS IS A MACROPHAGE-RESTRICTED ADHESION MOLECULE THAT
 MEDIATES SIALIC-ACID DEPENDENT BINDING TO LYMPHOCYTES,
 OTHER EFFECTORS INCLUDE GRANULOCYTES, MONOCYTES, NATURAL
 KILLER CELLS AND B-CELLS MEMBER OF THE IMMUNOGLOBULINS
 SUPERFAMILY CONTAINING IG- AND V-TYPE DOMAINS.
;
_pdbx_entry_details.source_details             ? 
_pdbx_entry_details.nonpolymer_details         ? 
_pdbx_entry_details.sequence_details           ? 
_pdbx_entry_details.has_ligand_of_interest     ? 
_pdbx_entry_details.has_protein_modification   Y 
# 
loop_
_pdbx_validate_torsion.id 
_pdbx_validate_torsion.PDB_model_num 
_pdbx_validate_torsion.auth_comp_id 
_pdbx_validate_torsion.auth_asym_id 
_pdbx_validate_torsion.auth_seq_id 
_pdbx_validate_torsion.PDB_ins_code 
_pdbx_validate_torsion.label_alt_id 
_pdbx_validate_torsion.phi 
_pdbx_validate_torsion.psi 
1  1 PRO A 7   ? ? -35.13  137.32 
2  1 SER A 14  ? ? -27.59  141.31 
3  1 ARG A 48  ? ? 50.20   88.68  
4  1 PRO A 57  ? ? -57.86  -4.51  
5  1 MET A 71  ? ? -93.75  35.95  
6  1 ASN A 73  ? ? -118.62 72.03  
7  1 MET A 74  ? ? -30.74  -35.46 
8  1 ASP A 85  ? ? 53.12   89.36  
9  1 ILE A 100 ? ? -121.52 -59.06 
10 1 ASP A 102 ? ? 28.40   -22.02 
11 1 SER A 103 ? ? -143.40 -17.62 
12 1 ASN A 104 ? ? -91.49  48.18  
# 
_pdbx_database_remark.id     700 
_pdbx_database_remark.text   
;
SHEET
THE SHEET STRUCTURE OF THIS MOLECULE IS BIFURCATED. IN
ORDER TO REPRESENT THIS FEATURE IN THE SHEET RECORDS BELOW,
TWO SHEETS ARE DEFINED.
;
# 
loop_
_pdbx_unobs_or_zero_occ_residues.id 
_pdbx_unobs_or_zero_occ_residues.PDB_model_num 
_pdbx_unobs_or_zero_occ_residues.polymer_flag 
_pdbx_unobs_or_zero_occ_residues.occupancy_flag 
_pdbx_unobs_or_zero_occ_residues.auth_asym_id 
_pdbx_unobs_or_zero_occ_residues.auth_comp_id 
_pdbx_unobs_or_zero_occ_residues.auth_seq_id 
_pdbx_unobs_or_zero_occ_residues.PDB_ins_code 
_pdbx_unobs_or_zero_occ_residues.label_asym_id 
_pdbx_unobs_or_zero_occ_residues.label_comp_id 
_pdbx_unobs_or_zero_occ_residues.label_seq_id 
1 1 Y 1 A SER 33 ? A SER 33 
2 1 Y 1 A ASN 34 ? A ASN 34 
# 
loop_
_chem_comp_atom.comp_id 
_chem_comp_atom.atom_id 
_chem_comp_atom.type_symbol 
_chem_comp_atom.pdbx_aromatic_flag 
_chem_comp_atom.pdbx_stereo_config 
_chem_comp_atom.pdbx_ordinal 
ALA N    N N N 1   
ALA CA   C N S 2   
ALA C    C N N 3   
ALA O    O N N 4   
ALA CB   C N N 5   
ALA OXT  O N N 6   
ALA H    H N N 7   
ALA H2   H N N 8   
ALA HA   H N N 9   
ALA HB1  H N N 10  
ALA HB2  H N N 11  
ALA HB3  H N N 12  
ALA HXT  H N N 13  
ARG N    N N N 14  
ARG CA   C N S 15  
ARG C    C N N 16  
ARG O    O N N 17  
ARG CB   C N N 18  
ARG CG   C N N 19  
ARG CD   C N N 20  
ARG NE   N N N 21  
ARG CZ   C N N 22  
ARG NH1  N N N 23  
ARG NH2  N N N 24  
ARG OXT  O N N 25  
ARG H    H N N 26  
ARG H2   H N N 27  
ARG HA   H N N 28  
ARG HB2  H N N 29  
ARG HB3  H N N 30  
ARG HG2  H N N 31  
ARG HG3  H N N 32  
ARG HD2  H N N 33  
ARG HD3  H N N 34  
ARG HE   H N N 35  
ARG HH11 H N N 36  
ARG HH12 H N N 37  
ARG HH21 H N N 38  
ARG HH22 H N N 39  
ARG HXT  H N N 40  
ASN N    N N N 41  
ASN CA   C N S 42  
ASN C    C N N 43  
ASN O    O N N 44  
ASN CB   C N N 45  
ASN CG   C N N 46  
ASN OD1  O N N 47  
ASN ND2  N N N 48  
ASN OXT  O N N 49  
ASN H    H N N 50  
ASN H2   H N N 51  
ASN HA   H N N 52  
ASN HB2  H N N 53  
ASN HB3  H N N 54  
ASN HD21 H N N 55  
ASN HD22 H N N 56  
ASN HXT  H N N 57  
ASP N    N N N 58  
ASP CA   C N S 59  
ASP C    C N N 60  
ASP O    O N N 61  
ASP CB   C N N 62  
ASP CG   C N N 63  
ASP OD1  O N N 64  
ASP OD2  O N N 65  
ASP OXT  O N N 66  
ASP H    H N N 67  
ASP H2   H N N 68  
ASP HA   H N N 69  
ASP HB2  H N N 70  
ASP HB3  H N N 71  
ASP HD2  H N N 72  
ASP HXT  H N N 73  
BDU CX1  C N N 74  
BDU O1A  O N N 75  
BDU O1B  O N N 76  
BDU CX2  C N R 77  
BDU OX2  O N N 78  
BDU CO2  C N N 79  
BDU CX3  C N N 80  
BDU CX4  C N S 81  
BDU OX4  O N N 82  
BDU CX5  C N R 83  
BDU NX5  N N N 84  
BDU C10  C N N 85  
BDU O10  O N N 86  
BDU C11  C N N 87  
BDU CX6  C N R 88  
BDU OX6  O N N 89  
BDU CX7  C N R 90  
BDU OX7  O N N 91  
BDU CX8  C N R 92  
BDU OX8  O N N 93  
BDU CX9  C N N 94  
BDU NX6  N N N 95  
BDU C12  C N N 96  
BDU O12  O N N 97  
BDU C1G  C Y N 98  
BDU CD1  C Y N 99  
BDU CE1  C Y N 100 
BDU CD2  C Y N 101 
BDU CE2  C Y N 102 
BDU C1Z  C Y N 103 
BDU C2G  C Y N 104 
BDU CY1  C Y N 105 
BDU CY2  C Y N 106 
BDU CG1  C Y N 107 
BDU CG2  C Y N 108 
BDU C2Z  C Y N 109 
BDU H1B  H N N 110 
BDU HO21 H N N 111 
BDU HO22 H N N 112 
BDU HO23 H N N 113 
BDU HX31 H N N 114 
BDU HX32 H N N 115 
BDU HX4  H N N 116 
BDU HA   H N N 117 
BDU HX5  H N N 118 
BDU HB   H N N 119 
BDU H111 H N N 120 
BDU H112 H N N 121 
BDU H113 H N N 122 
BDU HX6  H N N 123 
BDU HX7  H N N 124 
BDU HC   H N N 125 
BDU HX8  H N N 126 
BDU HD   H N N 127 
BDU HX91 H N N 128 
BDU HX92 H N N 129 
BDU HE   H N N 130 
BDU HD1  H N N 131 
BDU HE1  H N N 132 
BDU HD2  H N N 133 
BDU HE2  H N N 134 
BDU HY1  H N N 135 
BDU HY2  H N N 136 
BDU HG1  H N N 137 
BDU HG2  H N N 138 
BDU H2Z  H N N 139 
CYS N    N N N 140 
CYS CA   C N R 141 
CYS C    C N N 142 
CYS O    O N N 143 
CYS CB   C N N 144 
CYS SG   S N N 145 
CYS OXT  O N N 146 
CYS H    H N N 147 
CYS H2   H N N 148 
CYS HA   H N N 149 
CYS HB2  H N N 150 
CYS HB3  H N N 151 
CYS HG   H N N 152 
CYS HXT  H N N 153 
GLN N    N N N 154 
GLN CA   C N S 155 
GLN C    C N N 156 
GLN O    O N N 157 
GLN CB   C N N 158 
GLN CG   C N N 159 
GLN CD   C N N 160 
GLN OE1  O N N 161 
GLN NE2  N N N 162 
GLN OXT  O N N 163 
GLN H    H N N 164 
GLN H2   H N N 165 
GLN HA   H N N 166 
GLN HB2  H N N 167 
GLN HB3  H N N 168 
GLN HG2  H N N 169 
GLN HG3  H N N 170 
GLN HE21 H N N 171 
GLN HE22 H N N 172 
GLN HXT  H N N 173 
GLU N    N N N 174 
GLU CA   C N S 175 
GLU C    C N N 176 
GLU O    O N N 177 
GLU CB   C N N 178 
GLU CG   C N N 179 
GLU CD   C N N 180 
GLU OE1  O N N 181 
GLU OE2  O N N 182 
GLU OXT  O N N 183 
GLU H    H N N 184 
GLU H2   H N N 185 
GLU HA   H N N 186 
GLU HB2  H N N 187 
GLU HB3  H N N 188 
GLU HG2  H N N 189 
GLU HG3  H N N 190 
GLU HE2  H N N 191 
GLU HXT  H N N 192 
GLY N    N N N 193 
GLY CA   C N N 194 
GLY C    C N N 195 
GLY O    O N N 196 
GLY OXT  O N N 197 
GLY H    H N N 198 
GLY H2   H N N 199 
GLY HA2  H N N 200 
GLY HA3  H N N 201 
GLY HXT  H N N 202 
HIS N    N N N 203 
HIS CA   C N S 204 
HIS C    C N N 205 
HIS O    O N N 206 
HIS CB   C N N 207 
HIS CG   C Y N 208 
HIS ND1  N Y N 209 
HIS CD2  C Y N 210 
HIS CE1  C Y N 211 
HIS NE2  N Y N 212 
HIS OXT  O N N 213 
HIS H    H N N 214 
HIS H2   H N N 215 
HIS HA   H N N 216 
HIS HB2  H N N 217 
HIS HB3  H N N 218 
HIS HD1  H N N 219 
HIS HD2  H N N 220 
HIS HE1  H N N 221 
HIS HE2  H N N 222 
HIS HXT  H N N 223 
ILE N    N N N 224 
ILE CA   C N S 225 
ILE C    C N N 226 
ILE O    O N N 227 
ILE CB   C N S 228 
ILE CG1  C N N 229 
ILE CG2  C N N 230 
ILE CD1  C N N 231 
ILE OXT  O N N 232 
ILE H    H N N 233 
ILE H2   H N N 234 
ILE HA   H N N 235 
ILE HB   H N N 236 
ILE HG12 H N N 237 
ILE HG13 H N N 238 
ILE HG21 H N N 239 
ILE HG22 H N N 240 
ILE HG23 H N N 241 
ILE HD11 H N N 242 
ILE HD12 H N N 243 
ILE HD13 H N N 244 
ILE HXT  H N N 245 
LEU N    N N N 246 
LEU CA   C N S 247 
LEU C    C N N 248 
LEU O    O N N 249 
LEU CB   C N N 250 
LEU CG   C N N 251 
LEU CD1  C N N 252 
LEU CD2  C N N 253 
LEU OXT  O N N 254 
LEU H    H N N 255 
LEU H2   H N N 256 
LEU HA   H N N 257 
LEU HB2  H N N 258 
LEU HB3  H N N 259 
LEU HG   H N N 260 
LEU HD11 H N N 261 
LEU HD12 H N N 262 
LEU HD13 H N N 263 
LEU HD21 H N N 264 
LEU HD22 H N N 265 
LEU HD23 H N N 266 
LEU HXT  H N N 267 
LYS N    N N N 268 
LYS CA   C N S 269 
LYS C    C N N 270 
LYS O    O N N 271 
LYS CB   C N N 272 
LYS CG   C N N 273 
LYS CD   C N N 274 
LYS CE   C N N 275 
LYS NZ   N N N 276 
LYS OXT  O N N 277 
LYS H    H N N 278 
LYS H2   H N N 279 
LYS HA   H N N 280 
LYS HB2  H N N 281 
LYS HB3  H N N 282 
LYS HG2  H N N 283 
LYS HG3  H N N 284 
LYS HD2  H N N 285 
LYS HD3  H N N 286 
LYS HE2  H N N 287 
LYS HE3  H N N 288 
LYS HZ1  H N N 289 
LYS HZ2  H N N 290 
LYS HZ3  H N N 291 
LYS HXT  H N N 292 
MET N    N N N 293 
MET CA   C N S 294 
MET C    C N N 295 
MET O    O N N 296 
MET CB   C N N 297 
MET CG   C N N 298 
MET SD   S N N 299 
MET CE   C N N 300 
MET OXT  O N N 301 
MET H    H N N 302 
MET H2   H N N 303 
MET HA   H N N 304 
MET HB2  H N N 305 
MET HB3  H N N 306 
MET HG2  H N N 307 
MET HG3  H N N 308 
MET HE1  H N N 309 
MET HE2  H N N 310 
MET HE3  H N N 311 
MET HXT  H N N 312 
PHE N    N N N 313 
PHE CA   C N S 314 
PHE C    C N N 315 
PHE O    O N N 316 
PHE CB   C N N 317 
PHE CG   C Y N 318 
PHE CD1  C Y N 319 
PHE CD2  C Y N 320 
PHE CE1  C Y N 321 
PHE CE2  C Y N 322 
PHE CZ   C Y N 323 
PHE OXT  O N N 324 
PHE H    H N N 325 
PHE H2   H N N 326 
PHE HA   H N N 327 
PHE HB2  H N N 328 
PHE HB3  H N N 329 
PHE HD1  H N N 330 
PHE HD2  H N N 331 
PHE HE1  H N N 332 
PHE HE2  H N N 333 
PHE HZ   H N N 334 
PHE HXT  H N N 335 
PRO N    N N N 336 
PRO CA   C N S 337 
PRO C    C N N 338 
PRO O    O N N 339 
PRO CB   C N N 340 
PRO CG   C N N 341 
PRO CD   C N N 342 
PRO OXT  O N N 343 
PRO H    H N N 344 
PRO HA   H N N 345 
PRO HB2  H N N 346 
PRO HB3  H N N 347 
PRO HG2  H N N 348 
PRO HG3  H N N 349 
PRO HD2  H N N 350 
PRO HD3  H N N 351 
PRO HXT  H N N 352 
SER N    N N N 353 
SER CA   C N S 354 
SER C    C N N 355 
SER O    O N N 356 
SER CB   C N N 357 
SER OG   O N N 358 
SER OXT  O N N 359 
SER H    H N N 360 
SER H2   H N N 361 
SER HA   H N N 362 
SER HB2  H N N 363 
SER HB3  H N N 364 
SER HG   H N N 365 
SER HXT  H N N 366 
THR N    N N N 367 
THR CA   C N S 368 
THR C    C N N 369 
THR O    O N N 370 
THR CB   C N R 371 
THR OG1  O N N 372 
THR CG2  C N N 373 
THR OXT  O N N 374 
THR H    H N N 375 
THR H2   H N N 376 
THR HA   H N N 377 
THR HB   H N N 378 
THR HG1  H N N 379 
THR HG21 H N N 380 
THR HG22 H N N 381 
THR HG23 H N N 382 
THR HXT  H N N 383 
TRP N    N N N 384 
TRP CA   C N S 385 
TRP C    C N N 386 
TRP O    O N N 387 
TRP CB   C N N 388 
TRP CG   C Y N 389 
TRP CD1  C Y N 390 
TRP CD2  C Y N 391 
TRP NE1  N Y N 392 
TRP CE2  C Y N 393 
TRP CE3  C Y N 394 
TRP CZ2  C Y N 395 
TRP CZ3  C Y N 396 
TRP CH2  C Y N 397 
TRP OXT  O N N 398 
TRP H    H N N 399 
TRP H2   H N N 400 
TRP HA   H N N 401 
TRP HB2  H N N 402 
TRP HB3  H N N 403 
TRP HD1  H N N 404 
TRP HE1  H N N 405 
TRP HE3  H N N 406 
TRP HZ2  H N N 407 
TRP HZ3  H N N 408 
TRP HH2  H N N 409 
TRP HXT  H N N 410 
TYR N    N N N 411 
TYR CA   C N S 412 
TYR C    C N N 413 
TYR O    O N N 414 
TYR CB   C N N 415 
TYR CG   C Y N 416 
TYR CD1  C Y N 417 
TYR CD2  C Y N 418 
TYR CE1  C Y N 419 
TYR CE2  C Y N 420 
TYR CZ   C Y N 421 
TYR OH   O N N 422 
TYR OXT  O N N 423 
TYR H    H N N 424 
TYR H2   H N N 425 
TYR HA   H N N 426 
TYR HB2  H N N 427 
TYR HB3  H N N 428 
TYR HD1  H N N 429 
TYR HD2  H N N 430 
TYR HE1  H N N 431 
TYR HE2  H N N 432 
TYR HH   H N N 433 
TYR HXT  H N N 434 
VAL N    N N N 435 
VAL CA   C N S 436 
VAL C    C N N 437 
VAL O    O N N 438 
VAL CB   C N N 439 
VAL CG1  C N N 440 
VAL CG2  C N N 441 
VAL OXT  O N N 442 
VAL H    H N N 443 
VAL H2   H N N 444 
VAL HA   H N N 445 
VAL HB   H N N 446 
VAL HG11 H N N 447 
VAL HG12 H N N 448 
VAL HG13 H N N 449 
VAL HG21 H N N 450 
VAL HG22 H N N 451 
VAL HG23 H N N 452 
VAL HXT  H N N 453 
# 
loop_
_chem_comp_bond.comp_id 
_chem_comp_bond.atom_id_1 
_chem_comp_bond.atom_id_2 
_chem_comp_bond.value_order 
_chem_comp_bond.pdbx_aromatic_flag 
_chem_comp_bond.pdbx_stereo_config 
_chem_comp_bond.pdbx_ordinal 
ALA N   CA   sing N N 1   
ALA N   H    sing N N 2   
ALA N   H2   sing N N 3   
ALA CA  C    sing N N 4   
ALA CA  CB   sing N N 5   
ALA CA  HA   sing N N 6   
ALA C   O    doub N N 7   
ALA C   OXT  sing N N 8   
ALA CB  HB1  sing N N 9   
ALA CB  HB2  sing N N 10  
ALA CB  HB3  sing N N 11  
ALA OXT HXT  sing N N 12  
ARG N   CA   sing N N 13  
ARG N   H    sing N N 14  
ARG N   H2   sing N N 15  
ARG CA  C    sing N N 16  
ARG CA  CB   sing N N 17  
ARG CA  HA   sing N N 18  
ARG C   O    doub N N 19  
ARG C   OXT  sing N N 20  
ARG CB  CG   sing N N 21  
ARG CB  HB2  sing N N 22  
ARG CB  HB3  sing N N 23  
ARG CG  CD   sing N N 24  
ARG CG  HG2  sing N N 25  
ARG CG  HG3  sing N N 26  
ARG CD  NE   sing N N 27  
ARG CD  HD2  sing N N 28  
ARG CD  HD3  sing N N 29  
ARG NE  CZ   sing N N 30  
ARG NE  HE   sing N N 31  
ARG CZ  NH1  sing N N 32  
ARG CZ  NH2  doub N N 33  
ARG NH1 HH11 sing N N 34  
ARG NH1 HH12 sing N N 35  
ARG NH2 HH21 sing N N 36  
ARG NH2 HH22 sing N N 37  
ARG OXT HXT  sing N N 38  
ASN N   CA   sing N N 39  
ASN N   H    sing N N 40  
ASN N   H2   sing N N 41  
ASN CA  C    sing N N 42  
ASN CA  CB   sing N N 43  
ASN CA  HA   sing N N 44  
ASN C   O    doub N N 45  
ASN C   OXT  sing N N 46  
ASN CB  CG   sing N N 47  
ASN CB  HB2  sing N N 48  
ASN CB  HB3  sing N N 49  
ASN CG  OD1  doub N N 50  
ASN CG  ND2  sing N N 51  
ASN ND2 HD21 sing N N 52  
ASN ND2 HD22 sing N N 53  
ASN OXT HXT  sing N N 54  
ASP N   CA   sing N N 55  
ASP N   H    sing N N 56  
ASP N   H2   sing N N 57  
ASP CA  C    sing N N 58  
ASP CA  CB   sing N N 59  
ASP CA  HA   sing N N 60  
ASP C   O    doub N N 61  
ASP C   OXT  sing N N 62  
ASP CB  CG   sing N N 63  
ASP CB  HB2  sing N N 64  
ASP CB  HB3  sing N N 65  
ASP CG  OD1  doub N N 66  
ASP CG  OD2  sing N N 67  
ASP OD2 HD2  sing N N 68  
ASP OXT HXT  sing N N 69  
BDU CX1 O1A  doub N N 70  
BDU CX1 O1B  sing N N 71  
BDU CX1 CX2  sing N N 72  
BDU O1B H1B  sing N N 73  
BDU CX2 OX2  sing N N 74  
BDU CX2 CX3  sing N N 75  
BDU CX2 OX6  sing N N 76  
BDU OX2 CO2  sing N N 77  
BDU CO2 HO21 sing N N 78  
BDU CO2 HO22 sing N N 79  
BDU CO2 HO23 sing N N 80  
BDU CX3 CX4  sing N N 81  
BDU CX3 HX31 sing N N 82  
BDU CX3 HX32 sing N N 83  
BDU CX4 OX4  sing N N 84  
BDU CX4 CX5  sing N N 85  
BDU CX4 HX4  sing N N 86  
BDU OX4 HA   sing N N 87  
BDU CX5 NX5  sing N N 88  
BDU CX5 CX6  sing N N 89  
BDU CX5 HX5  sing N N 90  
BDU NX5 C10  sing N N 91  
BDU NX5 HB   sing N N 92  
BDU C10 O10  doub N N 93  
BDU C10 C11  sing N N 94  
BDU C11 H111 sing N N 95  
BDU C11 H112 sing N N 96  
BDU C11 H113 sing N N 97  
BDU CX6 OX6  sing N N 98  
BDU CX6 CX7  sing N N 99  
BDU CX6 HX6  sing N N 100 
BDU CX7 OX7  sing N N 101 
BDU CX7 CX8  sing N N 102 
BDU CX7 HX7  sing N N 103 
BDU OX7 HC   sing N N 104 
BDU CX8 OX8  sing N N 105 
BDU CX8 CX9  sing N N 106 
BDU CX8 HX8  sing N N 107 
BDU OX8 HD   sing N N 108 
BDU CX9 NX6  sing N N 109 
BDU CX9 HX91 sing N N 110 
BDU CX9 HX92 sing N N 111 
BDU NX6 C12  sing N N 112 
BDU NX6 HE   sing N N 113 
BDU C12 O12  doub N N 114 
BDU C12 C1G  sing N N 115 
BDU C1G CD1  doub Y N 116 
BDU C1G CD2  sing Y N 117 
BDU CD1 CE1  sing Y N 118 
BDU CD1 HD1  sing N N 119 
BDU CE1 C1Z  doub Y N 120 
BDU CE1 HE1  sing N N 121 
BDU CD2 CE2  doub Y N 122 
BDU CD2 HD2  sing N N 123 
BDU CE2 C1Z  sing Y N 124 
BDU CE2 HE2  sing N N 125 
BDU C1Z C2G  sing Y N 126 
BDU C2G CY1  doub Y N 127 
BDU C2G CY2  sing Y N 128 
BDU CY1 CG1  sing Y N 129 
BDU CY1 HY1  sing N N 130 
BDU CY2 CG2  doub Y N 131 
BDU CY2 HY2  sing N N 132 
BDU CG1 C2Z  doub Y N 133 
BDU CG1 HG1  sing N N 134 
BDU CG2 C2Z  sing Y N 135 
BDU CG2 HG2  sing N N 136 
BDU C2Z H2Z  sing N N 137 
CYS N   CA   sing N N 138 
CYS N   H    sing N N 139 
CYS N   H2   sing N N 140 
CYS CA  C    sing N N 141 
CYS CA  CB   sing N N 142 
CYS CA  HA   sing N N 143 
CYS C   O    doub N N 144 
CYS C   OXT  sing N N 145 
CYS CB  SG   sing N N 146 
CYS CB  HB2  sing N N 147 
CYS CB  HB3  sing N N 148 
CYS SG  HG   sing N N 149 
CYS OXT HXT  sing N N 150 
GLN N   CA   sing N N 151 
GLN N   H    sing N N 152 
GLN N   H2   sing N N 153 
GLN CA  C    sing N N 154 
GLN CA  CB   sing N N 155 
GLN CA  HA   sing N N 156 
GLN C   O    doub N N 157 
GLN C   OXT  sing N N 158 
GLN CB  CG   sing N N 159 
GLN CB  HB2  sing N N 160 
GLN CB  HB3  sing N N 161 
GLN CG  CD   sing N N 162 
GLN CG  HG2  sing N N 163 
GLN CG  HG3  sing N N 164 
GLN CD  OE1  doub N N 165 
GLN CD  NE2  sing N N 166 
GLN NE2 HE21 sing N N 167 
GLN NE2 HE22 sing N N 168 
GLN OXT HXT  sing N N 169 
GLU N   CA   sing N N 170 
GLU N   H    sing N N 171 
GLU N   H2   sing N N 172 
GLU CA  C    sing N N 173 
GLU CA  CB   sing N N 174 
GLU CA  HA   sing N N 175 
GLU C   O    doub N N 176 
GLU C   OXT  sing N N 177 
GLU CB  CG   sing N N 178 
GLU CB  HB2  sing N N 179 
GLU CB  HB3  sing N N 180 
GLU CG  CD   sing N N 181 
GLU CG  HG2  sing N N 182 
GLU CG  HG3  sing N N 183 
GLU CD  OE1  doub N N 184 
GLU CD  OE2  sing N N 185 
GLU OE2 HE2  sing N N 186 
GLU OXT HXT  sing N N 187 
GLY N   CA   sing N N 188 
GLY N   H    sing N N 189 
GLY N   H2   sing N N 190 
GLY CA  C    sing N N 191 
GLY CA  HA2  sing N N 192 
GLY CA  HA3  sing N N 193 
GLY C   O    doub N N 194 
GLY C   OXT  sing N N 195 
GLY OXT HXT  sing N N 196 
HIS N   CA   sing N N 197 
HIS N   H    sing N N 198 
HIS N   H2   sing N N 199 
HIS CA  C    sing N N 200 
HIS CA  CB   sing N N 201 
HIS CA  HA   sing N N 202 
HIS C   O    doub N N 203 
HIS C   OXT  sing N N 204 
HIS CB  CG   sing N N 205 
HIS CB  HB2  sing N N 206 
HIS CB  HB3  sing N N 207 
HIS CG  ND1  sing Y N 208 
HIS CG  CD2  doub Y N 209 
HIS ND1 CE1  doub Y N 210 
HIS ND1 HD1  sing N N 211 
HIS CD2 NE2  sing Y N 212 
HIS CD2 HD2  sing N N 213 
HIS CE1 NE2  sing Y N 214 
HIS CE1 HE1  sing N N 215 
HIS NE2 HE2  sing N N 216 
HIS OXT HXT  sing N N 217 
ILE N   CA   sing N N 218 
ILE N   H    sing N N 219 
ILE N   H2   sing N N 220 
ILE CA  C    sing N N 221 
ILE CA  CB   sing N N 222 
ILE CA  HA   sing N N 223 
ILE C   O    doub N N 224 
ILE C   OXT  sing N N 225 
ILE CB  CG1  sing N N 226 
ILE CB  CG2  sing N N 227 
ILE CB  HB   sing N N 228 
ILE CG1 CD1  sing N N 229 
ILE CG1 HG12 sing N N 230 
ILE CG1 HG13 sing N N 231 
ILE CG2 HG21 sing N N 232 
ILE CG2 HG22 sing N N 233 
ILE CG2 HG23 sing N N 234 
ILE CD1 HD11 sing N N 235 
ILE CD1 HD12 sing N N 236 
ILE CD1 HD13 sing N N 237 
ILE OXT HXT  sing N N 238 
LEU N   CA   sing N N 239 
LEU N   H    sing N N 240 
LEU N   H2   sing N N 241 
LEU CA  C    sing N N 242 
LEU CA  CB   sing N N 243 
LEU CA  HA   sing N N 244 
LEU C   O    doub N N 245 
LEU C   OXT  sing N N 246 
LEU CB  CG   sing N N 247 
LEU CB  HB2  sing N N 248 
LEU CB  HB3  sing N N 249 
LEU CG  CD1  sing N N 250 
LEU CG  CD2  sing N N 251 
LEU CG  HG   sing N N 252 
LEU CD1 HD11 sing N N 253 
LEU CD1 HD12 sing N N 254 
LEU CD1 HD13 sing N N 255 
LEU CD2 HD21 sing N N 256 
LEU CD2 HD22 sing N N 257 
LEU CD2 HD23 sing N N 258 
LEU OXT HXT  sing N N 259 
LYS N   CA   sing N N 260 
LYS N   H    sing N N 261 
LYS N   H2   sing N N 262 
LYS CA  C    sing N N 263 
LYS CA  CB   sing N N 264 
LYS CA  HA   sing N N 265 
LYS C   O    doub N N 266 
LYS C   OXT  sing N N 267 
LYS CB  CG   sing N N 268 
LYS CB  HB2  sing N N 269 
LYS CB  HB3  sing N N 270 
LYS CG  CD   sing N N 271 
LYS CG  HG2  sing N N 272 
LYS CG  HG3  sing N N 273 
LYS CD  CE   sing N N 274 
LYS CD  HD2  sing N N 275 
LYS CD  HD3  sing N N 276 
LYS CE  NZ   sing N N 277 
LYS CE  HE2  sing N N 278 
LYS CE  HE3  sing N N 279 
LYS NZ  HZ1  sing N N 280 
LYS NZ  HZ2  sing N N 281 
LYS NZ  HZ3  sing N N 282 
LYS OXT HXT  sing N N 283 
MET N   CA   sing N N 284 
MET N   H    sing N N 285 
MET N   H2   sing N N 286 
MET CA  C    sing N N 287 
MET CA  CB   sing N N 288 
MET CA  HA   sing N N 289 
MET C   O    doub N N 290 
MET C   OXT  sing N N 291 
MET CB  CG   sing N N 292 
MET CB  HB2  sing N N 293 
MET CB  HB3  sing N N 294 
MET CG  SD   sing N N 295 
MET CG  HG2  sing N N 296 
MET CG  HG3  sing N N 297 
MET SD  CE   sing N N 298 
MET CE  HE1  sing N N 299 
MET CE  HE2  sing N N 300 
MET CE  HE3  sing N N 301 
MET OXT HXT  sing N N 302 
PHE N   CA   sing N N 303 
PHE N   H    sing N N 304 
PHE N   H2   sing N N 305 
PHE CA  C    sing N N 306 
PHE CA  CB   sing N N 307 
PHE CA  HA   sing N N 308 
PHE C   O    doub N N 309 
PHE C   OXT  sing N N 310 
PHE CB  CG   sing N N 311 
PHE CB  HB2  sing N N 312 
PHE CB  HB3  sing N N 313 
PHE CG  CD1  doub Y N 314 
PHE CG  CD2  sing Y N 315 
PHE CD1 CE1  sing Y N 316 
PHE CD1 HD1  sing N N 317 
PHE CD2 CE2  doub Y N 318 
PHE CD2 HD2  sing N N 319 
PHE CE1 CZ   doub Y N 320 
PHE CE1 HE1  sing N N 321 
PHE CE2 CZ   sing Y N 322 
PHE CE2 HE2  sing N N 323 
PHE CZ  HZ   sing N N 324 
PHE OXT HXT  sing N N 325 
PRO N   CA   sing N N 326 
PRO N   CD   sing N N 327 
PRO N   H    sing N N 328 
PRO CA  C    sing N N 329 
PRO CA  CB   sing N N 330 
PRO CA  HA   sing N N 331 
PRO C   O    doub N N 332 
PRO C   OXT  sing N N 333 
PRO CB  CG   sing N N 334 
PRO CB  HB2  sing N N 335 
PRO CB  HB3  sing N N 336 
PRO CG  CD   sing N N 337 
PRO CG  HG2  sing N N 338 
PRO CG  HG3  sing N N 339 
PRO CD  HD2  sing N N 340 
PRO CD  HD3  sing N N 341 
PRO OXT HXT  sing N N 342 
SER N   CA   sing N N 343 
SER N   H    sing N N 344 
SER N   H2   sing N N 345 
SER CA  C    sing N N 346 
SER CA  CB   sing N N 347 
SER CA  HA   sing N N 348 
SER C   O    doub N N 349 
SER C   OXT  sing N N 350 
SER CB  OG   sing N N 351 
SER CB  HB2  sing N N 352 
SER CB  HB3  sing N N 353 
SER OG  HG   sing N N 354 
SER OXT HXT  sing N N 355 
THR N   CA   sing N N 356 
THR N   H    sing N N 357 
THR N   H2   sing N N 358 
THR CA  C    sing N N 359 
THR CA  CB   sing N N 360 
THR CA  HA   sing N N 361 
THR C   O    doub N N 362 
THR C   OXT  sing N N 363 
THR CB  OG1  sing N N 364 
THR CB  CG2  sing N N 365 
THR CB  HB   sing N N 366 
THR OG1 HG1  sing N N 367 
THR CG2 HG21 sing N N 368 
THR CG2 HG22 sing N N 369 
THR CG2 HG23 sing N N 370 
THR OXT HXT  sing N N 371 
TRP N   CA   sing N N 372 
TRP N   H    sing N N 373 
TRP N   H2   sing N N 374 
TRP CA  C    sing N N 375 
TRP CA  CB   sing N N 376 
TRP CA  HA   sing N N 377 
TRP C   O    doub N N 378 
TRP C   OXT  sing N N 379 
TRP CB  CG   sing N N 380 
TRP CB  HB2  sing N N 381 
TRP CB  HB3  sing N N 382 
TRP CG  CD1  doub Y N 383 
TRP CG  CD2  sing Y N 384 
TRP CD1 NE1  sing Y N 385 
TRP CD1 HD1  sing N N 386 
TRP CD2 CE2  doub Y N 387 
TRP CD2 CE3  sing Y N 388 
TRP NE1 CE2  sing Y N 389 
TRP NE1 HE1  sing N N 390 
TRP CE2 CZ2  sing Y N 391 
TRP CE3 CZ3  doub Y N 392 
TRP CE3 HE3  sing N N 393 
TRP CZ2 CH2  doub Y N 394 
TRP CZ2 HZ2  sing N N 395 
TRP CZ3 CH2  sing Y N 396 
TRP CZ3 HZ3  sing N N 397 
TRP CH2 HH2  sing N N 398 
TRP OXT HXT  sing N N 399 
TYR N   CA   sing N N 400 
TYR N   H    sing N N 401 
TYR N   H2   sing N N 402 
TYR CA  C    sing N N 403 
TYR CA  CB   sing N N 404 
TYR CA  HA   sing N N 405 
TYR C   O    doub N N 406 
TYR C   OXT  sing N N 407 
TYR CB  CG   sing N N 408 
TYR CB  HB2  sing N N 409 
TYR CB  HB3  sing N N 410 
TYR CG  CD1  doub Y N 411 
TYR CG  CD2  sing Y N 412 
TYR CD1 CE1  sing Y N 413 
TYR CD1 HD1  sing N N 414 
TYR CD2 CE2  doub Y N 415 
TYR CD2 HD2  sing N N 416 
TYR CE1 CZ   doub Y N 417 
TYR CE1 HE1  sing N N 418 
TYR CE2 CZ   sing Y N 419 
TYR CE2 HE2  sing N N 420 
TYR CZ  OH   sing N N 421 
TYR OH  HH   sing N N 422 
TYR OXT HXT  sing N N 423 
VAL N   CA   sing N N 424 
VAL N   H    sing N N 425 
VAL N   H2   sing N N 426 
VAL CA  C    sing N N 427 
VAL CA  CB   sing N N 428 
VAL CA  HA   sing N N 429 
VAL C   O    doub N N 430 
VAL C   OXT  sing N N 431 
VAL CB  CG1  sing N N 432 
VAL CB  CG2  sing N N 433 
VAL CB  HB   sing N N 434 
VAL CG1 HG11 sing N N 435 
VAL CG1 HG12 sing N N 436 
VAL CG1 HG13 sing N N 437 
VAL CG2 HG21 sing N N 438 
VAL CG2 HG22 sing N N 439 
VAL CG2 HG23 sing N N 440 
VAL OXT HXT  sing N N 441 
# 
_pdbx_initial_refinement_model.id               1 
_pdbx_initial_refinement_model.entity_id_list   ? 
_pdbx_initial_refinement_model.type             'experimental model' 
_pdbx_initial_refinement_model.source_name      PDB 
_pdbx_initial_refinement_model.accession_code   1QFO 
_pdbx_initial_refinement_model.details          'DOMAIN A OF PDB ENTRY 1QFO' 
# 
_atom_sites.entry_id                    1ODA 
_atom_sites.fract_transf_matrix[1][1]   0.01404192 
_atom_sites.fract_transf_matrix[1][2]   0.00482197 
_atom_sites.fract_transf_matrix[1][3]   0.00222781 
_atom_sites.fract_transf_matrix[2][1]   0.00166814 
_atom_sites.fract_transf_matrix[2][2]   0.00197486 
_atom_sites.fract_transf_matrix[2][3]   -0.01478876 
_atom_sites.fract_transf_matrix[3][1]   -0.00501748 
_atom_sites.fract_transf_matrix[3][2]   0.01400845 
_atom_sites.fract_transf_matrix[3][3]   0.00130470 
_atom_sites.fract_transf_vector[1]      0.877068 
_atom_sites.fract_transf_vector[2]      0.688115 
_atom_sites.fract_transf_vector[3]      0.296952 
# 
loop_
_atom_type.symbol 
C 
N 
O 
S 
# 
loop_
_atom_site.group_PDB 
_atom_site.id 
_atom_site.type_symbol 
_atom_site.label_atom_id 
_atom_site.label_alt_id 
_atom_site.label_comp_id 
_atom_site.label_asym_id 
_atom_site.label_entity_id 
_atom_site.label_seq_id 
_atom_site.pdbx_PDB_ins_code 
_atom_site.Cartn_x 
_atom_site.Cartn_y 
_atom_site.Cartn_z 
_atom_site.occupancy 
_atom_site.B_iso_or_equiv 
_atom_site.pdbx_formal_charge 
_atom_site.auth_seq_id 
_atom_site.auth_comp_id 
_atom_site.auth_asym_id 
_atom_site.auth_atom_id 
_atom_site.pdbx_PDB_model_num 
ATOM   1   N N   . THR A 1 1   ? -2.684  2.765   19.625  1.00 43.01  ? 1   THR A N   1 
ATOM   2   C CA  . THR A 1 1   ? -1.367  3.047   18.994  1.00 44.46  ? 1   THR A CA  1 
ATOM   3   C C   . THR A 1 1   ? -1.521  3.155   17.471  1.00 43.81  ? 1   THR A C   1 
ATOM   4   O O   . THR A 1 1   ? -2.039  2.242   16.825  1.00 44.21  ? 1   THR A O   1 
ATOM   5   C CB  . THR A 1 1   ? -0.343  1.928   19.364  1.00 46.65  ? 1   THR A CB  1 
ATOM   6   O OG1 . THR A 1 1   ? 0.937   2.231   18.796  1.00 45.35  ? 1   THR A OG1 1 
ATOM   7   C CG2 . THR A 1 1   ? -0.822  0.562   18.865  1.00 47.21  ? 1   THR A CG2 1 
ATOM   8   N N   . TRP A 1 2   ? -1.094  4.286   16.907  1.00 42.31  ? 2   TRP A N   1 
ATOM   9   C CA  . TRP A 1 2   ? -1.159  4.523   15.457  1.00 38.83  ? 2   TRP A CA  1 
ATOM   10  C C   . TRP A 1 2   ? 0.081   3.957   14.772  1.00 37.73  ? 2   TRP A C   1 
ATOM   11  O O   . TRP A 1 2   ? 1.192   4.220   15.223  1.00 43.57  ? 2   TRP A O   1 
ATOM   12  C CB  . TRP A 1 2   ? -1.205  6.029   15.134  1.00 30.72  ? 2   TRP A CB  1 
ATOM   13  C CG  . TRP A 1 2   ? -2.525  6.687   15.330  1.00 24.05  ? 2   TRP A CG  1 
ATOM   14  C CD1 . TRP A 1 2   ? -3.007  7.230   16.479  1.00 24.78  ? 2   TRP A CD1 1 
ATOM   15  C CD2 . TRP A 1 2   ? -3.551  6.851   14.347  1.00 22.03  ? 2   TRP A CD2 1 
ATOM   16  N NE1 . TRP A 1 2   ? -4.275  7.721   16.278  1.00 22.59  ? 2   TRP A NE1 1 
ATOM   17  C CE2 . TRP A 1 2   ? -4.633  7.499   14.976  1.00 21.23  ? 2   TRP A CE2 1 
ATOM   18  C CE3 . TRP A 1 2   ? -3.663  6.504   12.995  1.00 24.73  ? 2   TRP A CE3 1 
ATOM   19  C CZ2 . TRP A 1 2   ? -5.812  7.816   14.302  1.00 21.14  ? 2   TRP A CZ2 1 
ATOM   20  C CZ3 . TRP A 1 2   ? -4.834  6.819   12.323  1.00 26.83  ? 2   TRP A CZ3 1 
ATOM   21  C CH2 . TRP A 1 2   ? -5.894  7.466   12.980  1.00 25.81  ? 2   TRP A CH2 1 
ATOM   22  N N   . GLY A 1 3   ? -0.092  3.203   13.684  1.00 35.68  ? 3   GLY A N   1 
ATOM   23  C CA  . GLY A 1 3   ? 1.067   2.662   12.984  1.00 29.34  ? 3   GLY A CA  1 
ATOM   24  C C   . GLY A 1 3   ? 0.792   1.642   11.895  1.00 28.31  ? 3   GLY A C   1 
ATOM   25  O O   . GLY A 1 3   ? -0.217  0.944   11.937  1.00 28.24  ? 3   GLY A O   1 
ATOM   26  N N   . VAL A 1 4   ? 1.692   1.557   10.917  1.00 26.69  ? 4   VAL A N   1 
ATOM   27  C CA  . VAL A 1 4   ? 1.546   0.601   9.820   1.00 26.33  ? 4   VAL A CA  1 
ATOM   28  C C   . VAL A 1 4   ? 2.768   -0.311  9.711   1.00 29.30  ? 4   VAL A C   1 
ATOM   29  O O   . VAL A 1 4   ? 3.776   0.035   9.090   1.00 32.86  ? 4   VAL A O   1 
ATOM   30  C CB  . VAL A 1 4   ? 1.361   1.301   8.454   1.00 25.02  ? 4   VAL A CB  1 
ATOM   31  C CG1 . VAL A 1 4   ? 1.070   0.256   7.372   1.00 10.34  ? 4   VAL A CG1 1 
ATOM   32  C CG2 . VAL A 1 4   ? 0.250   2.340   8.538   1.00 12.84  ? 4   VAL A CG2 1 
ATOM   33  N N   . SER A 1 5   ? 2.673   -1.484  10.319  1.00 30.19  ? 5   SER A N   1 
ATOM   34  C CA  . SER A 1 5   ? 3.765   -2.437  10.279  1.00 23.85  ? 5   SER A CA  1 
ATOM   35  C C   . SER A 1 5   ? 3.758   -3.187  8.950   1.00 21.39  ? 5   SER A C   1 
ATOM   36  O O   . SER A 1 5   ? 2.722   -3.698  8.509   1.00 10.72  ? 5   SER A O   1 
ATOM   37  C CB  . SER A 1 5   ? 3.642   -3.421  11.443  1.00 24.94  ? 5   SER A CB  1 
ATOM   38  O OG  . SER A 1 5   ? 4.846   -4.150  11.613  1.00 37.23  ? 5   SER A OG  1 
ATOM   39  N N   . SER A 1 6   ? 4.917   -3.236  8.305   1.00 17.69  ? 6   SER A N   1 
ATOM   40  C CA  . SER A 1 6   ? 5.041   -3.934  7.034   1.00 24.18  ? 6   SER A CA  1 
ATOM   41  C C   . SER A 1 6   ? 6.514   -4.060  6.666   1.00 27.55  ? 6   SER A C   1 
ATOM   42  O O   . SER A 1 6   ? 7.282   -3.111  6.864   1.00 26.72  ? 6   SER A O   1 
ATOM   43  C CB  . SER A 1 6   ? 4.288   -3.185  5.929   1.00 21.67  ? 6   SER A CB  1 
ATOM   44  O OG  . SER A 1 6   ? 4.913   -1.953  5.627   1.00 17.60  ? 6   SER A OG  1 
ATOM   45  N N   . PRO A 1 7   ? 6.919   -5.234  6.115   1.00 30.75  ? 7   PRO A N   1 
ATOM   46  C CA  . PRO A 1 7   ? 8.275   -5.601  5.680   1.00 26.74  ? 7   PRO A CA  1 
ATOM   47  C C   . PRO A 1 7   ? 9.096   -4.471  5.086   1.00 25.42  ? 7   PRO A C   1 
ATOM   48  O O   . PRO A 1 7   ? 8.602   -3.674  4.294   1.00 27.62  ? 7   PRO A O   1 
ATOM   49  C CB  . PRO A 1 7   ? 8.032   -6.735  4.679   1.00 27.30  ? 7   PRO A CB  1 
ATOM   50  C CG  . PRO A 1 7   ? 6.555   -6.637  4.348   1.00 24.47  ? 7   PRO A CG  1 
ATOM   51  C CD  . PRO A 1 7   ? 5.966   -6.259  5.663   1.00 26.87  ? 7   PRO A CD  1 
ATOM   52  N N   . LYS A 1 8   ? 10.364  -4.414  5.472   1.00 30.06  ? 8   LYS A N   1 
ATOM   53  C CA  . LYS A 1 8   ? 11.250  -3.361  5.003   1.00 35.03  ? 8   LYS A CA  1 
ATOM   54  C C   . LYS A 1 8   ? 11.604  -3.573  3.548   1.00 33.87  ? 8   LYS A C   1 
ATOM   55  O O   . LYS A 1 8   ? 11.417  -2.678  2.723   1.00 37.14  ? 8   LYS A O   1 
ATOM   56  C CB  . LYS A 1 8   ? 12.524  -3.335  5.854   1.00 35.38  ? 8   LYS A CB  1 
ATOM   57  C CG  . LYS A 1 8   ? 13.244  -1.998  5.880   1.00 41.12  ? 8   LYS A CG  1 
ATOM   58  C CD  . LYS A 1 8   ? 14.114  -1.903  7.136   1.00 54.31  ? 8   LYS A CD  1 
ATOM   59  C CE  . LYS A 1 8   ? 14.682  -0.503  7.355   1.00 55.69  ? 8   LYS A CE  1 
ATOM   60  N NZ  . LYS A 1 8   ? 15.376  -0.385  8.675   1.00 49.15  ? 8   LYS A NZ  1 
ATOM   61  N N   . ASN A 1 9   ? 12.093  -4.772  3.240   1.00 35.79  ? 9   ASN A N   1 
ATOM   62  C CA  . ASN A 1 9   ? 12.504  -5.107  1.886   1.00 33.32  ? 9   ASN A CA  1 
ATOM   63  C C   . ASN A 1 9   ? 11.822  -6.338  1.364   1.00 30.84  ? 9   ASN A C   1 
ATOM   64  O O   . ASN A 1 9   ? 11.526  -7.265  2.118   1.00 26.81  ? 9   ASN A O   1 
ATOM   65  C CB  . ASN A 1 9   ? 14.007  -5.305  1.856   1.00 38.87  ? 9   ASN A CB  1 
ATOM   66  C CG  . ASN A 1 9   ? 14.744  -4.058  2.262   1.00 45.69  ? 9   ASN A CG  1 
ATOM   67  O OD1 . ASN A 1 9   ? 14.911  -3.137  1.458   1.00 49.35  ? 9   ASN A OD1 1 
ATOM   68  N ND2 . ASN A 1 9   ? 15.163  -3.999  3.524   1.00 37.08  ? 9   ASN A ND2 1 
ATOM   69  N N   . VAL A 1 10  ? 11.588  -6.343  0.058   1.00 31.32  ? 10  VAL A N   1 
ATOM   70  C CA  . VAL A 1 10  ? 10.916  -7.463  -0.576  1.00 37.64  ? 10  VAL A CA  1 
ATOM   71  C C   . VAL A 1 10  ? 11.531  -7.876  -1.910  1.00 41.86  ? 10  VAL A C   1 
ATOM   72  O O   . VAL A 1 10  ? 11.833  -7.033  -2.764  1.00 40.90  ? 10  VAL A O   1 
ATOM   73  C CB  . VAL A 1 10  ? 9.442   -7.140  -0.805  1.00 28.85  ? 10  VAL A CB  1 
ATOM   74  C CG1 . VAL A 1 10  ? 8.731   -8.360  -1.320  1.00 36.17  ? 10  VAL A CG1 1 
ATOM   75  C CG2 . VAL A 1 10  ? 8.812   -6.670  0.478   1.00 28.72  ? 10  VAL A CG2 1 
ATOM   76  N N   . GLN A 1 11  ? 11.701  -9.183  -2.085  1.00 45.41  ? 11  GLN A N   1 
ATOM   77  C CA  . GLN A 1 11  ? 12.280  -9.712  -3.313  1.00 49.36  ? 11  GLN A CA  1 
ATOM   78  C C   . GLN A 1 11  ? 11.212  -10.152 -4.290  1.00 51.53  ? 11  GLN A C   1 
ATOM   79  O O   . GLN A 1 11  ? 10.299  -10.896 -3.930  1.00 48.84  ? 11  GLN A O   1 
ATOM   80  C CB  . GLN A 1 11  ? 13.219  -10.887 -3.003  1.00 51.85  ? 11  GLN A CB  1 
ATOM   81  C CG  . GLN A 1 11  ? 14.409  -10.477 -2.159  1.00 56.49  ? 11  GLN A CG  1 
ATOM   82  C CD  . GLN A 1 11  ? 14.881  -9.072  -2.508  1.00 64.35  ? 11  GLN A CD  1 
ATOM   83  O OE1 . GLN A 1 11  ? 15.237  -8.791  -3.653  1.00 62.00  ? 11  GLN A OE1 1 
ATOM   84  N NE2 . GLN A 1 11  ? 14.872  -8.179  -1.521  1.00 64.88  ? 11  GLN A NE2 1 
ATOM   85  N N   . GLY A 1 12  ? 11.336  -9.682  -5.531  1.00 57.56  ? 12  GLY A N   1 
ATOM   86  C CA  . GLY A 1 12  ? 10.379  -10.027 -6.573  1.00 63.32  ? 12  GLY A CA  1 
ATOM   87  C C   . GLY A 1 12  ? 10.970  -10.271 -7.960  1.00 66.01  ? 12  GLY A C   1 
ATOM   88  O O   . GLY A 1 12  ? 11.785  -9.486  -8.456  1.00 64.49  ? 12  GLY A O   1 
ATOM   89  N N   . LEU A 1 13  ? 10.549  -11.363 -8.598  1.00 68.25  ? 13  LEU A N   1 
ATOM   90  C CA  . LEU A 1 13  ? 11.039  -11.725 -9.928  1.00 68.90  ? 13  LEU A CA  1 
ATOM   91  C C   . LEU A 1 13  ? 10.111  -11.287 -11.060 1.00 67.93  ? 13  LEU A C   1 
ATOM   92  O O   . LEU A 1 13  ? 8.950   -11.696 -11.125 1.00 71.26  ? 13  LEU A O   1 
ATOM   93  C CB  . LEU A 1 13  ? 11.262  -13.234 -10.011 1.00 66.94  ? 13  LEU A CB  1 
ATOM   94  C CG  . LEU A 1 13  ? 12.437  -13.767 -9.192  1.00 69.67  ? 13  LEU A CG  1 
ATOM   95  C CD1 . LEU A 1 13  ? 12.460  -15.280 -9.279  1.00 72.31  ? 13  LEU A CD1 1 
ATOM   96  C CD2 . LEU A 1 13  ? 13.742  -13.172 -9.708  1.00 65.53  ? 13  LEU A CD2 1 
ATOM   97  N N   . SER A 1 14  ? 10.654  -10.464 -11.955 1.00 66.10  ? 14  SER A N   1 
ATOM   98  C CA  . SER A 1 14  ? 9.938   -9.915  -13.105 1.00 58.40  ? 14  SER A CA  1 
ATOM   99  C C   . SER A 1 14  ? 8.783   -10.771 -13.639 1.00 56.24  ? 14  SER A C   1 
ATOM   100 O O   . SER A 1 14  ? 8.861   -11.998 -13.678 1.00 51.54  ? 14  SER A O   1 
ATOM   101 C CB  . SER A 1 14  ? 10.939  -9.634  -14.235 1.00 59.82  ? 14  SER A CB  1 
ATOM   102 O OG  . SER A 1 14  ? 10.611  -8.445  -14.928 1.00 55.39  ? 14  SER A OG  1 
ATOM   103 N N   . GLY A 1 15  ? 7.705   -10.105 -14.038 1.00 54.58  ? 15  GLY A N   1 
ATOM   104 C CA  . GLY A 1 15  ? 6.555   -10.801 -14.585 1.00 59.06  ? 15  GLY A CA  1 
ATOM   105 C C   . GLY A 1 15  ? 5.742   -11.674 -13.644 1.00 61.33  ? 15  GLY A C   1 
ATOM   106 O O   . GLY A 1 15  ? 4.683   -12.179 -14.031 1.00 62.07  ? 15  GLY A O   1 
ATOM   107 N N   . SER A 1 16  ? 6.217   -11.868 -12.418 1.00 62.87  ? 16  SER A N   1 
ATOM   108 C CA  . SER A 1 16  ? 5.482   -12.693 -11.461 1.00 65.28  ? 16  SER A CA  1 
ATOM   109 C C   . SER A 1 16  ? 4.698   -11.819 -10.482 1.00 65.47  ? 16  SER A C   1 
ATOM   110 O O   . SER A 1 16  ? 4.856   -10.596 -10.472 1.00 66.70  ? 16  SER A O   1 
ATOM   111 C CB  . SER A 1 16  ? 6.444   -13.601 -10.691 1.00 63.99  ? 16  SER A CB  1 
ATOM   112 O OG  . SER A 1 16  ? 5.734   -14.631 -10.026 1.00 70.49  ? 16  SER A OG  1 
ATOM   113 N N   . CYS A 1 17  ? 3.841   -12.445 -9.674  1.00 64.19  ? 17  CYS A N   1 
ATOM   114 C CA  . CYS A 1 17  ? 3.045   -11.708 -8.692  1.00 63.33  ? 17  CYS A CA  1 
ATOM   115 C C   . CYS A 1 17  ? 3.698   -11.709 -7.307  1.00 60.42  ? 17  CYS A C   1 
ATOM   116 O O   . CYS A 1 17  ? 4.285   -12.702 -6.880  1.00 63.15  ? 17  CYS A O   1 
ATOM   117 C CB  . CYS A 1 17  ? 1.608   -12.263 -8.616  1.00 63.76  ? 17  CYS A CB  1 
ATOM   118 S SG  . CYS A 1 17  ? 1.331   -13.941 -9.277  1.00 71.79  ? 17  CYS A SG  1 
ATOM   119 N N   . LEU A 1 18  ? 3.592   -10.579 -6.618  1.00 55.56  ? 18  LEU A N   1 
ATOM   120 C CA  . LEU A 1 18  ? 4.178   -10.406 -5.295  1.00 49.07  ? 18  LEU A CA  1 
ATOM   121 C C   . LEU A 1 18  ? 3.108   -9.969  -4.310  1.00 49.47  ? 18  LEU A C   1 
ATOM   122 O O   . LEU A 1 18  ? 2.239   -9.173  -4.660  1.00 55.89  ? 18  LEU A O   1 
ATOM   123 C CB  . LEU A 1 18  ? 5.259   -9.336  -5.363  1.00 40.12  ? 18  LEU A CB  1 
ATOM   124 C CG  . LEU A 1 18  ? 5.920   -8.941  -4.054  1.00 37.23  ? 18  LEU A CG  1 
ATOM   125 C CD1 . LEU A 1 18  ? 6.652   -10.140 -3.490  1.00 48.37  ? 18  LEU A CD1 1 
ATOM   126 C CD2 . LEU A 1 18  ? 6.877   -7.790  -4.299  1.00 34.99  ? 18  LEU A CD2 1 
ATOM   127 N N   . LEU A 1 19  ? 3.152   -10.489 -3.086  1.00 47.73  ? 19  LEU A N   1 
ATOM   128 C CA  . LEU A 1 19  ? 2.164   -10.093 -2.083  1.00 43.26  ? 19  LEU A CA  1 
ATOM   129 C C   . LEU A 1 19  ? 2.910   -9.455  -0.940  1.00 37.43  ? 19  LEU A C   1 
ATOM   130 O O   . LEU A 1 19  ? 3.936   -9.962  -0.507  1.00 35.88  ? 19  LEU A O   1 
ATOM   131 C CB  . LEU A 1 19  ? 1.367   -11.292 -1.554  1.00 43.16  ? 19  LEU A CB  1 
ATOM   132 C CG  . LEU A 1 19  ? -0.039  -10.960 -1.025  1.00 39.24  ? 19  LEU A CG  1 
ATOM   133 C CD1 . LEU A 1 19  ? -0.709  -12.231 -0.583  1.00 48.23  ? 19  LEU A CD1 1 
ATOM   134 C CD2 . LEU A 1 19  ? 0.019   -9.974  0.123   1.00 37.39  ? 19  LEU A CD2 1 
ATOM   135 N N   . ILE A 1 20  ? 2.401   -8.334  -0.457  1.00 33.02  ? 20  ILE A N   1 
ATOM   136 C CA  . ILE A 1 20  ? 3.055   -7.658  0.642   1.00 29.95  ? 20  ILE A CA  1 
ATOM   137 C C   . ILE A 1 20  ? 2.206   -7.709  1.906   1.00 26.49  ? 20  ILE A C   1 
ATOM   138 O O   . ILE A 1 20  ? 1.114   -7.140  1.967   1.00 26.20  ? 20  ILE A O   1 
ATOM   139 C CB  . ILE A 1 20  ? 3.396   -6.187  0.273   1.00 22.59  ? 20  ILE A CB  1 
ATOM   140 C CG1 . ILE A 1 20  ? 4.373   -6.180  -0.902  1.00 16.04  ? 20  ILE A CG1 1 
ATOM   141 C CG2 . ILE A 1 20  ? 4.024   -5.462  1.462   1.00 9.68   ? 20  ILE A CG2 1 
ATOM   142 C CD1 . ILE A 1 20  ? 4.986   -4.832  -1.180  1.00 23.30  ? 20  ILE A CD1 1 
ATOM   143 N N   . PRO A 1 21  ? 2.694   -8.428  2.928   1.00 19.60  ? 21  PRO A N   1 
ATOM   144 C CA  . PRO A 1 21  ? 1.980   -8.548  4.195   1.00 24.36  ? 21  PRO A CA  1 
ATOM   145 C C   . PRO A 1 21  ? 1.997   -7.177  4.837   1.00 24.31  ? 21  PRO A C   1 
ATOM   146 O O   . PRO A 1 21  ? 3.041   -6.536  4.953   1.00 25.95  ? 21  PRO A O   1 
ATOM   147 C CB  . PRO A 1 21  ? 2.818   -9.553  4.964   1.00 18.31  ? 21  PRO A CB  1 
ATOM   148 C CG  . PRO A 1 21  ? 4.192   -9.213  4.512   1.00 21.70  ? 21  PRO A CG  1 
ATOM   149 C CD  . PRO A 1 21  ? 4.011   -9.075  3.020   1.00 18.03  ? 21  PRO A CD  1 
ATOM   150 N N   . CYS A 1 22  ? 0.837   -6.718  5.251   1.00 19.62  ? 22  CYS A N   1 
ATOM   151 C CA  . CYS A 1 22  ? 0.770   -5.418  5.842   1.00 20.26  ? 22  CYS A CA  1 
ATOM   152 C C   . CYS A 1 22  ? -0.224  -5.532  6.965   1.00 21.33  ? 22  CYS A C   1 
ATOM   153 O O   . CYS A 1 22  ? -1.119  -6.370  6.928   1.00 17.64  ? 22  CYS A O   1 
ATOM   154 C CB  . CYS A 1 22  ? 0.308   -4.433  4.771   1.00 30.29  ? 22  CYS A CB  1 
ATOM   155 S SG  . CYS A 1 22  ? 0.067   -2.699  5.268   1.00 34.80  ? 22  CYS A SG  1 
ATOM   156 N N   . ILE A 1 23  ? -0.052  -4.696  7.976   1.00 18.74  ? 23  ILE A N   1 
ATOM   157 C CA  . ILE A 1 23  ? -0.943  -4.704  9.117   1.00 16.19  ? 23  ILE A CA  1 
ATOM   158 C C   . ILE A 1 23  ? -0.799  -3.328  9.738   1.00 18.81  ? 23  ILE A C   1 
ATOM   159 O O   . ILE A 1 23  ? 0.314   -2.835  9.872   1.00 28.52  ? 23  ILE A O   1 
ATOM   160 C CB  . ILE A 1 23  ? -0.532  -5.841  10.085  1.00 14.75  ? 23  ILE A CB  1 
ATOM   161 C CG1 . ILE A 1 23  ? -1.766  -6.659  10.419  1.00 13.07  ? 23  ILE A CG1 1 
ATOM   162 C CG2 . ILE A 1 23  ? 0.158   -5.307  11.346  1.00 7.95   ? 23  ILE A CG2 1 
ATOM   163 C CD1 . ILE A 1 23  ? -1.424  -7.954  11.043  1.00 28.35  ? 23  ILE A CD1 1 
ATOM   164 N N   . PHE A 1 24  ? -1.909  -2.685  10.079  1.00 17.73  ? 24  PHE A N   1 
ATOM   165 C CA  . PHE A 1 24  ? -1.831  -1.352  10.666  1.00 19.29  ? 24  PHE A CA  1 
ATOM   166 C C   . PHE A 1 24  ? -2.698  -1.252  11.904  1.00 21.71  ? 24  PHE A C   1 
ATOM   167 O O   . PHE A 1 24  ? -3.605  -2.062  12.091  1.00 29.01  ? 24  PHE A O   1 
ATOM   168 C CB  . PHE A 1 24  ? -2.269  -0.288  9.654   1.00 21.74  ? 24  PHE A CB  1 
ATOM   169 C CG  . PHE A 1 24  ? -3.710  -0.390  9.251   1.00 15.45  ? 24  PHE A CG  1 
ATOM   170 C CD1 . PHE A 1 24  ? -4.145  -1.426  8.432   1.00 18.19  ? 24  PHE A CD1 1 
ATOM   171 C CD2 . PHE A 1 24  ? -4.641  0.507   9.741   1.00 8.19   ? 24  PHE A CD2 1 
ATOM   172 C CE1 . PHE A 1 24  ? -5.491  -1.570  8.115   1.00 13.86  ? 24  PHE A CE1 1 
ATOM   173 C CE2 . PHE A 1 24  ? -5.979  0.369   9.431   1.00 8.30   ? 24  PHE A CE2 1 
ATOM   174 C CZ  . PHE A 1 24  ? -6.407  -0.672  8.618   1.00 9.12   ? 24  PHE A CZ  1 
ATOM   175 N N   . SER A 1 25  ? -2.428  -0.249  12.738  1.00 24.25  ? 25  SER A N   1 
ATOM   176 C CA  . SER A 1 25  ? -3.184  -0.066  13.974  1.00 23.78  ? 25  SER A CA  1 
ATOM   177 C C   . SER A 1 25  ? -3.437  1.379   14.358  1.00 26.30  ? 25  SER A C   1 
ATOM   178 O O   . SER A 1 25  ? -2.771  2.301   13.890  1.00 24.21  ? 25  SER A O   1 
ATOM   179 C CB  . SER A 1 25  ? -2.469  -0.754  15.148  1.00 25.45  ? 25  SER A CB  1 
ATOM   180 O OG  . SER A 1 25  ? -1.264  -0.082  15.502  1.00 25.84  ? 25  SER A OG  1 
ATOM   181 N N   . TYR A 1 26  ? -4.420  1.549   15.232  1.00 22.87  ? 26  TYR A N   1 
ATOM   182 C CA  . TYR A 1 26  ? -4.788  2.845   15.755  1.00 21.03  ? 26  TYR A CA  1 
ATOM   183 C C   . TYR A 1 26  ? -5.550  2.607   17.049  1.00 27.46  ? 26  TYR A C   1 
ATOM   184 O O   . TYR A 1 26  ? -6.052  1.504   17.292  1.00 30.84  ? 26  TYR A O   1 
ATOM   185 C CB  . TYR A 1 26  ? -5.661  3.613   14.775  1.00 11.04  ? 26  TYR A CB  1 
ATOM   186 C CG  . TYR A 1 26  ? -6.955  2.939   14.423  1.00 13.40  ? 26  TYR A CG  1 
ATOM   187 C CD1 . TYR A 1 26  ? -7.037  2.099   13.318  1.00 21.61  ? 26  TYR A CD1 1 
ATOM   188 C CD2 . TYR A 1 26  ? -8.116  3.180   15.159  1.00 23.37  ? 26  TYR A CD2 1 
ATOM   189 C CE1 . TYR A 1 26  ? -8.243  1.516   12.936  1.00 26.75  ? 26  TYR A CE1 1 
ATOM   190 C CE2 . TYR A 1 26  ? -9.336  2.599   14.791  1.00 33.62  ? 26  TYR A CE2 1 
ATOM   191 C CZ  . TYR A 1 26  ? -9.386  1.770   13.672  1.00 33.87  ? 26  TYR A CZ  1 
ATOM   192 O OH  . TYR A 1 26  ? -10.569 1.202   13.269  1.00 40.32  ? 26  TYR A OH  1 
ATOM   193 N N   . PRO A 1 27  ? -5.626  3.638   17.906  1.00 30.65  ? 27  PRO A N   1 
ATOM   194 C CA  . PRO A 1 27  ? -6.303  3.648   19.208  1.00 29.16  ? 27  PRO A CA  1 
ATOM   195 C C   . PRO A 1 27  ? -7.764  3.220   19.162  1.00 30.98  ? 27  PRO A C   1 
ATOM   196 O O   . PRO A 1 27  ? -8.562  3.760   18.388  1.00 23.33  ? 27  PRO A O   1 
ATOM   197 C CB  . PRO A 1 27  ? -6.147  5.091   19.658  1.00 30.23  ? 27  PRO A CB  1 
ATOM   198 C CG  . PRO A 1 27  ? -4.815  5.462   19.083  1.00 33.59  ? 27  PRO A CG  1 
ATOM   199 C CD  . PRO A 1 27  ? -4.892  4.898   17.694  1.00 28.79  ? 27  PRO A CD  1 
ATOM   200 N N   . ALA A 1 28  ? -8.109  2.257   20.010  1.00 31.25  ? 28  ALA A N   1 
ATOM   201 C CA  . ALA A 1 28  ? -9.469  1.737   20.076  1.00 31.99  ? 28  ALA A CA  1 
ATOM   202 C C   . ALA A 1 28  ? -10.522 2.814   20.352  1.00 34.97  ? 28  ALA A C   1 
ATOM   203 O O   . ALA A 1 28  ? -11.712 2.571   20.142  1.00 41.22  ? 28  ALA A O   1 
ATOM   204 C CB  . ALA A 1 28  ? -9.553  0.655   21.142  1.00 18.00  ? 28  ALA A CB  1 
ATOM   205 N N   . ASP A 1 29  ? -10.088 3.994   20.807  1.00 37.31  ? 29  ASP A N   1 
ATOM   206 C CA  . ASP A 1 29  ? -11.007 5.090   21.147  1.00 35.11  ? 29  ASP A CA  1 
ATOM   207 C C   . ASP A 1 29  ? -11.398 5.974   19.973  1.00 32.15  ? 29  ASP A C   1 
ATOM   208 O O   . ASP A 1 29  ? -12.239 6.862   20.108  1.00 29.46  ? 29  ASP A O   1 
ATOM   209 C CB  . ASP A 1 29  ? -10.411 5.962   22.261  1.00 47.33  ? 29  ASP A CB  1 
ATOM   210 C CG  . ASP A 1 29  ? -9.412  6.975   21.740  1.00 61.92  ? 29  ASP A CG  1 
ATOM   211 O OD1 . ASP A 1 29  ? -8.622  6.617   20.840  1.00 72.04  ? 29  ASP A OD1 1 
ATOM   212 O OD2 . ASP A 1 29  ? -9.408  8.124   22.236  1.00 67.32  ? 29  ASP A OD2 1 
ATOM   213 N N   . VAL A 1 30  ? -10.780 5.731   18.827  1.00 29.01  ? 30  VAL A N   1 
ATOM   214 C CA  . VAL A 1 30  ? -11.082 6.495   17.629  1.00 27.45  ? 30  VAL A CA  1 
ATOM   215 C C   . VAL A 1 30  ? -12.370 5.993   17.016  1.00 27.45  ? 30  VAL A C   1 
ATOM   216 O O   . VAL A 1 30  ? -12.460 4.830   16.616  1.00 27.48  ? 30  VAL A O   1 
ATOM   217 C CB  . VAL A 1 30  ? -10.000 6.331   16.583  1.00 28.79  ? 30  VAL A CB  1 
ATOM   218 C CG1 . VAL A 1 30  ? -10.490 6.871   15.265  1.00 23.07  ? 30  VAL A CG1 1 
ATOM   219 C CG2 . VAL A 1 30  ? -8.747  7.042   17.024  1.00 37.41  ? 30  VAL A CG2 1 
ATOM   220 N N   . PRO A 1 31  ? -13.388 6.863   16.929  1.00 28.90  ? 31  PRO A N   1 
ATOM   221 C CA  . PRO A 1 31  ? -14.688 6.503   16.351  1.00 32.10  ? 31  PRO A CA  1 
ATOM   222 C C   . PRO A 1 31  ? -14.597 6.278   14.840  1.00 31.56  ? 31  PRO A C   1 
ATOM   223 O O   . PRO A 1 31  ? -13.634 6.709   14.209  1.00 31.70  ? 31  PRO A O   1 
ATOM   224 C CB  . PRO A 1 31  ? -15.572 7.694   16.726  1.00 25.25  ? 31  PRO A CB  1 
ATOM   225 C CG  . PRO A 1 31  ? -14.611 8.822   16.759  1.00 27.50  ? 31  PRO A CG  1 
ATOM   226 C CD  . PRO A 1 31  ? -13.422 8.232   17.471  1.00 26.84  ? 31  PRO A CD  1 
ATOM   227 N N   . VAL A 1 32  ? -15.588 5.598   14.266  1.00 33.67  ? 32  VAL A N   1 
ATOM   228 C CA  . VAL A 1 32  ? -15.585 5.339   12.829  1.00 39.24  ? 32  VAL A CA  1 
ATOM   229 C C   . VAL A 1 32  ? -16.901 5.719   12.132  1.00 37.05  ? 32  VAL A C   1 
ATOM   230 O O   . VAL A 1 32  ? -17.682 4.867   11.714  1.00 32.27  ? 32  VAL A O   1 
ATOM   231 C CB  . VAL A 1 32  ? -15.252 3.858   12.538  1.00 47.36  ? 32  VAL A CB  1 
ATOM   232 C CG1 . VAL A 1 32  ? -15.181 3.624   11.030  1.00 49.04  ? 32  VAL A CG1 1 
ATOM   233 C CG2 . VAL A 1 32  ? -13.923 3.490   13.196  1.00 46.53  ? 32  VAL A CG2 1 
ATOM   234 N N   . GLY A 1 35  ? -16.314 5.215   7.758   1.00 22.78  ? 35  GLY A N   1 
ATOM   235 C CA  . GLY A 1 35  ? -15.552 4.052   7.322   1.00 31.16  ? 35  GLY A CA  1 
ATOM   236 C C   . GLY A 1 35  ? -14.047 4.265   7.189   1.00 29.38  ? 35  GLY A C   1 
ATOM   237 O O   . GLY A 1 35  ? -13.552 5.344   7.507   1.00 33.12  ? 35  GLY A O   1 
ATOM   238 N N   . ILE A 1 36  ? -13.317 3.244   6.723   1.00 27.71  ? 36  ILE A N   1 
ATOM   239 C CA  . ILE A 1 36  ? -11.854 3.323   6.542   1.00 20.39  ? 36  ILE A CA  1 
ATOM   240 C C   . ILE A 1 36  ? -11.381 3.328   5.081   1.00 16.41  ? 36  ILE A C   1 
ATOM   241 O O   . ILE A 1 36  ? -11.758 2.452   4.299   1.00 21.97  ? 36  ILE A O   1 
ATOM   242 C CB  . ILE A 1 36  ? -11.121 2.148   7.208   1.00 16.41  ? 36  ILE A CB  1 
ATOM   243 C CG1 . ILE A 1 36  ? -11.323 2.178   8.717   1.00 27.70  ? 36  ILE A CG1 1 
ATOM   244 C CG2 . ILE A 1 36  ? -9.643  2.242   6.906   1.00 30.23  ? 36  ILE A CG2 1 
ATOM   245 C CD1 . ILE A 1 36  ? -10.371 1.268   9.487   1.00 23.39  ? 36  ILE A CD1 1 
ATOM   246 N N   . THR A 1 37  ? -10.529 4.287   4.725   1.00 10.18  ? 37  THR A N   1 
ATOM   247 C CA  . THR A 1 37  ? -10.014 4.388   3.359   1.00 9.66   ? 37  THR A CA  1 
ATOM   248 C C   . THR A 1 37  ? -8.588  3.881   3.299   1.00 8.85   ? 37  THR A C   1 
ATOM   249 O O   . THR A 1 37  ? -7.780  4.225   4.148   1.00 8.47   ? 37  THR A O   1 
ATOM   250 C CB  . THR A 1 37  ? -9.988  5.838   2.868   1.00 9.98   ? 37  THR A CB  1 
ATOM   251 O OG1 . THR A 1 37  ? -11.245 6.463   3.140   1.00 18.25  ? 37  THR A OG1 1 
ATOM   252 C CG2 . THR A 1 37  ? -9.734  5.879   1.385   1.00 8.26   ? 37  THR A CG2 1 
ATOM   253 N N   . ALA A 1 38  ? -8.277  3.081   2.283   1.00 8.60   ? 38  ALA A N   1 
ATOM   254 C CA  . ALA A 1 38  ? -6.935  2.521   2.112   1.00 11.98  ? 38  ALA A CA  1 
ATOM   255 C C   . ALA A 1 38  ? -6.252  3.143   0.898   1.00 8.22   ? 38  ALA A C   1 
ATOM   256 O O   . ALA A 1 38  ? -6.902  3.446   -0.088  1.00 18.31  ? 38  ALA A O   1 
ATOM   257 C CB  . ALA A 1 38  ? -7.025  0.995   1.947   1.00 7.76   ? 38  ALA A CB  1 
ATOM   258 N N   . ILE A 1 39  ? -4.945  3.347   0.958   1.00 8.22   ? 39  ILE A N   1 
ATOM   259 C CA  . ILE A 1 39  ? -4.240  3.926   -0.182  1.00 9.09   ? 39  ILE A CA  1 
ATOM   260 C C   . ILE A 1 39  ? -2.789  3.497   -0.177  1.00 11.76  ? 39  ILE A C   1 
ATOM   261 O O   . ILE A 1 39  ? -2.116  3.593   0.841   1.00 17.76  ? 39  ILE A O   1 
ATOM   262 C CB  . ILE A 1 39  ? -4.209  5.467   -0.145  1.00 15.16  ? 39  ILE A CB  1 
ATOM   263 C CG1 . ILE A 1 39  ? -5.589  6.044   0.138   1.00 19.03  ? 39  ILE A CG1 1 
ATOM   264 C CG2 . ILE A 1 39  ? -3.716  5.984   -1.469  1.00 7.92   ? 39  ILE A CG2 1 
ATOM   265 C CD1 . ILE A 1 39  ? -5.553  7.524   0.410   1.00 23.37  ? 39  ILE A CD1 1 
ATOM   266 N N   . TRP A 1 40  ? -2.285  3.030   -1.305  1.00 8.45   ? 40  TRP A N   1 
ATOM   267 C CA  . TRP A 1 40  ? -0.865  2.651   -1.362  1.00 13.10  ? 40  TRP A CA  1 
ATOM   268 C C   . TRP A 1 40  ? -0.121  3.631   -2.271  1.00 8.63   ? 40  TRP A C   1 
ATOM   269 O O   . TRP A 1 40  ? -0.743  4.207   -3.133  1.00 14.53  ? 40  TRP A O   1 
ATOM   270 C CB  . TRP A 1 40  ? -0.735  1.239   -1.911  1.00 11.37  ? 40  TRP A CB  1 
ATOM   271 C CG  . TRP A 1 40  ? -0.820  0.203   -0.868  1.00 8.49   ? 40  TRP A CG  1 
ATOM   272 C CD1 . TRP A 1 40  ? -1.905  -0.549  -0.544  1.00 8.30   ? 40  TRP A CD1 1 
ATOM   273 C CD2 . TRP A 1 40  ? 0.230   -0.197  0.018   1.00 13.86  ? 40  TRP A CD2 1 
ATOM   274 N NE1 . TRP A 1 40  ? -1.598  -1.402  0.487   1.00 14.69  ? 40  TRP A NE1 1 
ATOM   275 C CE2 . TRP A 1 40  ? -0.290  -1.208  0.850   1.00 16.76  ? 40  TRP A CE2 1 
ATOM   276 C CE3 . TRP A 1 40  ? 1.566   0.198   0.184   1.00 18.97  ? 40  TRP A CE3 1 
ATOM   277 C CZ2 . TRP A 1 40  ? 0.477   -1.829  1.849   1.00 18.73  ? 40  TRP A CZ2 1 
ATOM   278 C CZ3 . TRP A 1 40  ? 2.330   -0.421  1.179   1.00 17.97  ? 40  TRP A CZ3 1 
ATOM   279 C CH2 . TRP A 1 40  ? 1.782   -1.424  1.993   1.00 15.23  ? 40  TRP A CH2 1 
ATOM   280 N N   . TYR A 1 41  ? 1.194   3.787   -2.099  1.00 8.56   ? 41  TYR A N   1 
ATOM   281 C CA  . TYR A 1 41  ? 1.974   4.730   -2.873  1.00 12.84  ? 41  TYR A CA  1 
ATOM   282 C C   . TYR A 1 41  ? 3.307   4.218   -3.346  1.00 18.05  ? 41  TYR A C   1 
ATOM   283 O O   . TYR A 1 41  ? 3.996   3.408   -2.695  1.00 18.80  ? 41  TYR A O   1 
ATOM   284 C CB  . TYR A 1 41  ? 2.257   6.005   -2.089  1.00 8.28   ? 41  TYR A CB  1 
ATOM   285 C CG  . TYR A 1 41  ? 1.035   6.822   -1.776  1.00 7.89   ? 41  TYR A CG  1 
ATOM   286 C CD1 . TYR A 1 41  ? 0.584   7.800   -2.649  1.00 8.18   ? 41  TYR A CD1 1 
ATOM   287 C CD2 . TYR A 1 41  ? 0.365   6.662   -0.571  1.00 10.46  ? 41  TYR A CD2 1 
ATOM   288 C CE1 . TYR A 1 41  ? -0.497  8.609   -2.326  1.00 15.76  ? 41  TYR A CE1 1 
ATOM   289 C CE2 . TYR A 1 41  ? -0.721  7.466   -0.236  1.00 19.73  ? 41  TYR A CE2 1 
ATOM   290 C CZ  . TYR A 1 41  ? -1.144  8.442   -1.117  1.00 17.69  ? 41  TYR A CZ  1 
ATOM   291 O OH  . TYR A 1 41  ? -2.196  9.263   -0.773  1.00 24.51  ? 41  TYR A OH  1 
ATOM   292 N N   . TYR A 1 42  ? 3.694   4.705   -4.501  1.00 23.88  ? 42  TYR A N   1 
ATOM   293 C CA  . TYR A 1 42  ? 4.948   4.298   -5.035  1.00 26.27  ? 42  TYR A CA  1 
ATOM   294 C C   . TYR A 1 42  ? 5.863   5.501   -5.087  1.00 29.69  ? 42  TYR A C   1 
ATOM   295 O O   . TYR A 1 42  ? 5.521   6.516   -5.700  1.00 19.20  ? 42  TYR A O   1 
ATOM   296 C CB  . TYR A 1 42  ? 4.755   3.709   -6.418  1.00 28.37  ? 42  TYR A CB  1 
ATOM   297 C CG  . TYR A 1 42  ? 6.069   3.517   -7.144  1.00 33.24  ? 42  TYR A CG  1 
ATOM   298 C CD1 . TYR A 1 42  ? 6.907   2.445   -6.843  1.00 37.20  ? 42  TYR A CD1 1 
ATOM   299 C CD2 . TYR A 1 42  ? 6.507   4.447   -8.088  1.00 34.80  ? 42  TYR A CD2 1 
ATOM   300 C CE1 . TYR A 1 42  ? 8.155   2.303   -7.462  1.00 36.33  ? 42  TYR A CE1 1 
ATOM   301 C CE2 . TYR A 1 42  ? 7.754   4.316   -8.710  1.00 38.15  ? 42  TYR A CE2 1 
ATOM   302 C CZ  . TYR A 1 42  ? 8.574   3.243   -8.390  1.00 37.98  ? 42  TYR A CZ  1 
ATOM   303 O OH  . TYR A 1 42  ? 9.813   3.117   -8.985  1.00 37.15  ? 42  TYR A OH  1 
ATOM   304 N N   . ASP A 1 43  ? 7.032   5.376   -4.456  1.00 36.05  ? 43  ASP A N   1 
ATOM   305 C CA  . ASP A 1 43  ? 8.025   6.451   -4.450  1.00 42.93  ? 43  ASP A CA  1 
ATOM   306 C C   . ASP A 1 43  ? 7.371   7.781   -4.083  1.00 41.05  ? 43  ASP A C   1 
ATOM   307 O O   . ASP A 1 43  ? 7.437   8.758   -4.828  1.00 36.89  ? 43  ASP A O   1 
ATOM   308 C CB  . ASP A 1 43  ? 8.689   6.558   -5.825  1.00 49.97  ? 43  ASP A CB  1 
ATOM   309 C CG  . ASP A 1 43  ? 9.618   7.743   -5.927  1.00 51.07  ? 43  ASP A CG  1 
ATOM   310 O OD1 . ASP A 1 43  ? 10.657  7.753   -5.233  1.00 56.59  ? 43  ASP A OD1 1 
ATOM   311 O OD2 . ASP A 1 43  ? 9.297   8.669   -6.695  1.00 51.11  ? 43  ASP A OD2 1 
ATOM   312 N N   . TYR A 1 44  ? 6.748   7.791   -2.910  1.00 42.45  ? 44  TYR A N   1 
ATOM   313 C CA  . TYR A 1 44  ? 6.031   8.948   -2.377  1.00 41.12  ? 44  TYR A CA  1 
ATOM   314 C C   . TYR A 1 44  ? 6.750   10.295  -2.504  1.00 39.94  ? 44  TYR A C   1 
ATOM   315 O O   . TYR A 1 44  ? 6.184   11.274  -2.991  1.00 37.88  ? 44  TYR A O   1 
ATOM   316 C CB  . TYR A 1 44  ? 5.693   8.686   -0.902  1.00 36.47  ? 44  TYR A CB  1 
ATOM   317 C CG  . TYR A 1 44  ? 4.764   9.700   -0.290  1.00 22.95  ? 44  TYR A CG  1 
ATOM   318 C CD1 . TYR A 1 44  ? 3.400   9.666   -0.544  1.00 20.03  ? 44  TYR A CD1 1 
ATOM   319 C CD2 . TYR A 1 44  ? 5.255   10.726  0.503   1.00 20.80  ? 44  TYR A CD2 1 
ATOM   320 C CE1 . TYR A 1 44  ? 2.544   10.639  -0.025  1.00 23.70  ? 44  TYR A CE1 1 
ATOM   321 C CE2 . TYR A 1 44  ? 4.405   11.706  1.026   1.00 26.83  ? 44  TYR A CE2 1 
ATOM   322 C CZ  . TYR A 1 44  ? 3.052   11.660  0.759   1.00 20.32  ? 44  TYR A CZ  1 
ATOM   323 O OH  . TYR A 1 44  ? 2.225   12.644  1.260   1.00 21.82  ? 44  TYR A OH  1 
ATOM   324 N N   . SER A 1 45  ? 7.993   10.340  -2.048  1.00 40.47  ? 45  SER A N   1 
ATOM   325 C CA  . SER A 1 45  ? 8.792   11.559  -2.084  1.00 44.11  ? 45  SER A CA  1 
ATOM   326 C C   . SER A 1 45  ? 8.823   12.222  -3.457  1.00 44.80  ? 45  SER A C   1 
ATOM   327 O O   . SER A 1 45  ? 8.610   13.437  -3.575  1.00 46.15  ? 45  SER A O   1 
ATOM   328 C CB  . SER A 1 45  ? 10.217  11.237  -1.667  1.00 37.50  ? 45  SER A CB  1 
ATOM   329 O OG  . SER A 1 45  ? 10.756  10.275  -2.554  1.00 42.04  ? 45  SER A OG  1 
ATOM   330 N N   . GLY A 1 46  ? 9.104   11.417  -4.483  1.00 43.15  ? 46  GLY A N   1 
ATOM   331 C CA  . GLY A 1 46  ? 9.180   11.926  -5.840  1.00 39.10  ? 46  GLY A CA  1 
ATOM   332 C C   . GLY A 1 46  ? 7.902   11.784  -6.641  1.00 40.84  ? 46  GLY A C   1 
ATOM   333 O O   . GLY A 1 46  ? 6.959   12.558  -6.464  1.00 40.05  ? 46  GLY A O   1 
ATOM   334 N N   . LYS A 1 47  ? 7.868   10.791  -7.527  1.00 44.15  ? 47  LYS A N   1 
ATOM   335 C CA  . LYS A 1 47  ? 6.702   10.546  -8.378  1.00 43.94  ? 47  LYS A CA  1 
ATOM   336 C C   . LYS A 1 47  ? 5.395   10.436  -7.582  1.00 43.47  ? 47  LYS A C   1 
ATOM   337 O O   . LYS A 1 47  ? 4.398   11.073  -7.924  1.00 41.92  ? 47  LYS A O   1 
ATOM   338 C CB  . LYS A 1 47  ? 6.912   9.275   -9.196  1.00 43.13  ? 47  LYS A CB  1 
ATOM   339 C CG  . LYS A 1 47  ? 8.261   9.189   -9.859  1.00 38.97  ? 47  LYS A CG  1 
ATOM   340 C CD  . LYS A 1 47  ? 8.310   7.973   -10.756 1.00 61.64  ? 47  LYS A CD  1 
ATOM   341 C CE  . LYS A 1 47  ? 9.612   7.214   -10.603 1.00 68.60  ? 47  LYS A CE  1 
ATOM   342 N NZ  . LYS A 1 47  ? 9.765   6.643   -9.230  1.00 78.06  ? 47  LYS A NZ  1 
ATOM   343 N N   . ARG A 1 48  ? 5.400   9.620   -6.531  1.00 43.53  ? 48  ARG A N   1 
ATOM   344 C CA  . ARG A 1 48  ? 4.221   9.451   -5.693  1.00 41.73  ? 48  ARG A CA  1 
ATOM   345 C C   . ARG A 1 48  ? 3.017   9.159   -6.572  1.00 41.80  ? 48  ARG A C   1 
ATOM   346 O O   . ARG A 1 48  ? 2.301   10.074  -6.971  1.00 42.59  ? 48  ARG A O   1 
ATOM   347 C CB  . ARG A 1 48  ? 3.968   10.731  -4.902  1.00 39.37  ? 48  ARG A CB  1 
ATOM   348 C CG  . ARG A 1 48  ? 3.049   10.545  -3.721  1.00 46.57  ? 48  ARG A CG  1 
ATOM   349 C CD  . ARG A 1 48  ? 2.727   11.859  -3.055  1.00 40.67  ? 48  ARG A CD  1 
ATOM   350 N NE  . ARG A 1 48  ? 1.794   12.630  -3.853  1.00 57.72  ? 48  ARG A NE  1 
ATOM   351 C CZ  . ARG A 1 48  ? 1.250   13.767  -3.450  1.00 70.80  ? 48  ARG A CZ  1 
ATOM   352 N NH1 . ARG A 1 48  ? 1.555   14.254  -2.253  1.00 76.04  ? 48  ARG A NH1 1 
ATOM   353 N NH2 . ARG A 1 48  ? 0.401   14.410  -4.240  1.00 83.74  ? 48  ARG A NH2 1 
ATOM   354 N N   . GLN A 1 49  ? 2.785   7.883   -6.857  1.00 41.85  ? 49  GLN A N   1 
ATOM   355 C CA  . GLN A 1 49  ? 1.677   7.485   -7.722  1.00 43.76  ? 49  GLN A CA  1 
ATOM   356 C C   . GLN A 1 49  ? 0.677   6.575   -7.009  1.00 40.08  ? 49  GLN A C   1 
ATOM   357 O O   . GLN A 1 49  ? 1.077   5.599   -6.381  1.00 45.22  ? 49  GLN A O   1 
ATOM   358 C CB  . GLN A 1 49  ? 2.250   6.780   -8.957  1.00 46.74  ? 49  GLN A CB  1 
ATOM   359 C CG  . GLN A 1 49  ? 3.300   7.621   -9.700  1.00 50.94  ? 49  GLN A CG  1 
ATOM   360 C CD  . GLN A 1 49  ? 4.027   6.854   -10.794 1.00 55.35  ? 49  GLN A CD  1 
ATOM   361 O OE1 . GLN A 1 49  ? 4.896   6.022   -10.517 1.00 58.40  ? 49  GLN A OE1 1 
ATOM   362 N NE2 . GLN A 1 49  ? 3.671   7.130   -12.046 1.00 52.06  ? 49  GLN A NE2 1 
ATOM   363 N N   . VAL A 1 50  ? -0.616  6.877   -7.103  1.00 32.74  ? 50  VAL A N   1 
ATOM   364 C CA  . VAL A 1 50  ? -1.594  6.029   -6.436  1.00 28.78  ? 50  VAL A CA  1 
ATOM   365 C C   . VAL A 1 50  ? -1.593  4.630   -7.024  1.00 31.14  ? 50  VAL A C   1 
ATOM   366 O O   . VAL A 1 50  ? -1.943  4.433   -8.186  1.00 29.19  ? 50  VAL A O   1 
ATOM   367 C CB  . VAL A 1 50  ? -3.010  6.581   -6.543  1.00 27.70  ? 50  VAL A CB  1 
ATOM   368 C CG1 . VAL A 1 50  ? -3.960  5.748   -5.673  1.00 21.40  ? 50  VAL A CG1 1 
ATOM   369 C CG2 . VAL A 1 50  ? -3.021  8.021   -6.118  1.00 34.57  ? 50  VAL A CG2 1 
ATOM   370 N N   . VAL A 1 51  ? -1.190  3.665   -6.203  1.00 33.66  ? 51  VAL A N   1 
ATOM   371 C CA  . VAL A 1 51  ? -1.130  2.257   -6.593  1.00 34.59  ? 51  VAL A CA  1 
ATOM   372 C C   . VAL A 1 51  ? -2.475  1.612   -6.314  1.00 33.14  ? 51  VAL A C   1 
ATOM   373 O O   . VAL A 1 51  ? -2.965  0.784   -7.089  1.00 38.43  ? 51  VAL A O   1 
ATOM   374 C CB  . VAL A 1 51  ? -0.085  1.488   -5.766  1.00 35.10  ? 51  VAL A CB  1 
ATOM   375 C CG1 . VAL A 1 51  ? -0.024  0.044   -6.232  1.00 35.49  ? 51  VAL A CG1 1 
ATOM   376 C CG2 . VAL A 1 51  ? 1.269   2.167   -5.869  1.00 33.13  ? 51  VAL A CG2 1 
ATOM   377 N N   . ILE A 1 52  ? -3.054  2.000   -5.183  1.00 27.39  ? 52  ILE A N   1 
ATOM   378 C CA  . ILE A 1 52  ? -4.335  1.486   -4.747  1.00 21.81  ? 52  ILE A CA  1 
ATOM   379 C C   . ILE A 1 52  ? -5.133  2.586   -4.096  1.00 18.32  ? 52  ILE A C   1 
ATOM   380 O O   . ILE A 1 52  ? -4.582  3.469   -3.439  1.00 12.94  ? 52  ILE A O   1 
ATOM   381 C CB  . ILE A 1 52  ? -4.152  0.338   -3.725  1.00 27.18  ? 52  ILE A CB  1 
ATOM   382 C CG1 . ILE A 1 52  ? -3.955  -0.976  -4.470  1.00 26.25  ? 52  ILE A CG1 1 
ATOM   383 C CG2 . ILE A 1 52  ? -5.350  0.248   -2.790  1.00 24.61  ? 52  ILE A CG2 1 
ATOM   384 C CD1 . ILE A 1 52  ? -5.130  -1.348  -5.350  1.00 31.07  ? 52  ILE A CD1 1 
ATOM   385 N N   . HIS A 1 53  ? -6.439  2.534   -4.301  1.00 12.32  ? 53  HIS A N   1 
ATOM   386 C CA  . HIS A 1 53  ? -7.311  3.499   -3.690  1.00 9.91   ? 53  HIS A CA  1 
ATOM   387 C C   . HIS A 1 53  ? -8.652  2.853   -3.529  1.00 8.49   ? 53  HIS A C   1 
ATOM   388 O O   . HIS A 1 53  ? -9.256  2.435   -4.506  1.00 16.54  ? 53  HIS A O   1 
ATOM   389 C CB  . HIS A 1 53  ? -7.442  4.744   -4.539  1.00 8.35   ? 53  HIS A CB  1 
ATOM   390 C CG  . HIS A 1 53  ? -7.826  5.943   -3.741  1.00 16.33  ? 53  HIS A CG  1 
ATOM   391 N ND1 . HIS A 1 53  ? -8.974  5.985   -2.981  1.00 14.44  ? 53  HIS A ND1 1 
ATOM   392 C CD2 . HIS A 1 53  ? -7.179  7.109   -3.511  1.00 18.74  ? 53  HIS A CD2 1 
ATOM   393 C CE1 . HIS A 1 53  ? -9.016  7.124   -2.315  1.00 23.00  ? 53  HIS A CE1 1 
ATOM   394 N NE2 . HIS A 1 53  ? -7.939  7.824   -2.618  1.00 25.21  ? 53  HIS A NE2 1 
ATOM   395 N N   . SER A 1 54  ? -9.109  2.750   -2.289  1.00 13.47  ? 54  SER A N   1 
ATOM   396 C CA  . SER A 1 54  ? -10.397 2.132   -1.997  1.00 25.17  ? 54  SER A CA  1 
ATOM   397 C C   . SER A 1 54  ? -11.483 3.201   -1.980  1.00 30.42  ? 54  SER A C   1 
ATOM   398 O O   . SER A 1 54  ? -12.676 2.913   -1.810  1.00 33.21  ? 54  SER A O   1 
ATOM   399 C CB  . SER A 1 54  ? -10.355 1.434   -0.641  1.00 28.73  ? 54  SER A CB  1 
ATOM   400 O OG  . SER A 1 54  ? -10.296 2.386   0.410   1.00 35.97  ? 54  SER A OG  1 
ATOM   401 N N   . GLY A 1 55  ? -11.058 4.446   -2.133  1.00 32.09  ? 55  GLY A N   1 
ATOM   402 C CA  . GLY A 1 55  ? -12.013 5.527   -2.149  1.00 43.23  ? 55  GLY A CA  1 
ATOM   403 C C   . GLY A 1 55  ? -12.482 5.675   -3.577  1.00 47.34  ? 55  GLY A C   1 
ATOM   404 O O   . GLY A 1 55  ? -13.671 5.836   -3.841  1.00 53.53  ? 55  GLY A O   1 
ATOM   405 N N   . ASP A 1 56  ? -11.532 5.608   -4.504  1.00 51.74  ? 56  ASP A N   1 
ATOM   406 C CA  . ASP A 1 56  ? -11.831 5.738   -5.922  1.00 48.66  ? 56  ASP A CA  1 
ATOM   407 C C   . ASP A 1 56  ? -10.780 5.056   -6.779  1.00 43.19  ? 56  ASP A C   1 
ATOM   408 O O   . ASP A 1 56  ? -9.711  5.604   -7.042  1.00 37.82  ? 56  ASP A O   1 
ATOM   409 C CB  . ASP A 1 56  ? -11.931 7.212   -6.310  1.00 64.83  ? 56  ASP A CB  1 
ATOM   410 C CG  . ASP A 1 56  ? -12.093 7.405   -7.800  1.00 76.50  ? 56  ASP A CG  1 
ATOM   411 O OD1 . ASP A 1 56  ? -13.009 6.787   -8.381  1.00 87.73  ? 56  ASP A OD1 1 
ATOM   412 O OD2 . ASP A 1 56  ? -11.307 8.174   -8.392  1.00 89.28  ? 56  ASP A OD2 1 
ATOM   413 N N   . PRO A 1 57  ? -11.077 3.840   -7.231  1.00 36.95  ? 57  PRO A N   1 
ATOM   414 C CA  . PRO A 1 57  ? -10.149 3.086   -8.067  1.00 42.10  ? 57  PRO A CA  1 
ATOM   415 C C   . PRO A 1 57  ? -9.803  3.864   -9.326  1.00 45.44  ? 57  PRO A C   1 
ATOM   416 O O   . PRO A 1 57  ? -8.966  3.431   -10.120 1.00 52.65  ? 57  PRO A O   1 
ATOM   417 C CB  . PRO A 1 57  ? -10.920 1.811   -8.357  1.00 36.12  ? 57  PRO A CB  1 
ATOM   418 C CG  . PRO A 1 57  ? -12.341 2.277   -8.329  1.00 37.84  ? 57  PRO A CG  1 
ATOM   419 C CD  . PRO A 1 57  ? -12.359 3.136   -7.110  1.00 32.85  ? 57  PRO A CD  1 
ATOM   420 N N   . LYS A 1 58  ? -10.453 5.013   -9.495  1.00 47.52  ? 58  LYS A N   1 
ATOM   421 C CA  . LYS A 1 58  ? -10.226 5.878   -10.656 1.00 50.00  ? 58  LYS A CA  1 
ATOM   422 C C   . LYS A 1 58  ? -8.986  6.760   -10.465 1.00 47.49  ? 58  LYS A C   1 
ATOM   423 O O   . LYS A 1 58  ? -8.452  7.308   -11.436 1.00 46.03  ? 58  LYS A O   1 
ATOM   424 C CB  . LYS A 1 58  ? -11.446 6.782   -10.899 1.00 58.08  ? 58  LYS A CB  1 
ATOM   425 C CG  . LYS A 1 58  ? -12.750 6.058   -11.234 1.00 68.43  ? 58  LYS A CG  1 
ATOM   426 C CD  . LYS A 1 58  ? -12.677 5.387   -12.599 1.00 77.77  ? 58  LYS A CD  1 
ATOM   427 C CE  . LYS A 1 58  ? -13.994 4.721   -12.975 1.00 83.42  ? 58  LYS A CE  1 
ATOM   428 N NZ  . LYS A 1 58  ? -13.878 3.952   -14.247 1.00 76.48  ? 58  LYS A NZ  1 
ATOM   429 N N   . LEU A 1 59  ? -8.540  6.891   -9.214  1.00 42.39  ? 59  LEU A N   1 
ATOM   430 C CA  . LEU A 1 59  ? -7.374  7.713   -8.875  1.00 37.99  ? 59  LEU A CA  1 
ATOM   431 C C   . LEU A 1 59  ? -6.071  6.953   -9.063  1.00 37.02  ? 59  LEU A C   1 
ATOM   432 O O   . LEU A 1 59  ? -4.994  7.549   -9.166  1.00 32.18  ? 59  LEU A O   1 
ATOM   433 C CB  . LEU A 1 59  ? -7.479  8.192   -7.429  1.00 34.04  ? 59  LEU A CB  1 
ATOM   434 C CG  . LEU A 1 59  ? -8.711  9.049   -7.125  1.00 32.05  ? 59  LEU A CG  1 
ATOM   435 C CD1 . LEU A 1 59  ? -8.886  9.255   -5.619  1.00 14.65  ? 59  LEU A CD1 1 
ATOM   436 C CD2 . LEU A 1 59  ? -8.566  10.375  -7.857  1.00 33.90  ? 59  LEU A CD2 1 
ATOM   437 N N   . VAL A 1 60  ? -6.183  5.630   -9.101  1.00 35.24  ? 60  VAL A N   1 
ATOM   438 C CA  . VAL A 1 60  ? -5.031  4.771   -9.290  1.00 33.80  ? 60  VAL A CA  1 
ATOM   439 C C   . VAL A 1 60  ? -4.285  5.207   -10.529 1.00 37.71  ? 60  VAL A C   1 
ATOM   440 O O   . VAL A 1 60  ? -4.887  5.528   -11.552 1.00 39.78  ? 60  VAL A O   1 
ATOM   441 C CB  . VAL A 1 60  ? -5.445  3.314   -9.491  1.00 29.27  ? 60  VAL A CB  1 
ATOM   442 C CG1 . VAL A 1 60  ? -4.212  2.446   -9.655  1.00 21.75  ? 60  VAL A CG1 1 
ATOM   443 C CG2 . VAL A 1 60  ? -6.278  2.855   -8.319  1.00 35.76  ? 60  VAL A CG2 1 
ATOM   444 N N   . ASP A 1 61  ? -2.966  5.221   -10.433 1.00 41.17  ? 61  ASP A N   1 
ATOM   445 C CA  . ASP A 1 61  ? -2.165  5.602   -11.569 1.00 45.51  ? 61  ASP A CA  1 
ATOM   446 C C   . ASP A 1 61  ? -2.395  4.525   -12.611 1.00 45.81  ? 61  ASP A C   1 
ATOM   447 O O   . ASP A 1 61  ? -2.479  3.344   -12.282 1.00 49.25  ? 61  ASP A O   1 
ATOM   448 C CB  . ASP A 1 61  ? -0.696  5.647   -11.186 1.00 50.98  ? 61  ASP A CB  1 
ATOM   449 C CG  . ASP A 1 61  ? 0.106   6.489   -12.130 1.00 58.70  ? 61  ASP A CG  1 
ATOM   450 O OD1 . ASP A 1 61  ? -0.170  7.707   -12.191 1.00 65.08  ? 61  ASP A OD1 1 
ATOM   451 O OD2 . ASP A 1 61  ? 0.999   5.941   -12.811 1.00 66.64  ? 61  ASP A OD2 1 
ATOM   452 N N   . LYS A 1 62  ? -2.523  4.935   -13.864 1.00 48.61  ? 62  LYS A N   1 
ATOM   453 C CA  . LYS A 1 62  ? -2.750  3.998   -14.956 1.00 52.96  ? 62  LYS A CA  1 
ATOM   454 C C   . LYS A 1 62  ? -1.694  2.901   -14.916 1.00 51.82  ? 62  LYS A C   1 
ATOM   455 O O   . LYS A 1 62  ? -1.980  1.721   -15.149 1.00 50.31  ? 62  LYS A O   1 
ATOM   456 C CB  . LYS A 1 62  ? -2.677  4.740   -16.294 1.00 58.22  ? 62  LYS A CB  1 
ATOM   457 C CG  . LYS A 1 62  ? -1.364  5.472   -16.528 1.00 65.59  ? 62  LYS A CG  1 
ATOM   458 C CD  . LYS A 1 62  ? -1.147  6.597   -15.526 1.00 71.67  ? 62  LYS A CD  1 
ATOM   459 C CE  . LYS A 1 62  ? 0.247   7.191   -15.661 1.00 83.21  ? 62  LYS A CE  1 
ATOM   460 N NZ  . LYS A 1 62  ? 1.316   6.178   -15.414 1.00 85.58  ? 62  LYS A NZ  1 
ATOM   461 N N   . ARG A 1 63  ? -0.473  3.325   -14.611 1.00 47.71  ? 63  ARG A N   1 
ATOM   462 C CA  . ARG A 1 63  ? 0.695   2.459   -14.511 1.00 48.00  ? 63  ARG A CA  1 
ATOM   463 C C   . ARG A 1 63  ? 0.439   1.167   -13.742 1.00 47.81  ? 63  ARG A C   1 
ATOM   464 O O   . ARG A 1 63  ? 1.082   0.147   -13.996 1.00 48.95  ? 63  ARG A O   1 
ATOM   465 C CB  . ARG A 1 63  ? 1.828   3.263   -13.859 1.00 49.48  ? 63  ARG A CB  1 
ATOM   466 C CG  . ARG A 1 63  ? 2.998   2.485   -13.247 1.00 50.38  ? 63  ARG A CG  1 
ATOM   467 C CD  . ARG A 1 63  ? 4.182   3.444   -13.140 1.00 53.20  ? 63  ARG A CD  1 
ATOM   468 N NE  . ARG A 1 63  ? 5.247   3.071   -12.210 1.00 50.31  ? 63  ARG A NE  1 
ATOM   469 C CZ  . ARG A 1 63  ? 5.909   1.917   -12.217 1.00 59.12  ? 63  ARG A CZ  1 
ATOM   470 N NH1 . ARG A 1 63  ? 5.617   0.976   -13.106 1.00 64.52  ? 63  ARG A NH1 1 
ATOM   471 N NH2 . ARG A 1 63  ? 6.899   1.719   -11.354 1.00 59.94  ? 63  ARG A NH2 1 
ATOM   472 N N   . PHE A 1 64  ? -0.514  1.209   -12.818 1.00 46.19  ? 64  PHE A N   1 
ATOM   473 C CA  . PHE A 1 64  ? -0.823  0.049   -11.993 1.00 44.97  ? 64  PHE A CA  1 
ATOM   474 C C   . PHE A 1 64  ? -2.179  -0.567  -12.253 1.00 40.23  ? 64  PHE A C   1 
ATOM   475 O O   . PHE A 1 64  ? -2.394  -1.735  -11.934 1.00 44.03  ? 64  PHE A O   1 
ATOM   476 C CB  . PHE A 1 64  ? -0.726  0.421   -10.510 1.00 50.15  ? 64  PHE A CB  1 
ATOM   477 C CG  . PHE A 1 64  ? 0.609   0.979   -10.116 1.00 54.66  ? 64  PHE A CG  1 
ATOM   478 C CD1 . PHE A 1 64  ? 1.771   0.242   -10.328 1.00 57.80  ? 64  PHE A CD1 1 
ATOM   479 C CD2 . PHE A 1 64  ? 0.708   2.244   -9.545  1.00 56.74  ? 64  PHE A CD2 1 
ATOM   480 C CE1 . PHE A 1 64  ? 3.010   0.753   -9.980  1.00 59.47  ? 64  PHE A CE1 1 
ATOM   481 C CE2 . PHE A 1 64  ? 1.947   2.768   -9.192  1.00 57.95  ? 64  PHE A CE2 1 
ATOM   482 C CZ  . PHE A 1 64  ? 3.100   2.021   -9.411  1.00 64.60  ? 64  PHE A CZ  1 
ATOM   483 N N   . ARG A 1 65  ? -3.097  0.201   -12.823 1.00 33.50  ? 65  ARG A N   1 
ATOM   484 C CA  . ARG A 1 65  ? -4.419  -0.338  -13.073 1.00 31.14  ? 65  ARG A CA  1 
ATOM   485 C C   . ARG A 1 65  ? -4.378  -1.743  -13.672 1.00 27.89  ? 65  ARG A C   1 
ATOM   486 O O   . ARG A 1 65  ? -3.710  -1.999  -14.668 1.00 27.27  ? 65  ARG A O   1 
ATOM   487 C CB  . ARG A 1 65  ? -5.220  0.642   -13.929 1.00 24.52  ? 65  ARG A CB  1 
ATOM   488 C CG  . ARG A 1 65  ? -5.670  1.802   -13.073 1.00 35.80  ? 65  ARG A CG  1 
ATOM   489 C CD  . ARG A 1 65  ? -6.663  2.708   -13.735 1.00 46.81  ? 65  ARG A CD  1 
ATOM   490 N NE  . ARG A 1 65  ? -6.018  3.725   -14.546 1.00 55.03  ? 65  ARG A NE  1 
ATOM   491 C CZ  . ARG A 1 65  ? -6.552  4.915   -14.790 1.00 57.48  ? 65  ARG A CZ  1 
ATOM   492 N NH1 . ARG A 1 65  ? -7.737  5.225   -14.276 1.00 64.64  ? 65  ARG A NH1 1 
ATOM   493 N NH2 . ARG A 1 65  ? -5.908  5.795   -15.542 1.00 52.69  ? 65  ARG A NH2 1 
ATOM   494 N N   . GLY A 1 66  ? -5.065  -2.666  -13.012 1.00 23.48  ? 66  GLY A N   1 
ATOM   495 C CA  . GLY A 1 66  ? -5.092  -4.036  -13.473 1.00 25.15  ? 66  GLY A CA  1 
ATOM   496 C C   . GLY A 1 66  ? -3.878  -4.832  -13.036 1.00 24.12  ? 66  GLY A C   1 
ATOM   497 O O   . GLY A 1 66  ? -3.749  -6.007  -13.372 1.00 26.54  ? 66  GLY A O   1 
ATOM   498 N N   . ARG A 1 67  ? -2.990  -4.205  -12.275 1.00 23.85  ? 67  ARG A N   1 
ATOM   499 C CA  . ARG A 1 67  ? -1.784  -4.884  -11.810 1.00 29.43  ? 67  ARG A CA  1 
ATOM   500 C C   . ARG A 1 67  ? -1.632  -5.027  -10.285 1.00 30.50  ? 67  ARG A C   1 
ATOM   501 O O   . ARG A 1 67  ? -1.066  -6.007  -9.797  1.00 32.44  ? 67  ARG A O   1 
ATOM   502 C CB  . ARG A 1 67  ? -0.549  -4.183  -12.387 1.00 28.89  ? 67  ARG A CB  1 
ATOM   503 C CG  . ARG A 1 67  ? -0.580  -4.042  -13.893 1.00 32.46  ? 67  ARG A CG  1 
ATOM   504 C CD  . ARG A 1 67  ? 0.814   -3.954  -14.476 1.00 29.71  ? 67  ARG A CD  1 
ATOM   505 N NE  . ARG A 1 67  ? 1.604   -2.900  -13.856 1.00 42.22  ? 67  ARG A NE  1 
ATOM   506 C CZ  . ARG A 1 67  ? 2.515   -3.098  -12.904 1.00 52.41  ? 67  ARG A CZ  1 
ATOM   507 N NH1 . ARG A 1 67  ? 2.764   -4.322  -12.454 1.00 54.15  ? 67  ARG A NH1 1 
ATOM   508 N NH2 . ARG A 1 67  ? 3.186   -2.064  -12.408 1.00 52.50  ? 67  ARG A NH2 1 
ATOM   509 N N   . ALA A 1 68  ? -2.131  -4.054  -9.531  1.00 29.29  ? 68  ALA A N   1 
ATOM   510 C CA  . ALA A 1 68  ? -2.034  -4.102  -8.078  1.00 28.65  ? 68  ALA A CA  1 
ATOM   511 C C   . ALA A 1 68  ? -3.417  -4.013  -7.444  1.00 31.70  ? 68  ALA A C   1 
ATOM   512 O O   . ALA A 1 68  ? -4.209  -3.133  -7.795  1.00 34.31  ? 68  ALA A O   1 
ATOM   513 C CB  . ALA A 1 68  ? -1.175  -2.960  -7.587  1.00 21.44  ? 68  ALA A CB  1 
ATOM   514 N N   . GLU A 1 69  ? -3.709  -4.924  -6.518  1.00 31.17  ? 69  GLU A N   1 
ATOM   515 C CA  . GLU A 1 69  ? -4.996  -4.917  -5.829  1.00 31.31  ? 69  GLU A CA  1 
ATOM   516 C C   . GLU A 1 69  ? -4.802  -5.058  -4.322  1.00 29.51  ? 69  GLU A C   1 
ATOM   517 O O   . GLU A 1 69  ? -3.782  -5.566  -3.853  1.00 24.01  ? 69  GLU A O   1 
ATOM   518 C CB  . GLU A 1 69  ? -5.903  -6.036  -6.361  1.00 41.35  ? 69  GLU A CB  1 
ATOM   519 C CG  . GLU A 1 69  ? -5.393  -7.452  -6.127  1.00 60.96  ? 69  GLU A CG  1 
ATOM   520 C CD  . GLU A 1 69  ? -6.235  -8.505  -6.835  1.00 68.64  ? 69  GLU A CD  1 
ATOM   521 O OE1 . GLU A 1 69  ? -6.156  -8.597  -8.077  1.00 79.18  ? 69  GLU A OE1 1 
ATOM   522 O OE2 . GLU A 1 69  ? -6.980  -9.239  -6.154  1.00 78.41  ? 69  GLU A OE2 1 
ATOM   523 N N   . LEU A 1 70  ? -5.788  -4.599  -3.563  1.00 30.18  ? 70  LEU A N   1 
ATOM   524 C CA  . LEU A 1 70  ? -5.717  -4.656  -2.111  1.00 29.78  ? 70  LEU A CA  1 
ATOM   525 C C   . LEU A 1 70  ? -6.291  -5.945  -1.541  1.00 36.33  ? 70  LEU A C   1 
ATOM   526 O O   . LEU A 1 70  ? -7.486  -6.216  -1.663  1.00 37.25  ? 70  LEU A O   1 
ATOM   527 C CB  . LEU A 1 70  ? -6.449  -3.458  -1.502  1.00 24.29  ? 70  LEU A CB  1 
ATOM   528 C CG  . LEU A 1 70  ? -6.303  -3.295  0.009   1.00 9.56   ? 70  LEU A CG  1 
ATOM   529 C CD1 . LEU A 1 70  ? -4.836  -3.230  0.337   1.00 13.91  ? 70  LEU A CD1 1 
ATOM   530 C CD2 . LEU A 1 70  ? -7.000  -2.035  0.491   1.00 14.53  ? 70  LEU A CD2 1 
ATOM   531 N N   . MET A 1 71  ? -5.424  -6.730  -0.914  1.00 42.29  ? 71  MET A N   1 
ATOM   532 C CA  . MET A 1 71  ? -5.814  -7.997  -0.300  1.00 45.43  ? 71  MET A CA  1 
ATOM   533 C C   . MET A 1 71  ? -6.138  -7.774  1.181   1.00 45.62  ? 71  MET A C   1 
ATOM   534 O O   . MET A 1 71  ? -5.874  -8.631  2.019   1.00 50.45  ? 71  MET A O   1 
ATOM   535 C CB  . MET A 1 71  ? -4.667  -9.012  -0.434  1.00 47.42  ? 71  MET A CB  1 
ATOM   536 C CG  . MET A 1 71  ? -4.266  -9.296  -1.868  1.00 37.50  ? 71  MET A CG  1 
ATOM   537 S SD  . MET A 1 71  ? -5.705  -9.806  -2.828  1.00 38.33  ? 71  MET A SD  1 
ATOM   538 C CE  . MET A 1 71  ? -5.237  -11.481 -3.282  1.00 41.95  ? 71  MET A CE  1 
ATOM   539 N N   . GLY A 1 72  ? -6.729  -6.626  1.494   1.00 46.88  ? 72  GLY A N   1 
ATOM   540 C CA  . GLY A 1 72  ? -7.032  -6.313  2.878   1.00 49.23  ? 72  GLY A CA  1 
ATOM   541 C C   . GLY A 1 72  ? -8.432  -6.532  3.416   1.00 49.54  ? 72  GLY A C   1 
ATOM   542 O O   . GLY A 1 72  ? -9.418  -6.624  2.682   1.00 52.73  ? 72  GLY A O   1 
ATOM   543 N N   . ASN A 1 73  ? -8.496  -6.609  4.739   1.00 50.28  ? 73  ASN A N   1 
ATOM   544 C CA  . ASN A 1 73  ? -9.738  -6.803  5.465   1.00 47.37  ? 73  ASN A CA  1 
ATOM   545 C C   . ASN A 1 73  ? -9.880  -5.559  6.339   1.00 43.67  ? 73  ASN A C   1 
ATOM   546 O O   . ASN A 1 73  ? -9.693  -5.626  7.548   1.00 44.03  ? 73  ASN A O   1 
ATOM   547 C CB  . ASN A 1 73  ? -9.626  -8.057  6.335   1.00 47.91  ? 73  ASN A CB  1 
ATOM   548 C CG  . ASN A 1 73  ? -10.965 -8.541  6.833   1.00 50.07  ? 73  ASN A CG  1 
ATOM   549 O OD1 . ASN A 1 73  ? -11.689 -7.820  7.527   1.00 53.23  ? 73  ASN A OD1 1 
ATOM   550 N ND2 . ASN A 1 73  ? -11.307 -9.774  6.480   1.00 51.17  ? 73  ASN A ND2 1 
ATOM   551 N N   . MET A 1 74  ? -10.187 -4.427  5.708   1.00 40.59  ? 74  MET A N   1 
ATOM   552 C CA  . MET A 1 74  ? -10.335 -3.142  6.398   1.00 32.46  ? 74  MET A CA  1 
ATOM   553 C C   . MET A 1 74  ? -10.835 -3.235  7.820   1.00 31.36  ? 74  MET A C   1 
ATOM   554 O O   . MET A 1 74  ? -10.432 -2.457  8.680   1.00 21.98  ? 74  MET A O   1 
ATOM   555 C CB  . MET A 1 74  ? -11.261 -2.214  5.616   1.00 32.56  ? 74  MET A CB  1 
ATOM   556 C CG  . MET A 1 74  ? -10.508 -1.297  4.699   1.00 40.94  ? 74  MET A CG  1 
ATOM   557 S SD  . MET A 1 74  ? -9.071  -0.663  5.571   1.00 35.19  ? 74  MET A SD  1 
ATOM   558 C CE  . MET A 1 74  ? -7.725  -1.550  4.747   1.00 40.74  ? 74  MET A CE  1 
ATOM   559 N N   . ASP A 1 75  ? -11.719 -4.191  8.059   1.00 32.21  ? 75  ASP A N   1 
ATOM   560 C CA  . ASP A 1 75  ? -12.270 -4.380  9.380   1.00 37.51  ? 75  ASP A CA  1 
ATOM   561 C C   . ASP A 1 75  ? -11.275 -5.093  10.287  1.00 35.82  ? 75  ASP A C   1 
ATOM   562 O O   . ASP A 1 75  ? -11.178 -4.791  11.470  1.00 35.64  ? 75  ASP A O   1 
ATOM   563 C CB  . ASP A 1 75  ? -13.554 -5.185  9.286   1.00 48.66  ? 75  ASP A CB  1 
ATOM   564 C CG  . ASP A 1 75  ? -14.374 -5.094  10.544  1.00 65.14  ? 75  ASP A CG  1 
ATOM   565 O OD1 . ASP A 1 75  ? -14.948 -4.013  10.805  1.00 71.65  ? 75  ASP A OD1 1 
ATOM   566 O OD2 . ASP A 1 75  ? -14.435 -6.103  11.278  1.00 72.45  ? 75  ASP A OD2 1 
ATOM   567 N N   . HIS A 1 76  ? -10.530 -6.036  9.724   1.00 36.78  ? 76  HIS A N   1 
ATOM   568 C CA  . HIS A 1 76  ? -9.535  -6.797  10.480  1.00 37.20  ? 76  HIS A CA  1 
ATOM   569 C C   . HIS A 1 76  ? -8.157  -6.122  10.548  1.00 33.85  ? 76  HIS A C   1 
ATOM   570 O O   . HIS A 1 76  ? -7.181  -6.721  11.018  1.00 32.22  ? 76  HIS A O   1 
ATOM   571 C CB  . HIS A 1 76  ? -9.388  -8.207  9.885   1.00 46.88  ? 76  HIS A CB  1 
ATOM   572 C CG  . HIS A 1 76  ? -10.618 -9.053  10.011  1.00 43.46  ? 76  HIS A CG  1 
ATOM   573 N ND1 . HIS A 1 76  ? -10.665 -10.364 9.587   1.00 37.45  ? 76  HIS A ND1 1 
ATOM   574 C CD2 . HIS A 1 76  ? -11.841 -8.780  10.524  1.00 41.88  ? 76  HIS A CD2 1 
ATOM   575 C CE1 . HIS A 1 76  ? -11.864 -10.861 9.835   1.00 43.38  ? 76  HIS A CE1 1 
ATOM   576 N NE2 . HIS A 1 76  ? -12.595 -9.919  10.403  1.00 45.19  ? 76  HIS A NE2 1 
ATOM   577 N N   . LYS A 1 77  ? -8.087  -4.878  10.080  1.00 30.59  ? 77  LYS A N   1 
ATOM   578 C CA  . LYS A 1 77  ? -6.851  -4.102  10.091  1.00 27.77  ? 77  LYS A CA  1 
ATOM   579 C C   . LYS A 1 77  ? -5.687  -4.764  9.351   1.00 27.60  ? 77  LYS A C   1 
ATOM   580 O O   . LYS A 1 77  ? -4.541  -4.739  9.821   1.00 25.29  ? 77  LYS A O   1 
ATOM   581 C CB  . LYS A 1 77  ? -6.429  -3.797  11.528  1.00 27.66  ? 77  LYS A CB  1 
ATOM   582 C CG  . LYS A 1 77  ? -7.458  -3.023  12.334  1.00 24.55  ? 77  LYS A CG  1 
ATOM   583 C CD  . LYS A 1 77  ? -6.857  -2.569  13.652  1.00 27.27  ? 77  LYS A CD  1 
ATOM   584 C CE  . LYS A 1 77  ? -7.859  -1.861  14.540  1.00 28.87  ? 77  LYS A CE  1 
ATOM   585 N NZ  . LYS A 1 77  ? -7.208  -1.376  15.792  1.00 36.44  ? 77  LYS A NZ  1 
ATOM   586 N N   . VAL A 1 78  ? -5.995  -5.360  8.201   1.00 24.44  ? 78  VAL A N   1 
ATOM   587 C CA  . VAL A 1 78  ? -4.997  -6.006  7.345   1.00 22.51  ? 78  VAL A CA  1 
ATOM   588 C C   . VAL A 1 78  ? -4.928  -5.121  6.105   1.00 22.65  ? 78  VAL A C   1 
ATOM   589 O O   . VAL A 1 78  ? -5.967  -4.743  5.564   1.00 26.58  ? 78  VAL A O   1 
ATOM   590 C CB  . VAL A 1 78  ? -5.432  -7.430  6.928   1.00 21.22  ? 78  VAL A CB  1 
ATOM   591 C CG1 . VAL A 1 78  ? -4.382  -8.057  6.040   1.00 19.81  ? 78  VAL A CG1 1 
ATOM   592 C CG2 . VAL A 1 78  ? -5.640  -8.290  8.152   1.00 31.46  ? 78  VAL A CG2 1 
ATOM   593 N N   . CYS A 1 79  ? -3.723  -4.782  5.654   1.00 19.40  ? 79  CYS A N   1 
ATOM   594 C CA  . CYS A 1 79  ? -3.573  -3.903  4.494   1.00 18.16  ? 79  CYS A CA  1 
ATOM   595 C C   . CYS A 1 79  ? -2.692  -4.477  3.425   1.00 14.50  ? 79  CYS A C   1 
ATOM   596 O O   . CYS A 1 79  ? -2.004  -3.735  2.731   1.00 11.57  ? 79  CYS A O   1 
ATOM   597 C CB  . CYS A 1 79  ? -2.995  -2.556  4.922   1.00 16.03  ? 79  CYS A CB  1 
ATOM   598 S SG  . CYS A 1 79  ? -1.731  -2.739  6.219   1.00 40.15  ? 79  CYS A SG  1 
ATOM   599 N N   . ASN A 1 80  ? -2.716  -5.796  3.289   1.00 16.82  ? 80  ASN A N   1 
ATOM   600 C CA  . ASN A 1 80  ? -1.903  -6.481  2.286   1.00 22.44  ? 80  ASN A CA  1 
ATOM   601 C C   . ASN A 1 80  ? -1.995  -5.974  0.856   1.00 22.88  ? 80  ASN A C   1 
ATOM   602 O O   . ASN A 1 80  ? -3.073  -5.686  0.340   1.00 25.08  ? 80  ASN A O   1 
ATOM   603 C CB  . ASN A 1 80  ? -2.225  -7.963  2.280   1.00 18.18  ? 80  ASN A CB  1 
ATOM   604 C CG  . ASN A 1 80  ? -1.692  -8.648  3.473   1.00 14.10  ? 80  ASN A CG  1 
ATOM   605 O OD1 . ASN A 1 80  ? -1.102  -8.013  4.350   1.00 9.38   ? 80  ASN A OD1 1 
ATOM   606 N ND2 . ASN A 1 80  ? -1.886  -9.951  3.533   1.00 18.61  ? 80  ASN A ND2 1 
ATOM   607 N N   . LEU A 1 81  ? -0.848  -5.898  0.201   1.00 18.67  ? 81  LEU A N   1 
ATOM   608 C CA  . LEU A 1 81  ? -0.821  -5.440  -1.168  1.00 16.80  ? 81  LEU A CA  1 
ATOM   609 C C   . LEU A 1 81  ? -0.367  -6.566  -2.101  1.00 18.13  ? 81  LEU A C   1 
ATOM   610 O O   . LEU A 1 81  ? 0.649   -7.218  -1.852  1.00 13.37  ? 81  LEU A O   1 
ATOM   611 C CB  . LEU A 1 81  ? 0.110   -4.231  -1.277  1.00 8.49   ? 81  LEU A CB  1 
ATOM   612 C CG  . LEU A 1 81  ? 0.194   -3.563  -2.648  1.00 9.69   ? 81  LEU A CG  1 
ATOM   613 C CD1 . LEU A 1 81  ? -1.185  -3.163  -3.152  1.00 17.17  ? 81  LEU A CD1 1 
ATOM   614 C CD2 . LEU A 1 81  ? 1.077   -2.358  -2.537  1.00 13.87  ? 81  LEU A CD2 1 
ATOM   615 N N   . LEU A 1 82  ? -1.147  -6.808  -3.156  1.00 16.15  ? 82  LEU A N   1 
ATOM   616 C CA  . LEU A 1 82  ? -0.811  -7.830  -4.144  1.00 18.85  ? 82  LEU A CA  1 
ATOM   617 C C   . LEU A 1 82  ? -0.421  -7.149  -5.457  1.00 22.64  ? 82  LEU A C   1 
ATOM   618 O O   . LEU A 1 82  ? -1.183  -6.353  -6.018  1.00 20.14  ? 82  LEU A O   1 
ATOM   619 C CB  . LEU A 1 82  ? -1.991  -8.774  -4.384  1.00 19.80  ? 82  LEU A CB  1 
ATOM   620 C CG  . LEU A 1 82  ? -1.722  -9.857  -5.433  1.00 16.78  ? 82  LEU A CG  1 
ATOM   621 C CD1 . LEU A 1 82  ? -0.548  -10.731 -4.988  1.00 8.24   ? 82  LEU A CD1 1 
ATOM   622 C CD2 . LEU A 1 82  ? -2.979  -10.688 -5.640  1.00 13.12  ? 82  LEU A CD2 1 
ATOM   623 N N   . LEU A 1 83  ? 0.776   -7.468  -5.938  1.00 25.20  ? 83  LEU A N   1 
ATOM   624 C CA  . LEU A 1 83  ? 1.302   -6.881  -7.165  1.00 32.56  ? 83  LEU A CA  1 
ATOM   625 C C   . LEU A 1 83  ? 1.500   -7.929  -8.234  1.00 34.15  ? 83  LEU A C   1 
ATOM   626 O O   . LEU A 1 83  ? 2.442   -8.714  -8.198  1.00 39.95  ? 83  LEU A O   1 
ATOM   627 C CB  . LEU A 1 83  ? 2.629   -6.177  -6.886  1.00 39.95  ? 83  LEU A CB  1 
ATOM   628 C CG  . LEU A 1 83  ? 2.587   -5.000  -5.905  1.00 42.66  ? 83  LEU A CG  1 
ATOM   629 C CD1 . LEU A 1 83  ? 3.973   -4.400  -5.783  1.00 50.78  ? 83  LEU A CD1 1 
ATOM   630 C CD2 . LEU A 1 83  ? 1.604   -3.947  -6.390  1.00 50.18  ? 83  LEU A CD2 1 
ATOM   631 N N   . LYS A 1 84  ? 0.606   -7.912  -9.205  1.00 38.96  ? 84  LYS A N   1 
ATOM   632 C CA  . LYS A 1 84  ? 0.623   -8.873  -10.290 1.00 41.61  ? 84  LYS A CA  1 
ATOM   633 C C   . LYS A 1 84  ? 1.555   -8.410  -11.398 1.00 40.59  ? 84  LYS A C   1 
ATOM   634 O O   . LYS A 1 84  ? 1.666   -7.218  -11.663 1.00 39.63  ? 84  LYS A O   1 
ATOM   635 C CB  . LYS A 1 84  ? -0.810  -9.025  -10.789 1.00 42.34  ? 84  LYS A CB  1 
ATOM   636 C CG  . LYS A 1 84  ? -1.791  -8.908  -9.618  1.00 48.87  ? 84  LYS A CG  1 
ATOM   637 C CD  . LYS A 1 84  ? -3.245  -8.785  -10.025 1.00 51.02  ? 84  LYS A CD  1 
ATOM   638 C CE  . LYS A 1 84  ? -3.823  -10.128 -10.433 1.00 60.93  ? 84  LYS A CE  1 
ATOM   639 N NZ  . LYS A 1 84  ? -5.284  -10.054 -10.697 1.00 63.65  ? 84  LYS A NZ  1 
ATOM   640 N N   . ASP A 1 85  ? 2.244   -9.357  -12.024 1.00 42.39  ? 85  ASP A N   1 
ATOM   641 C CA  . ASP A 1 85  ? 3.152   -9.024  -13.111 1.00 43.06  ? 85  ASP A CA  1 
ATOM   642 C C   . ASP A 1 85  ? 4.141   -7.953  -12.684 1.00 36.92  ? 85  ASP A C   1 
ATOM   643 O O   . ASP A 1 85  ? 3.893   -6.756  -12.845 1.00 38.53  ? 85  ASP A O   1 
ATOM   644 C CB  . ASP A 1 85  ? 2.338   -8.537  -14.311 1.00 55.54  ? 85  ASP A CB  1 
ATOM   645 C CG  . ASP A 1 85  ? 3.185   -7.838  -15.360 1.00 66.14  ? 85  ASP A CG  1 
ATOM   646 O OD1 . ASP A 1 85  ? 4.160   -8.435  -15.871 1.00 72.75  ? 85  ASP A OD1 1 
ATOM   647 O OD2 . ASP A 1 85  ? 2.856   -6.676  -15.680 1.00 73.68  ? 85  ASP A OD2 1 
ATOM   648 N N   . LEU A 1 86  ? 5.269   -8.377  -12.136 1.00 27.78  ? 86  LEU A N   1 
ATOM   649 C CA  . LEU A 1 86  ? 6.243   -7.402  -11.700 1.00 32.51  ? 86  LEU A CA  1 
ATOM   650 C C   . LEU A 1 86  ? 6.986   -6.878  -12.911 1.00 32.18  ? 86  LEU A C   1 
ATOM   651 O O   . LEU A 1 86  ? 6.782   -7.371  -14.017 1.00 32.10  ? 86  LEU A O   1 
ATOM   652 C CB  . LEU A 1 86  ? 7.210   -8.010  -10.674 1.00 38.47  ? 86  LEU A CB  1 
ATOM   653 C CG  . LEU A 1 86  ? 6.614   -8.524  -9.351  1.00 46.19  ? 86  LEU A CG  1 
ATOM   654 C CD1 . LEU A 1 86  ? 7.745   -8.759  -8.362  1.00 49.76  ? 86  LEU A CD1 1 
ATOM   655 C CD2 . LEU A 1 86  ? 5.624   -7.522  -8.771  1.00 51.95  ? 86  LEU A CD2 1 
ATOM   656 N N   . LYS A 1 87  ? 7.827   -5.869  -12.698 1.00 34.71  ? 87  LYS A N   1 
ATOM   657 C CA  . LYS A 1 87  ? 8.612   -5.239  -13.761 1.00 40.10  ? 87  LYS A CA  1 
ATOM   658 C C   . LYS A 1 87  ? 9.805   -4.550  -13.114 1.00 43.22  ? 87  LYS A C   1 
ATOM   659 O O   . LYS A 1 87  ? 9.692   -3.982  -12.034 1.00 51.60  ? 87  LYS A O   1 
ATOM   660 C CB  . LYS A 1 87  ? 7.774   -4.187  -14.475 1.00 40.70  ? 87  LYS A CB  1 
ATOM   661 C CG  . LYS A 1 87  ? 6.331   -4.598  -14.669 1.00 44.12  ? 87  LYS A CG  1 
ATOM   662 C CD  . LYS A 1 87  ? 5.530   -3.486  -15.303 1.00 56.08  ? 87  LYS A CD  1 
ATOM   663 C CE  . LYS A 1 87  ? 4.088   -3.910  -15.535 1.00 65.86  ? 87  LYS A CE  1 
ATOM   664 N NZ  . LYS A 1 87  ? 3.286   -2.831  -16.183 1.00 76.18  ? 87  LYS A NZ  1 
ATOM   665 N N   . PRO A 1 88  ? 10.964  -4.580  -13.769 1.00 46.08  ? 88  PRO A N   1 
ATOM   666 C CA  . PRO A 1 88  ? 12.177  -3.950  -13.236 1.00 46.97  ? 88  PRO A CA  1 
ATOM   667 C C   . PRO A 1 88  ? 11.919  -2.514  -12.814 1.00 46.83  ? 88  PRO A C   1 
ATOM   668 O O   . PRO A 1 88  ? 12.517  -2.017  -11.861 1.00 47.22  ? 88  PRO A O   1 
ATOM   669 C CB  . PRO A 1 88  ? 13.151  -4.044  -14.401 1.00 52.63  ? 88  PRO A CB  1 
ATOM   670 C CG  . PRO A 1 88  ? 12.725  -5.329  -15.067 1.00 59.52  ? 88  PRO A CG  1 
ATOM   671 C CD  . PRO A 1 88  ? 11.220  -5.203  -15.075 1.00 49.68  ? 88  PRO A CD  1 
ATOM   672 N N   . GLU A 1 89  ? 11.024  -1.853  -13.534 1.00 42.99  ? 89  GLU A N   1 
ATOM   673 C CA  . GLU A 1 89  ? 10.671  -0.473  -13.239 1.00 46.89  ? 89  GLU A CA  1 
ATOM   674 C C   . GLU A 1 89  ? 9.873   -0.414  -11.939 1.00 44.01  ? 89  GLU A C   1 
ATOM   675 O O   . GLU A 1 89  ? 9.980   0.548   -11.169 1.00 45.66  ? 89  GLU A O   1 
ATOM   676 C CB  . GLU A 1 89  ? 9.810   0.078   -14.357 1.00 52.67  ? 89  GLU A CB  1 
ATOM   677 C CG  . GLU A 1 89  ? 8.500   -0.660  -14.440 1.00 66.99  ? 89  GLU A CG  1 
ATOM   678 C CD  . GLU A 1 89  ? 7.627   -0.171  -15.557 1.00 80.41  ? 89  GLU A CD  1 
ATOM   679 O OE1 . GLU A 1 89  ? 7.405   1.056   -15.637 1.00 91.06  ? 89  GLU A OE1 1 
ATOM   680 O OE2 . GLU A 1 89  ? 7.157   -1.015  -16.349 1.00 83.83  ? 89  GLU A OE2 1 
ATOM   681 N N   . ASP A 1 90  ? 9.059   -1.448  -11.719 1.00 38.89  ? 90  ASP A N   1 
ATOM   682 C CA  . ASP A 1 90  ? 8.220   -1.550  -10.530 1.00 35.13  ? 90  ASP A CA  1 
ATOM   683 C C   . ASP A 1 90  ? 9.004   -1.369  -9.236  1.00 34.74  ? 90  ASP A C   1 
ATOM   684 O O   . ASP A 1 90  ? 8.447   -0.950  -8.227  1.00 37.80  ? 90  ASP A O   1 
ATOM   685 C CB  . ASP A 1 90  ? 7.478   -2.898  -10.496 1.00 31.33  ? 90  ASP A CB  1 
ATOM   686 C CG  . ASP A 1 90  ? 6.279   -2.940  -11.442 1.00 36.09  ? 90  ASP A CG  1 
ATOM   687 O OD1 . ASP A 1 90  ? 5.853   -1.858  -11.901 1.00 41.07  ? 90  ASP A OD1 1 
ATOM   688 O OD2 . ASP A 1 90  ? 5.751   -4.046  -11.715 1.00 25.27  ? 90  ASP A OD2 1 
ATOM   689 N N   . SER A 1 91  ? 10.292  -1.684  -9.252  1.00 35.74  ? 91  SER A N   1 
ATOM   690 C CA  . SER A 1 91  ? 11.088  -1.516  -8.044  1.00 40.01  ? 91  SER A CA  1 
ATOM   691 C C   . SER A 1 91  ? 10.953  -0.084  -7.523  1.00 39.65  ? 91  SER A C   1 
ATOM   692 O O   . SER A 1 91  ? 10.842  0.875   -8.298  1.00 31.85  ? 91  SER A O   1 
ATOM   693 C CB  . SER A 1 91  ? 12.557  -1.835  -8.319  1.00 44.34  ? 91  SER A CB  1 
ATOM   694 O OG  . SER A 1 91  ? 12.691  -3.135  -8.852  1.00 49.10  ? 91  SER A OG  1 
ATOM   695 N N   . GLY A 1 92  ? 10.958  0.045   -6.201  1.00 39.97  ? 92  GLY A N   1 
ATOM   696 C CA  . GLY A 1 92  ? 10.829  1.345   -5.568  1.00 40.96  ? 92  GLY A CA  1 
ATOM   697 C C   . GLY A 1 92  ? 10.348  1.221   -4.133  1.00 38.85  ? 92  GLY A C   1 
ATOM   698 O O   . GLY A 1 92  ? 10.335  0.123   -3.563  1.00 39.35  ? 92  GLY A O   1 
ATOM   699 N N   . THR A 1 93  ? 9.953   2.341   -3.536  1.00 36.27  ? 93  THR A N   1 
ATOM   700 C CA  . THR A 1 93  ? 9.479   2.304   -2.168  1.00 30.53  ? 93  THR A CA  1 
ATOM   701 C C   . THR A 1 93  ? 8.003   2.591   -2.058  1.00 33.04  ? 93  THR A C   1 
ATOM   702 O O   . THR A 1 93  ? 7.486   3.574   -2.603  1.00 28.85  ? 93  THR A O   1 
ATOM   703 C CB  . THR A 1 93  ? 10.225  3.281   -1.295  1.00 29.37  ? 93  THR A CB  1 
ATOM   704 O OG1 . THR A 1 93  ? 11.629  3.053   -1.443  1.00 33.16  ? 93  THR A OG1 1 
ATOM   705 C CG2 . THR A 1 93  ? 9.831   3.079   0.163   1.00 9.55   ? 93  THR A CG2 1 
ATOM   706 N N   . TYR A 1 94  ? 7.337   1.714   -1.321  1.00 32.58  ? 94  TYR A N   1 
ATOM   707 C CA  . TYR A 1 94  ? 5.906   1.809   -1.118  1.00 35.74  ? 94  TYR A CA  1 
ATOM   708 C C   . TYR A 1 94  ? 5.538   2.212   0.295   1.00 34.25  ? 94  TYR A C   1 
ATOM   709 O O   . TYR A 1 94  ? 6.051   1.656   1.265   1.00 36.35  ? 94  TYR A O   1 
ATOM   710 C CB  . TYR A 1 94  ? 5.261   0.469   -1.454  1.00 33.59  ? 94  TYR A CB  1 
ATOM   711 C CG  . TYR A 1 94  ? 5.475   0.081   -2.887  1.00 32.35  ? 94  TYR A CG  1 
ATOM   712 C CD1 . TYR A 1 94  ? 6.746   -0.239  -3.355  1.00 33.87  ? 94  TYR A CD1 1 
ATOM   713 C CD2 . TYR A 1 94  ? 4.418   0.093   -3.792  1.00 34.77  ? 94  TYR A CD2 1 
ATOM   714 C CE1 . TYR A 1 94  ? 6.957   -0.534  -4.699  1.00 43.36  ? 94  TYR A CE1 1 
ATOM   715 C CE2 . TYR A 1 94  ? 4.616   -0.199  -5.132  1.00 39.30  ? 94  TYR A CE2 1 
ATOM   716 C CZ  . TYR A 1 94  ? 5.886   -0.510  -5.582  1.00 40.25  ? 94  TYR A CZ  1 
ATOM   717 O OH  . TYR A 1 94  ? 6.087   -0.784  -6.912  1.00 36.21  ? 94  TYR A OH  1 
ATOM   718 N N   . ASN A 1 95  ? 4.650   3.190   0.407   1.00 29.64  ? 95  ASN A N   1 
ATOM   719 C CA  . ASN A 1 95  ? 4.199   3.636   1.708   1.00 22.98  ? 95  ASN A CA  1 
ATOM   720 C C   . ASN A 1 95  ? 2.675   3.510   1.734   1.00 19.73  ? 95  ASN A C   1 
ATOM   721 O O   . ASN A 1 95  ? 1.998   3.813   0.749   1.00 22.95  ? 95  ASN A O   1 
ATOM   722 C CB  . ASN A 1 95  ? 4.665   5.069   1.952   1.00 17.29  ? 95  ASN A CB  1 
ATOM   723 C CG  . ASN A 1 95  ? 6.151   5.241   1.690   1.00 19.81  ? 95  ASN A CG  1 
ATOM   724 O OD1 . ASN A 1 95  ? 6.594   5.201   0.537   1.00 19.59  ? 95  ASN A OD1 1 
ATOM   725 N ND2 . ASN A 1 95  ? 6.931   5.420   2.755   1.00 8.16   ? 95  ASN A ND2 1 
ATOM   726 N N   . PHE A 1 96  ? 2.145   3.023   2.852   1.00 15.79  ? 96  PHE A N   1 
ATOM   727 C CA  . PHE A 1 96  ? 0.713   2.827   2.999   1.00 9.45   ? 96  PHE A CA  1 
ATOM   728 C C   . PHE A 1 96  ? 0.081   3.918   3.837   1.00 12.01  ? 96  PHE A C   1 
ATOM   729 O O   . PHE A 1 96  ? 0.650   4.361   4.834   1.00 13.22  ? 96  PHE A O   1 
ATOM   730 C CB  . PHE A 1 96  ? 0.441   1.481   3.651   1.00 8.16   ? 96  PHE A CB  1 
ATOM   731 C CG  . PHE A 1 96  ? -1.014  1.185   3.849   1.00 10.90  ? 96  PHE A CG  1 
ATOM   732 C CD1 . PHE A 1 96  ? -1.866  1.046   2.763   1.00 14.74  ? 96  PHE A CD1 1 
ATOM   733 C CD2 . PHE A 1 96  ? -1.526  0.988   5.127   1.00 14.42  ? 96  PHE A CD2 1 
ATOM   734 C CE1 . PHE A 1 96  ? -3.208  0.707   2.949   1.00 11.66  ? 96  PHE A CE1 1 
ATOM   735 C CE2 . PHE A 1 96  ? -2.867  0.647   5.319   1.00 8.30   ? 96  PHE A CE2 1 
ATOM   736 C CZ  . PHE A 1 96  ? -3.704  0.506   4.230   1.00 8.04   ? 96  PHE A CZ  1 
ATOM   737 N N   . ARG A 1 97  ? -1.105  4.343   3.423   1.00 11.06  ? 97  ARG A N   1 
ATOM   738 C CA  . ARG A 1 97  ? -1.840  5.378   4.123   1.00 8.32   ? 97  ARG A CA  1 
ATOM   739 C C   . ARG A 1 97  ? -3.294  5.010   4.258   1.00 10.87  ? 97  ARG A C   1 
ATOM   740 O O   . ARG A 1 97  ? -3.955  4.713   3.265   1.00 10.85  ? 97  ARG A O   1 
ATOM   741 C CB  . ARG A 1 97  ? -1.777  6.697   3.369   1.00 8.46   ? 97  ARG A CB  1 
ATOM   742 C CG  . ARG A 1 97  ? -2.770  7.724   3.898   1.00 9.97   ? 97  ARG A CG  1 
ATOM   743 C CD  . ARG A 1 97  ? -2.651  9.032   3.152   1.00 28.31  ? 97  ARG A CD  1 
ATOM   744 N NE  . ARG A 1 97  ? -2.867  10.185  4.022   1.00 28.39  ? 97  ARG A NE  1 
ATOM   745 C CZ  . ARG A 1 97  ? -2.244  10.371  5.181   1.00 27.94  ? 97  ARG A CZ  1 
ATOM   746 N NH1 . ARG A 1 97  ? -1.370  9.482   5.617   1.00 8.87   ? 97  ARG A NH1 1 
ATOM   747 N NH2 . ARG A 1 97  ? -2.481  11.450  5.907   1.00 30.55  ? 97  ARG A NH2 1 
ATOM   748 N N   . PHE A 1 98  ? -3.791  5.026   5.487   1.00 12.57  ? 98  PHE A N   1 
ATOM   749 C CA  . PHE A 1 98  ? -5.200  4.753   5.716   1.00 15.42  ? 98  PHE A CA  1 
ATOM   750 C C   . PHE A 1 98  ? -5.828  6.007   6.341   1.00 18.38  ? 98  PHE A C   1 
ATOM   751 O O   . PHE A 1 98  ? -5.197  6.701   7.148   1.00 13.15  ? 98  PHE A O   1 
ATOM   752 C CB  . PHE A 1 98  ? -5.415  3.505   6.605   1.00 11.04  ? 98  PHE A CB  1 
ATOM   753 C CG  . PHE A 1 98  ? -4.889  3.632   8.009   1.00 8.42   ? 98  PHE A CG  1 
ATOM   754 C CD1 . PHE A 1 98  ? -3.543  3.433   8.287   1.00 17.55  ? 98  PHE A CD1 1 
ATOM   755 C CD2 . PHE A 1 98  ? -5.745  3.932   9.059   1.00 8.38   ? 98  PHE A CD2 1 
ATOM   756 C CE1 . PHE A 1 98  ? -3.058  3.528   9.594   1.00 19.53  ? 98  PHE A CE1 1 
ATOM   757 C CE2 . PHE A 1 98  ? -5.268  4.030   10.369  1.00 16.92  ? 98  PHE A CE2 1 
ATOM   758 C CZ  . PHE A 1 98  ? -3.922  3.826   10.635  1.00 14.56  ? 98  PHE A CZ  1 
ATOM   759 N N   . GLU A 1 99  ? -7.060  6.306   5.931   1.00 20.09  ? 99  GLU A N   1 
ATOM   760 C CA  . GLU A 1 99  ? -7.780  7.471   6.429   1.00 25.43  ? 99  GLU A CA  1 
ATOM   761 C C   . GLU A 1 99  ? -9.142  7.099   7.031   1.00 23.21  ? 99  GLU A C   1 
ATOM   762 O O   . GLU A 1 99  ? -9.865  6.253   6.497   1.00 26.06  ? 99  GLU A O   1 
ATOM   763 C CB  . GLU A 1 99  ? -7.946  8.488   5.293   1.00 29.18  ? 99  GLU A CB  1 
ATOM   764 C CG  . GLU A 1 99  ? -6.598  8.911   4.686   1.00 58.89  ? 99  GLU A CG  1 
ATOM   765 C CD  . GLU A 1 99  ? -6.718  9.818   3.462   1.00 67.20  ? 99  GLU A CD  1 
ATOM   766 O OE1 . GLU A 1 99  ? -7.451  9.452   2.517   1.00 76.96  ? 99  GLU A OE1 1 
ATOM   767 O OE2 . GLU A 1 99  ? -6.065  10.889  3.442   1.00 64.73  ? 99  GLU A OE2 1 
ATOM   768 N N   . ILE A 1 100 ? -9.463  7.733   8.161   1.00 19.56  ? 100 ILE A N   1 
ATOM   769 C CA  . ILE A 1 100 ? -10.716 7.531   8.887   1.00 15.74  ? 100 ILE A CA  1 
ATOM   770 C C   . ILE A 1 100 ? -11.482 8.850   9.021   1.00 21.56  ? 100 ILE A C   1 
ATOM   771 O O   . ILE A 1 100 ? -12.623 8.977   8.564   1.00 19.61  ? 100 ILE A O   1 
ATOM   772 C CB  . ILE A 1 100 ? -10.480 7.072   10.329  1.00 11.73  ? 100 ILE A CB  1 
ATOM   773 C CG1 . ILE A 1 100 ? -9.716  5.754   10.370  1.00 18.38  ? 100 ILE A CG1 1 
ATOM   774 C CG2 . ILE A 1 100 ? -11.808 6.936   11.030  1.00 13.37  ? 100 ILE A CG2 1 
ATOM   775 C CD1 . ILE A 1 100 ? -9.265  5.366   11.779  1.00 9.29   ? 100 ILE A CD1 1 
ATOM   776 N N   . SER A 1 101 ? -10.827 9.825   9.655   1.00 25.53  ? 101 SER A N   1 
ATOM   777 C CA  . SER A 1 101 ? -11.433 11.120  9.924   1.00 33.93  ? 101 SER A CA  1 
ATOM   778 C C   . SER A 1 101 ? -10.446 12.307  10.110  1.00 31.08  ? 101 SER A C   1 
ATOM   779 O O   . SER A 1 101 ? -9.726  12.401  11.109  1.00 30.40  ? 101 SER A O   1 
ATOM   780 C CB  . SER A 1 101 ? -12.360 10.925  11.153  1.00 41.39  ? 101 SER A CB  1 
ATOM   781 O OG  . SER A 1 101 ? -13.053 12.083  11.596  1.00 60.05  ? 101 SER A OG  1 
ATOM   782 N N   . ASP A 1 102 ? -10.440 13.173  9.089   1.00 35.12  ? 102 ASP A N   1 
ATOM   783 C CA  . ASP A 1 102 ? -9.680  14.438  8.951   1.00 42.95  ? 102 ASP A CA  1 
ATOM   784 C C   . ASP A 1 102 ? -8.327  14.642  9.658   1.00 38.49  ? 102 ASP A C   1 
ATOM   785 O O   . ASP A 1 102 ? -7.511  15.491  9.262   1.00 41.77  ? 102 ASP A O   1 
ATOM   786 C CB  . ASP A 1 102 ? -10.614 15.605  9.335   1.00 51.81  ? 102 ASP A CB  1 
ATOM   787 C CG  . ASP A 1 102 ? -12.079 15.365  8.919   1.00 59.97  ? 102 ASP A CG  1 
ATOM   788 O OD1 . ASP A 1 102 ? -12.365 15.092  7.728   1.00 63.52  ? 102 ASP A OD1 1 
ATOM   789 O OD2 . ASP A 1 102 ? -12.953 15.463  9.807   1.00 73.31  ? 102 ASP A OD2 1 
ATOM   790 N N   . SER A 1 103 ? -8.099  13.875  10.707  1.00 34.98  ? 103 SER A N   1 
ATOM   791 C CA  . SER A 1 103 ? -6.898  13.974  11.506  1.00 26.86  ? 103 SER A CA  1 
ATOM   792 C C   . SER A 1 103 ? -6.569  12.565  11.899  1.00 22.89  ? 103 SER A C   1 
ATOM   793 O O   . SER A 1 103 ? -5.460  12.245  12.320  1.00 21.89  ? 103 SER A O   1 
ATOM   794 C CB  . SER A 1 103 ? -7.214  14.788  12.745  1.00 25.91  ? 103 SER A CB  1 
ATOM   795 O OG  . SER A 1 103 ? -8.585  14.609  13.063  1.00 25.26  ? 103 SER A OG  1 
ATOM   796 N N   . ASN A 1 104 ? -7.570  11.718  11.767  1.00 18.48  ? 104 ASN A N   1 
ATOM   797 C CA  . ASN A 1 104 ? -7.401  10.336  12.105  1.00 11.90  ? 104 ASN A CA  1 
ATOM   798 C C   . ASN A 1 104 ? -6.974  9.665   10.839  1.00 12.94  ? 104 ASN A C   1 
ATOM   799 O O   . ASN A 1 104 ? -7.535  8.657   10.427  1.00 11.46  ? 104 ASN A O   1 
ATOM   800 C CB  . ASN A 1 104 ? -8.697  9.744   12.623  1.00 9.91   ? 104 ASN A CB  1 
ATOM   801 C CG  . ASN A 1 104 ? -8.961  10.115  14.064  1.00 15.63  ? 104 ASN A CG  1 
ATOM   802 O OD1 . ASN A 1 104 ? -8.031  10.327  14.857  1.00 8.30   ? 104 ASN A OD1 1 
ATOM   803 N ND2 . ASN A 1 104 ? -10.239 10.171  14.423  1.00 22.85  ? 104 ASN A ND2 1 
ATOM   804 N N   . ARG A 1 105 ? -5.994  10.286  10.206  1.00 8.58   ? 105 ARG A N   1 
ATOM   805 C CA  . ARG A 1 105 ? -5.426  9.774   8.997   1.00 9.22   ? 105 ARG A CA  1 
ATOM   806 C C   . ARG A 1 105 ? -3.970  9.518   9.354   1.00 8.43   ? 105 ARG A C   1 
ATOM   807 O O   . ARG A 1 105 ? -3.400  10.199  10.202  1.00 8.17   ? 105 ARG A O   1 
ATOM   808 C CB  . ARG A 1 105 ? -5.595  10.786  7.857   1.00 14.01  ? 105 ARG A CB  1 
ATOM   809 C CG  . ARG A 1 105 ? -5.231  12.214  8.173   1.00 43.40  ? 105 ARG A CG  1 
ATOM   810 C CD  . ARG A 1 105 ? -5.456  13.091  6.939   1.00 66.00  ? 105 ARG A CD  1 
ATOM   811 N NE  . ARG A 1 105 ? -4.757  12.563  5.764   1.00 84.76  ? 105 ARG A NE  1 
ATOM   812 C CZ  . ARG A 1 105 ? -4.736  13.138  4.561   1.00 98.00  ? 105 ARG A CZ  1 
ATOM   813 N NH1 . ARG A 1 105 ? -4.067  12.567  3.565   1.00 101.85 ? 105 ARG A NH1 1 
ATOM   814 N NH2 . ARG A 1 105 ? -5.380  14.279  4.344   1.00 105.58 ? 105 ARG A NH2 1 
ATOM   815 N N   . TRP A 1 106 ? -3.382  8.511   8.726   1.00 11.67  ? 106 TRP A N   1 
ATOM   816 C CA  . TRP A 1 106 ? -2.010  8.144   9.020   1.00 14.62  ? 106 TRP A CA  1 
ATOM   817 C C   . TRP A 1 106 ? -1.233  7.593   7.826   1.00 15.10  ? 106 TRP A C   1 
ATOM   818 O O   . TRP A 1 106 ? -1.739  6.759   7.077   1.00 19.99  ? 106 TRP A O   1 
ATOM   819 C CB  . TRP A 1 106 ? -2.021  7.112   10.139  1.00 15.93  ? 106 TRP A CB  1 
ATOM   820 C CG  . TRP A 1 106 ? -0.676  6.728   10.596  1.00 24.23  ? 106 TRP A CG  1 
ATOM   821 C CD1 . TRP A 1 106 ? 0.122   5.746   10.085  1.00 26.86  ? 106 TRP A CD1 1 
ATOM   822 C CD2 . TRP A 1 106 ? 0.071   7.359   11.633  1.00 27.67  ? 106 TRP A CD2 1 
ATOM   823 N NE1 . TRP A 1 106 ? 1.326   5.730   10.742  1.00 29.70  ? 106 TRP A NE1 1 
ATOM   824 C CE2 . TRP A 1 106 ? 1.320   6.715   11.697  1.00 33.58  ? 106 TRP A CE2 1 
ATOM   825 C CE3 . TRP A 1 106 ? -0.194  8.415   12.515  1.00 27.30  ? 106 TRP A CE3 1 
ATOM   826 C CZ2 . TRP A 1 106 ? 2.306   7.090   12.615  1.00 37.70  ? 106 TRP A CZ2 1 
ATOM   827 C CZ3 . TRP A 1 106 ? 0.780   8.786   13.422  1.00 30.59  ? 106 TRP A CZ3 1 
ATOM   828 C CH2 . TRP A 1 106 ? 2.017   8.127   13.465  1.00 31.86  ? 106 TRP A CH2 1 
ATOM   829 N N   . LEU A 1 107 ? 0.007   8.048   7.665   1.00 13.24  ? 107 LEU A N   1 
ATOM   830 C CA  . LEU A 1 107 ? 0.850   7.582   6.574   1.00 8.35   ? 107 LEU A CA  1 
ATOM   831 C C   . LEU A 1 107 ? 2.119   6.965   7.101   1.00 9.88   ? 107 LEU A C   1 
ATOM   832 O O   . LEU A 1 107 ? 2.870   7.619   7.822   1.00 8.22   ? 107 LEU A O   1 
ATOM   833 C CB  . LEU A 1 107 ? 1.240   8.725   5.658   1.00 8.32   ? 107 LEU A CB  1 
ATOM   834 C CG  . LEU A 1 107 ? 2.155   8.234   4.545   1.00 8.26   ? 107 LEU A CG  1 
ATOM   835 C CD1 . LEU A 1 107 ? 1.443   7.167   3.733   1.00 15.47  ? 107 LEU A CD1 1 
ATOM   836 C CD2 . LEU A 1 107 ? 2.549   9.389   3.671   1.00 13.80  ? 107 LEU A CD2 1 
ATOM   837 N N   . ASP A 1 108 ? 2.369   5.717   6.721   1.00 12.25  ? 108 ASP A N   1 
ATOM   838 C CA  . ASP A 1 108 ? 3.559   5.013   7.176   1.00 15.23  ? 108 ASP A CA  1 
ATOM   839 C C   . ASP A 1 108 ? 4.843   5.672   6.685   1.00 18.22  ? 108 ASP A C   1 
ATOM   840 O O   . ASP A 1 108 ? 5.085   5.773   5.483   1.00 20.92  ? 108 ASP A O   1 
ATOM   841 C CB  . ASP A 1 108 ? 3.523   3.563   6.710   1.00 18.96  ? 108 ASP A CB  1 
ATOM   842 C CG  . ASP A 1 108 ? 4.654   2.747   7.290   1.00 31.80  ? 108 ASP A CG  1 
ATOM   843 O OD1 . ASP A 1 108 ? 4.832   2.797   8.523   1.00 37.61  ? 108 ASP A OD1 1 
ATOM   844 O OD2 . ASP A 1 108 ? 5.361   2.055   6.524   1.00 38.30  ? 108 ASP A OD2 1 
ATOM   845 N N   . VAL A 1 109 ? 5.668   6.121   7.622   1.00 19.51  ? 109 VAL A N   1 
ATOM   846 C CA  . VAL A 1 109 ? 6.929   6.759   7.275   1.00 27.29  ? 109 VAL A CA  1 
ATOM   847 C C   . VAL A 1 109 ? 7.942   5.734   6.748   1.00 29.00  ? 109 VAL A C   1 
ATOM   848 O O   . VAL A 1 109 ? 8.701   6.026   5.820   1.00 32.85  ? 109 VAL A O   1 
ATOM   849 C CB  . VAL A 1 109 ? 7.530   7.500   8.499   1.00 27.07  ? 109 VAL A CB  1 
ATOM   850 C CG1 . VAL A 1 109 ? 7.926   6.510   9.568   1.00 33.09  ? 109 VAL A CG1 1 
ATOM   851 C CG2 . VAL A 1 109 ? 8.732   8.327   8.074   1.00 30.08  ? 109 VAL A CG2 1 
ATOM   852 N N   . LYS A 1 110 ? 7.930   4.536   7.332   1.00 28.04  ? 110 LYS A N   1 
ATOM   853 C CA  . LYS A 1 110 ? 8.842   3.455   6.954   1.00 27.72  ? 110 LYS A CA  1 
ATOM   854 C C   . LYS A 1 110 ? 8.807   3.048   5.484   1.00 24.99  ? 110 LYS A C   1 
ATOM   855 O O   . LYS A 1 110 ? 9.766   3.247   4.750   1.00 20.12  ? 110 LYS A O   1 
ATOM   856 C CB  . LYS A 1 110 ? 8.563   2.209   7.801   1.00 39.36  ? 110 LYS A CB  1 
ATOM   857 C CG  . LYS A 1 110 ? 8.854   2.360   9.286   1.00 47.14  ? 110 LYS A CG  1 
ATOM   858 C CD  . LYS A 1 110 ? 8.601   1.051   10.034  1.00 48.00  ? 110 LYS A CD  1 
ATOM   859 C CE  . LYS A 1 110 ? 8.923   1.186   11.512  1.00 53.44  ? 110 LYS A CE  1 
ATOM   860 N NZ  . LYS A 1 110 ? 8.156   2.299   12.140  1.00 59.68  ? 110 LYS A NZ  1 
ATOM   861 N N   . GLY A 1 111 ? 7.707   2.451   5.058   1.00 20.99  ? 111 GLY A N   1 
ATOM   862 C CA  . GLY A 1 111 ? 7.623   2.025   3.682   1.00 18.44  ? 111 GLY A CA  1 
ATOM   863 C C   . GLY A 1 111 ? 8.175   0.622   3.499   1.00 20.67  ? 111 GLY A C   1 
ATOM   864 O O   . GLY A 1 111 ? 8.811   0.053   4.390   1.00 17.81  ? 111 GLY A O   1 
ATOM   865 N N   . THR A 1 112 ? 7.916   0.067   2.324   1.00 21.05  ? 112 THR A N   1 
ATOM   866 C CA  . THR A 1 112 ? 8.359   -1.269  1.964   1.00 22.40  ? 112 THR A CA  1 
ATOM   867 C C   . THR A 1 112 ? 9.052   -1.188  0.617   1.00 22.35  ? 112 THR A C   1 
ATOM   868 O O   . THR A 1 112 ? 8.444   -0.787  -0.380  1.00 18.76  ? 112 THR A O   1 
ATOM   869 C CB  . THR A 1 112 ? 7.166   -2.229  1.842   1.00 25.42  ? 112 THR A CB  1 
ATOM   870 O OG1 . THR A 1 112 ? 6.635   -2.493  3.146   1.00 37.05  ? 112 THR A OG1 1 
ATOM   871 C CG2 . THR A 1 112 ? 7.589   -3.528  1.190   1.00 33.05  ? 112 THR A CG2 1 
ATOM   872 N N   . THR A 1 113 ? 10.322  -1.570  0.584   1.00 22.81  ? 113 THR A N   1 
ATOM   873 C CA  . THR A 1 113 ? 11.054  -1.516  -0.662  1.00 24.09  ? 113 THR A CA  1 
ATOM   874 C C   . THR A 1 113 ? 11.100  -2.831  -1.407  1.00 28.14  ? 113 THR A C   1 
ATOM   875 O O   . THR A 1 113 ? 11.689  -3.828  -0.960  1.00 20.75  ? 113 THR A O   1 
ATOM   876 C CB  . THR A 1 113 ? 12.464  -1.032  -0.458  1.00 20.78  ? 113 THR A CB  1 
ATOM   877 O OG1 . THR A 1 113 ? 12.439  0.157   0.341   1.00 28.45  ? 113 THR A OG1 1 
ATOM   878 C CG2 . THR A 1 113 ? 13.089  -0.711  -1.808  1.00 23.30  ? 113 THR A CG2 1 
ATOM   879 N N   . VAL A 1 114 ? 10.460  -2.796  -2.569  1.00 33.47  ? 114 VAL A N   1 
ATOM   880 C CA  . VAL A 1 114 ? 10.363  -3.935  -3.455  1.00 40.53  ? 114 VAL A CA  1 
ATOM   881 C C   . VAL A 1 114 ? 11.438  -3.843  -4.532  1.00 44.94  ? 114 VAL A C   1 
ATOM   882 O O   . VAL A 1 114 ? 11.636  -2.792  -5.152  1.00 45.19  ? 114 VAL A O   1 
ATOM   883 C CB  . VAL A 1 114 ? 8.973   -3.980  -4.131  1.00 41.53  ? 114 VAL A CB  1 
ATOM   884 C CG1 . VAL A 1 114 ? 8.881   -5.181  -5.056  1.00 46.37  ? 114 VAL A CG1 1 
ATOM   885 C CG2 . VAL A 1 114 ? 7.875   -4.041  -3.071  1.00 38.88  ? 114 VAL A CG2 1 
ATOM   886 N N   . THR A 1 115 ? 12.131  -4.956  -4.744  1.00 50.64  ? 115 THR A N   1 
ATOM   887 C CA  . THR A 1 115 ? 13.189  -5.029  -5.745  1.00 52.83  ? 115 THR A CA  1 
ATOM   888 C C   . THR A 1 115 ? 12.795  -6.063  -6.803  1.00 50.99  ? 115 THR A C   1 
ATOM   889 O O   . THR A 1 115 ? 12.396  -7.171  -6.447  1.00 51.44  ? 115 THR A O   1 
ATOM   890 C CB  . THR A 1 115 ? 14.513  -5.448  -5.090  1.00 54.18  ? 115 THR A CB  1 
ATOM   891 O OG1 . THR A 1 115 ? 14.859  -4.508  -4.062  1.00 52.12  ? 115 THR A OG1 1 
ATOM   892 C CG2 . THR A 1 115 ? 15.618  -5.503  -6.129  1.00 57.92  ? 115 THR A CG2 1 
ATOM   893 N N   . VAL A 1 116 ? 12.900  -5.702  -8.088  1.00 52.21  ? 116 VAL A N   1 
ATOM   894 C CA  . VAL A 1 116 ? 12.539  -6.607  -9.194  1.00 48.17  ? 116 VAL A CA  1 
ATOM   895 C C   . VAL A 1 116 ? 13.691  -7.030  -10.095 1.00 48.42  ? 116 VAL A C   1 
ATOM   896 O O   . VAL A 1 116 ? 14.342  -6.190  -10.726 1.00 39.18  ? 116 VAL A O   1 
ATOM   897 C CB  . VAL A 1 116 ? 11.470  -6.000  -10.119 1.00 47.66  ? 116 VAL A CB  1 
ATOM   898 C CG1 . VAL A 1 116 ? 11.249  -6.923  -11.312 1.00 41.22  ? 116 VAL A CG1 1 
ATOM   899 C CG2 . VAL A 1 116 ? 10.171  -5.799  -9.361  1.00 50.69  ? 116 VAL A CG2 1 
ATOM   900 N N   . THR A 1 117 ? 13.896  -8.346  -10.174 1.00 54.82  ? 117 THR A N   1 
ATOM   901 C CA  . THR A 1 117 ? 14.966  -8.941  -10.982 1.00 64.84  ? 117 THR A CA  1 
ATOM   902 C C   . THR A 1 117 ? 14.487  -10.045 -11.917 1.00 68.21  ? 117 THR A C   1 
ATOM   903 O O   . THR A 1 117 ? 13.330  -10.467 -11.872 1.00 66.92  ? 117 THR A O   1 
ATOM   904 C CB  . THR A 1 117 ? 16.081  -9.569  -10.102 1.00 63.46  ? 117 THR A CB  1 
ATOM   905 O OG1 . THR A 1 117 ? 15.526  -10.624 -9.301  1.00 56.04  ? 117 THR A OG1 1 
ATOM   906 C CG2 . THR A 1 117 ? 16.728  -8.514  -9.211  1.00 62.98  ? 117 THR A CG2 1 
ATOM   907 N N   . THR A 1 118 ? 15.412  -10.519 -12.748 1.00 74.18  ? 118 THR A N   1 
ATOM   908 C CA  . THR A 1 118 ? 15.143  -11.583 -13.704 1.00 79.89  ? 118 THR A CA  1 
ATOM   909 C C   . THR A 1 118 ? 16.108  -12.743 -13.457 1.00 82.78  ? 118 THR A C   1 
ATOM   910 O O   . THR A 1 118 ? 15.646  -13.904 -13.372 1.00 84.68  ? 118 THR A O   1 
ATOM   911 C CB  . THR A 1 118 ? 15.315  -11.079 -15.148 1.00 80.78  ? 118 THR A CB  1 
ATOM   912 O OG1 . THR A 1 118 ? 14.479  -9.935  -15.357 1.00 84.36  ? 118 THR A OG1 1 
ATOM   913 C CG2 . THR A 1 118 ? 14.932  -12.166 -16.139 1.00 77.99  ? 118 THR A CG2 1 
ATOM   914 N N   . ASP A 1 119 ? 17.324  -12.473 -13.352 1.00 82.98  ? 119 ASP A N   1 
HETATM 915 C CX1 . BDU B 2 .   ? -1.534  13.837  8.023   1.00 28.11  ? 201 BDU A CX1 1 
HETATM 916 O O1A . BDU B 2 .   ? -2.460  14.422  7.414   1.00 37.72  ? 201 BDU A O1A 1 
HETATM 917 O O1B . BDU B 2 .   ? -1.088  12.695  7.709   1.00 21.42  ? 201 BDU A O1B 1 
HETATM 918 C CX2 . BDU B 2 .   ? -0.979  14.519  9.263   1.00 26.43  ? 201 BDU A CX2 1 
HETATM 919 O OX2 . BDU B 2 .   ? -0.196  15.573  8.747   1.00 15.10  ? 201 BDU A OX2 1 
HETATM 920 C CX3 . BDU B 2 .   ? -2.035  15.117  10.176  1.00 26.25  ? 201 BDU A CX3 1 
HETATM 921 C CX4 . BDU B 2 .   ? -2.729  13.952  10.900  1.00 16.72  ? 201 BDU A CX4 1 
HETATM 922 O OX4 . BDU B 2 .   ? -3.676  14.445  11.820  1.00 22.01  ? 201 BDU A OX4 1 
HETATM 923 C CX5 . BDU B 2 .   ? -1.725  13.034  11.646  1.00 12.12  ? 201 BDU A CX5 1 
HETATM 924 N NX5 . BDU B 2 .   ? -2.502  11.980  12.277  1.00 21.71  ? 201 BDU A NX5 1 
HETATM 925 C C10 . BDU B 2 .   ? -2.450  11.813  13.609  1.00 25.38  ? 201 BDU A C10 1 
HETATM 926 O O10 . BDU B 2 .   ? -1.675  12.450  14.363  1.00 25.65  ? 201 BDU A O10 1 
HETATM 927 C C11 . BDU B 2 .   ? -3.377  10.788  14.222  1.00 20.03  ? 201 BDU A C11 1 
HETATM 928 C CX6 . BDU B 2 .   ? -0.715  12.516  10.602  1.00 13.91  ? 201 BDU A CX6 1 
HETATM 929 O OX6 . BDU B 2 .   ? -0.044  13.657  9.944   1.00 21.08  ? 201 BDU A OX6 1 
HETATM 930 C CX7 . BDU B 2 .   ? 0.317   11.510  11.048  1.00 12.00  ? 201 BDU A CX7 1 
HETATM 931 O OX7 . BDU B 2 .   ? 1.090   12.067  12.080  1.00 17.93  ? 201 BDU A OX7 1 
HETATM 932 C CX8 . BDU B 2 .   ? 1.294   11.164  9.929   1.00 13.46  ? 201 BDU A CX8 1 
HETATM 933 O OX8 . BDU B 2 .   ? 0.664   10.625  8.762   1.00 19.14  ? 201 BDU A OX8 1 
HETATM 934 C CX9 . BDU B 2 .   ? 2.357   10.208  10.530  1.00 15.92  ? 201 BDU A CX9 1 
HETATM 935 N NX6 . BDU B 2 .   ? 3.439   9.902   9.588   1.00 19.84  ? 201 BDU A NX6 1 
HETATM 936 C C12 . BDU B 2 .   ? 4.483   10.710  9.319   1.00 10.97  ? 201 BDU A C12 1 
HETATM 937 O O12 . BDU B 2 .   ? 4.834   11.575  10.106  1.00 20.24  ? 201 BDU A O12 1 
HETATM 938 C C1G . BDU B 2 .   ? 5.264   10.612  8.061   1.00 13.03  ? 201 BDU A C1G 1 
HETATM 939 C CD1 . BDU B 2 .   ? 5.000   9.586   7.161   1.00 19.58  ? 201 BDU A CD1 1 
HETATM 940 C CE1 . BDU B 2 .   ? 5.698   9.477   5.979   1.00 11.94  ? 201 BDU A CE1 1 
HETATM 941 C CD2 . BDU B 2 .   ? 6.259   11.537  7.748   1.00 14.58  ? 201 BDU A CD2 1 
HETATM 942 C CE2 . BDU B 2 .   ? 6.972   11.438  6.556   1.00 18.46  ? 201 BDU A CE2 1 
HETATM 943 C C1Z . BDU B 2 .   ? 6.682   10.400  5.677   1.00 13.84  ? 201 BDU A C1Z 1 
HETATM 944 C C2G . BDU B 2 .   ? 7.472   10.224  4.423   1.00 20.32  ? 201 BDU A C2G 1 
HETATM 945 C CY1 . BDU B 2 .   ? 7.554   8.966   3.817   1.00 28.69  ? 201 BDU A CY1 1 
HETATM 946 C CY2 . BDU B 2 .   ? 8.115   11.306  3.830   1.00 20.76  ? 201 BDU A CY2 1 
HETATM 947 C CG1 . BDU B 2 .   ? 8.264   8.788   2.635   1.00 24.32  ? 201 BDU A CG1 1 
HETATM 948 C CG2 . BDU B 2 .   ? 8.829   11.142  2.642   1.00 25.45  ? 201 BDU A CG2 1 
HETATM 949 C C2Z . BDU B 2 .   ? 8.904   9.879   2.043   1.00 26.93  ? 201 BDU A C2Z 1 
# 
